data_4IKP
#
_entry.id   4IKP
#
_cell.length_a   75.060
_cell.length_b   98.844
_cell.length_c   206.628
_cell.angle_alpha   90.00
_cell.angle_beta   90.00
_cell.angle_gamma   90.00
#
_symmetry.space_group_name_H-M   'P 21 21 2'
#
loop_
_entity.id
_entity.type
_entity.pdbx_description
1 polymer 'Histone-arginine methyltransferase CARM1'
2 non-polymer '(2S,5S)-2,6-diamino-5-{[(2R,3S,4R,5R)-5-(6-amino-9H-purin-9-yl)-3,4-dihydroxytetrahydrofuran-2-yl]methyl}hexanoic acid'
3 non-polymer GLYCEROL
4 non-polymer 'UNKNOWN ATOM OR ION'
5 water water
#
_entity_poly.entity_id   1
_entity_poly.type   'polypeptide(L)'
_entity_poly.pdbx_seq_one_letter_code
;RTEESSAVQYFQFYGYLSQQQNMMQDYVRTGTYQRAILQNHTDFKDKIVLDVGCGSGILSFFAAQAGARKIYAVEASTMA
QHAEVLVKSNNLTDRIVVIPGKVEEVSLPEQVDIIISEPMGYMLFNERMLESYLHAKKYLKPSGNMFPTIGDVHLAPFTD
EQLYMEQFTKANFWYQPSFHGVDLSALRGAAVDEYFRQPVVDTFDIRILMAKSVKYTVNFLEAKEGDLHRIEIPFKFHML
HSGLVHGLAFWFDVAFIGSIMTVWLSTAPTEPLTHWYQVRCLFQSPLFAKAGDTLSGTCLLIANKRQSYDISIVAQVDQT
GSKSSNLLDLKNPFFRYTGTT
;
_entity_poly.pdbx_strand_id   A,B,C,D
#
loop_
_chem_comp.id
_chem_comp.type
_chem_comp.name
_chem_comp.formula
GOL non-polymer GLYCEROL 'C3 H8 O3'
UNX non-polymer 'UNKNOWN ATOM OR ION' ?
#
# COMPACT_ATOMS: atom_id res chain seq x y z
N GLU A 4 -27.30 23.58 12.72
CA GLU A 4 -28.35 24.10 13.65
C GLU A 4 -28.03 23.79 15.10
N SER A 5 -28.24 22.53 15.50
CA SER A 5 -27.87 22.05 16.83
C SER A 5 -26.36 21.77 16.92
N SER A 6 -25.67 21.95 15.79
CA SER A 6 -24.22 21.83 15.71
C SER A 6 -23.54 22.93 16.53
N ALA A 7 -24.21 24.08 16.63
CA ALA A 7 -23.72 25.22 17.41
C ALA A 7 -23.72 24.94 18.92
N VAL A 8 -24.73 24.21 19.38
CA VAL A 8 -24.86 23.80 20.79
C VAL A 8 -23.63 23.01 21.24
N GLN A 9 -23.28 21.98 20.47
CA GLN A 9 -22.10 21.14 20.75
C GLN A 9 -20.79 21.93 20.68
N TYR A 10 -20.74 22.91 19.78
CA TYR A 10 -19.56 23.76 19.64
C TYR A 10 -19.30 24.54 20.94
N PHE A 11 -20.34 25.18 21.47
CA PHE A 11 -20.19 25.96 22.70
C PHE A 11 -20.05 25.12 23.96
N GLN A 12 -20.60 23.90 23.95
CA GLN A 12 -20.42 22.96 25.06
C GLN A 12 -18.95 22.59 25.21
N PHE A 13 -18.30 22.30 24.09
CA PHE A 13 -16.88 21.99 24.05
C PHE A 13 -16.07 23.04 24.81
N TYR A 14 -16.36 24.31 24.56
CA TYR A 14 -15.63 25.41 25.20
C TYR A 14 -16.01 25.69 26.66
N GLY A 15 -17.04 25.02 27.14
CA GLY A 15 -17.50 25.17 28.52
C GLY A 15 -16.66 24.44 29.55
N TYR A 16 -15.84 23.50 29.11
CA TYR A 16 -15.05 22.67 30.01
C TYR A 16 -13.71 23.29 30.39
N LEU A 17 -13.43 23.33 31.69
CA LEU A 17 -12.14 23.81 32.16
C LEU A 17 -10.99 22.94 31.65
N SER A 18 -11.24 21.64 31.49
CA SER A 18 -10.25 20.74 30.87
C SER A 18 -9.75 21.24 29.51
N GLN A 19 -10.65 21.77 28.68
CA GLN A 19 -10.27 22.35 27.38
C GLN A 19 -9.48 23.64 27.51
N GLN A 20 -9.91 24.52 28.40
CA GLN A 20 -9.20 25.76 28.68
C GLN A 20 -7.76 25.52 29.16
N GLN A 21 -7.58 24.51 29.97
CA GLN A 21 -6.24 24.16 30.44
C GLN A 21 -5.31 23.82 29.28
N ASN A 22 -5.78 23.01 28.34
N ASN A 22 -5.78 23.00 28.35
CA ASN A 22 -4.99 22.65 27.17
CA ASN A 22 -4.99 22.64 27.16
C ASN A 22 -4.63 23.88 26.36
C ASN A 22 -4.64 23.87 26.33
N MET A 23 -5.63 24.73 26.12
CA MET A 23 -5.45 25.99 25.38
C MET A 23 -4.43 26.90 26.06
N MET A 24 -4.59 27.08 27.37
CA MET A 24 -3.72 27.99 28.12
C MET A 24 -2.29 27.51 28.18
N GLN A 25 -2.10 26.19 28.08
CA GLN A 25 -0.78 25.57 28.13
C GLN A 25 -0.01 25.62 26.81
N ASP A 26 -0.62 26.18 25.77
CA ASP A 26 0.12 26.54 24.56
C ASP A 26 0.87 27.82 24.93
N TYR A 27 2.11 27.66 25.36
CA TYR A 27 2.90 28.79 25.87
C TYR A 27 3.30 29.77 24.76
N VAL A 28 3.47 29.26 23.54
CA VAL A 28 3.76 30.11 22.38
C VAL A 28 2.55 31.01 22.09
N ARG A 29 1.36 30.41 22.08
CA ARG A 29 0.12 31.16 21.91
C ARG A 29 -0.05 32.20 23.00
N THR A 30 -0.06 31.77 24.27
CA THR A 30 -0.34 32.67 25.38
C THR A 30 0.72 33.78 25.52
N GLY A 31 1.98 33.38 25.41
CA GLY A 31 3.10 34.31 25.50
C GLY A 31 3.14 35.36 24.38
N THR A 32 2.85 34.94 23.15
CA THR A 32 2.83 35.87 22.02
C THR A 32 1.69 36.88 22.10
N TYR A 33 0.51 36.40 22.51
CA TYR A 33 -0.60 37.32 22.77
C TYR A 33 -0.24 38.35 23.81
N GLN A 34 0.35 37.89 24.92
CA GLN A 34 0.71 38.81 25.99
C GLN A 34 1.72 39.86 25.51
N ARG A 35 2.74 39.41 24.77
N ARG A 35 2.75 39.41 24.77
CA ARG A 35 3.75 40.28 24.19
CA ARG A 35 3.76 40.29 24.20
C ARG A 35 3.16 41.29 23.21
C ARG A 35 3.18 41.29 23.19
N ALA A 36 2.32 40.81 22.29
CA ALA A 36 1.60 41.67 21.34
C ALA A 36 0.82 42.80 22.02
N ILE A 37 0.16 42.47 23.11
CA ILE A 37 -0.66 43.42 23.87
C ILE A 37 0.20 44.36 24.74
N LEU A 38 1.11 43.81 25.52
CA LEU A 38 1.93 44.64 26.41
C LEU A 38 2.92 45.56 25.68
N GLN A 39 3.53 45.08 24.60
CA GLN A 39 4.49 45.89 23.87
C GLN A 39 3.81 46.95 23.00
N ASN A 40 2.48 46.84 22.91
CA ASN A 40 1.65 47.84 22.29
C ASN A 40 0.73 48.50 23.32
N HIS A 41 1.29 48.78 24.48
CA HIS A 41 0.49 49.27 25.60
C HIS A 41 -0.23 50.59 25.29
N THR A 42 0.38 51.45 24.47
CA THR A 42 -0.25 52.72 24.10
C THR A 42 -1.56 52.50 23.33
N ASP A 43 -1.65 51.39 22.60
CA ASP A 43 -2.91 50.99 21.97
C ASP A 43 -3.98 50.54 22.99
N PHE A 44 -3.61 50.42 24.25
CA PHE A 44 -4.54 49.95 25.27
C PHE A 44 -4.77 50.96 26.41
N LYS A 45 -3.73 51.72 26.73
CA LYS A 45 -3.76 52.64 27.87
C LYS A 45 -4.97 53.58 27.83
N ASP A 46 -5.80 53.48 28.86
CA ASP A 46 -7.03 54.26 29.02
C ASP A 46 -8.04 54.06 27.90
N LYS A 47 -7.95 52.94 27.18
CA LYS A 47 -8.84 52.66 26.06
C LYS A 47 -9.99 51.70 26.41
N ILE A 48 -11.00 51.65 25.53
CA ILE A 48 -12.12 50.73 25.66
C ILE A 48 -11.86 49.52 24.76
N VAL A 49 -11.96 48.33 25.34
CA VAL A 49 -11.59 47.08 24.66
C VAL A 49 -12.75 46.10 24.57
N LEU A 50 -12.85 45.44 23.42
CA LEU A 50 -13.74 44.30 23.29
C LEU A 50 -12.93 43.01 23.09
N ASP A 51 -13.20 42.01 23.93
CA ASP A 51 -12.58 40.69 23.83
C ASP A 51 -13.65 39.73 23.34
N VAL A 52 -13.48 39.25 22.10
CA VAL A 52 -14.49 38.42 21.43
C VAL A 52 -14.22 36.94 21.70
N GLY A 53 -15.12 36.31 22.44
CA GLY A 53 -14.91 34.93 22.87
C GLY A 53 -13.79 34.88 23.89
N CYS A 54 -14.02 35.45 25.06
CA CYS A 54 -12.97 35.62 26.07
C CYS A 54 -12.53 34.31 26.77
N GLY A 55 -13.32 33.26 26.65
CA GLY A 55 -13.05 32.00 27.39
C GLY A 55 -12.82 32.26 28.87
N SER A 56 -11.66 31.88 29.37
CA SER A 56 -11.30 32.04 30.78
C SER A 56 -11.05 33.49 31.15
N GLY A 57 -10.84 34.34 30.14
CA GLY A 57 -10.66 35.77 30.33
C GLY A 57 -9.23 36.23 30.09
N ILE A 58 -8.33 35.30 29.76
CA ILE A 58 -6.90 35.56 29.72
C ILE A 58 -6.48 36.81 28.87
N LEU A 59 -7.09 37.00 27.70
CA LEU A 59 -6.73 38.18 26.88
C LEU A 59 -7.23 39.47 27.51
N SER A 60 -8.36 39.39 28.22
CA SER A 60 -8.87 40.55 28.92
C SER A 60 -7.97 40.93 30.08
N PHE A 61 -7.40 39.94 30.76
CA PHE A 61 -6.41 40.26 31.78
C PHE A 61 -5.18 40.93 31.17
N PHE A 62 -4.77 40.52 29.97
CA PHE A 62 -3.63 41.15 29.33
C PHE A 62 -3.95 42.62 29.01
N ALA A 63 -5.13 42.84 28.44
CA ALA A 63 -5.65 44.20 28.17
C ALA A 63 -5.62 45.08 29.42
N ALA A 64 -6.04 44.52 30.55
CA ALA A 64 -6.00 45.23 31.83
C ALA A 64 -4.56 45.51 32.27
N GLN A 65 -3.68 44.54 32.06
CA GLN A 65 -2.25 44.73 32.37
C GLN A 65 -1.70 45.90 31.54
N ALA A 66 -2.14 46.02 30.30
CA ALA A 66 -1.69 47.10 29.39
C ALA A 66 -2.37 48.47 29.66
N GLY A 67 -3.17 48.54 30.72
CA GLY A 67 -3.76 49.79 31.19
C GLY A 67 -5.09 50.21 30.58
N ALA A 68 -5.82 49.26 29.99
CA ALA A 68 -7.14 49.54 29.42
C ALA A 68 -8.11 50.05 30.49
N ARG A 69 -8.89 51.07 30.14
CA ARG A 69 -9.90 51.61 31.07
C ARG A 69 -11.05 50.65 31.35
N LYS A 70 -11.56 50.00 30.30
CA LYS A 70 -12.70 49.11 30.43
C LYS A 70 -12.63 48.05 29.34
N ILE A 71 -12.88 46.80 29.71
CA ILE A 71 -12.82 45.68 28.78
C ILE A 71 -14.13 44.91 28.85
N TYR A 72 -14.80 44.80 27.69
CA TYR A 72 -16.00 44.00 27.59
C TYR A 72 -15.58 42.63 27.10
N ALA A 73 -15.76 41.63 27.96
CA ALA A 73 -15.30 40.28 27.68
C ALA A 73 -16.51 39.43 27.36
N VAL A 74 -16.71 39.16 26.08
CA VAL A 74 -17.92 38.50 25.61
C VAL A 74 -17.67 37.01 25.40
N GLU A 75 -18.50 36.18 26.00
CA GLU A 75 -18.28 34.73 25.92
C GLU A 75 -19.63 34.01 25.85
N ALA A 76 -19.79 33.11 24.88
CA ALA A 76 -21.08 32.47 24.66
C ALA A 76 -21.25 31.13 25.38
N SER A 77 -20.16 30.47 25.77
CA SER A 77 -20.26 29.22 26.55
C SER A 77 -20.41 29.50 28.04
N THR A 78 -20.63 28.45 28.83
CA THR A 78 -20.68 28.56 30.29
C THR A 78 -19.30 28.85 30.91
N MET A 79 -18.26 28.90 30.07
CA MET A 79 -16.96 29.43 30.51
C MET A 79 -17.11 30.86 31.02
N ALA A 80 -18.16 31.56 30.57
CA ALA A 80 -18.46 32.91 31.08
C ALA A 80 -18.51 32.97 32.60
N GLN A 81 -19.10 31.94 33.23
CA GLN A 81 -19.21 31.90 34.69
CA GLN A 81 -19.21 31.87 34.70
C GLN A 81 -17.84 31.79 35.37
N HIS A 82 -16.94 31.02 34.77
CA HIS A 82 -15.61 30.84 35.31
C HIS A 82 -14.77 32.11 35.11
N ALA A 83 -14.96 32.76 33.97
CA ALA A 83 -14.31 34.05 33.73
C ALA A 83 -14.66 35.06 34.84
N GLU A 84 -15.94 35.23 35.15
CA GLU A 84 -16.37 36.18 36.18
CA GLU A 84 -16.35 36.19 36.17
C GLU A 84 -15.77 35.86 37.56
N VAL A 85 -15.63 34.57 37.87
CA VAL A 85 -14.96 34.14 39.11
C VAL A 85 -13.52 34.68 39.16
N LEU A 86 -12.81 34.54 38.05
CA LEU A 86 -11.44 35.01 37.98
C LEU A 86 -11.39 36.54 38.05
N VAL A 87 -12.36 37.23 37.45
CA VAL A 87 -12.34 38.71 37.49
C VAL A 87 -12.47 39.16 38.94
N LYS A 88 -13.40 38.56 39.67
CA LYS A 88 -13.60 38.86 41.09
C LYS A 88 -12.37 38.52 41.94
N SER A 89 -11.85 37.30 41.79
CA SER A 89 -10.73 36.86 42.60
C SER A 89 -9.46 37.65 42.29
N ASN A 90 -9.36 38.16 41.06
CA ASN A 90 -8.24 39.02 40.71
C ASN A 90 -8.51 40.51 40.90
N ASN A 91 -9.60 40.83 41.58
CA ASN A 91 -9.92 42.23 41.96
C ASN A 91 -9.91 43.19 40.76
N LEU A 92 -10.56 42.78 39.68
CA LEU A 92 -10.63 43.58 38.47
C LEU A 92 -12.09 43.84 38.04
N THR A 93 -13.01 43.84 39.01
CA THR A 93 -14.44 44.06 38.72
C THR A 93 -14.73 45.46 38.17
N ASP A 94 -13.84 46.40 38.47
CA ASP A 94 -13.97 47.79 38.02
C ASP A 94 -13.46 48.03 36.60
N ARG A 95 -12.92 47.00 35.96
CA ARG A 95 -12.28 47.17 34.64
C ARG A 95 -12.68 46.12 33.61
N ILE A 96 -12.83 44.86 34.04
CA ILE A 96 -13.27 43.79 33.13
C ILE A 96 -14.73 43.46 33.40
N VAL A 97 -15.52 43.50 32.33
CA VAL A 97 -16.97 43.27 32.39
C VAL A 97 -17.31 42.09 31.49
N VAL A 98 -17.58 40.95 32.12
CA VAL A 98 -17.93 39.75 31.37
C VAL A 98 -19.38 39.88 30.93
N ILE A 99 -19.61 39.59 29.66
CA ILE A 99 -20.95 39.64 29.08
C ILE A 99 -21.22 38.29 28.46
N PRO A 100 -22.08 37.48 29.10
CA PRO A 100 -22.38 36.15 28.60
C PRO A 100 -23.28 36.24 27.38
N GLY A 101 -22.93 35.49 26.34
CA GLY A 101 -23.73 35.48 25.11
C GLY A 101 -22.87 35.58 23.86
N LYS A 102 -23.52 35.50 22.70
CA LYS A 102 -22.84 35.56 21.42
C LYS A 102 -22.60 37.02 21.05
N VAL A 103 -21.45 37.31 20.44
CA VAL A 103 -21.12 38.71 20.10
C VAL A 103 -22.10 39.31 19.07
N GLU A 104 -22.77 38.45 18.30
CA GLU A 104 -23.79 38.85 17.32
C GLU A 104 -25.12 39.25 17.95
N GLU A 105 -25.26 39.09 19.26
CA GLU A 105 -26.57 39.19 19.89
C GLU A 105 -26.64 40.11 21.09
N VAL A 106 -25.48 40.37 21.70
CA VAL A 106 -25.45 41.12 22.95
C VAL A 106 -25.48 42.62 22.64
N SER A 107 -25.83 43.41 23.65
CA SER A 107 -25.68 44.85 23.56
C SER A 107 -24.42 45.26 24.31
N LEU A 108 -23.65 46.16 23.71
CA LEU A 108 -22.54 46.79 24.40
C LEU A 108 -22.88 48.27 24.62
N PRO A 109 -22.60 48.79 25.83
CA PRO A 109 -23.01 50.16 26.17
C PRO A 109 -22.23 51.25 25.43
N GLU A 110 -21.24 50.84 24.63
CA GLU A 110 -20.18 51.73 24.20
C GLU A 110 -19.51 51.19 22.94
N GLN A 111 -18.96 52.08 22.11
CA GLN A 111 -18.08 51.65 21.02
C GLN A 111 -16.66 51.50 21.58
N VAL A 112 -15.83 50.72 20.90
CA VAL A 112 -14.51 50.38 21.44
C VAL A 112 -13.35 50.83 20.55
N ASP A 113 -12.21 51.08 21.20
CA ASP A 113 -10.98 51.52 20.56
C ASP A 113 -10.26 50.37 19.87
N ILE A 114 -10.43 49.16 20.38
CA ILE A 114 -9.69 48.01 19.86
C ILE A 114 -10.44 46.72 20.18
N ILE A 115 -10.44 45.81 19.21
CA ILE A 115 -10.98 44.48 19.44
C ILE A 115 -9.83 43.48 19.53
N ILE A 116 -9.87 42.61 20.55
CA ILE A 116 -8.93 41.49 20.65
C ILE A 116 -9.68 40.16 20.61
N SER A 117 -9.04 39.14 20.08
CA SER A 117 -9.66 37.82 20.02
C SER A 117 -8.68 36.76 19.61
N GLU A 118 -9.02 35.50 19.88
CA GLU A 118 -8.31 34.38 19.27
C GLU A 118 -9.28 33.60 18.41
N PRO A 119 -9.59 34.12 17.21
CA PRO A 119 -10.60 33.50 16.35
C PRO A 119 -10.06 32.39 15.44
N MET A 120 -8.76 32.13 15.49
CA MET A 120 -8.12 31.20 14.56
C MET A 120 -8.37 29.74 14.93
N GLY A 121 -8.84 28.96 13.96
CA GLY A 121 -8.97 27.52 14.15
C GLY A 121 -7.88 26.84 13.33
N TYR A 122 -7.92 25.51 13.28
CA TYR A 122 -7.02 24.76 12.39
C TYR A 122 -7.11 25.30 10.96
N MET A 123 -5.96 25.49 10.32
CA MET A 123 -5.92 25.98 8.95
C MET A 123 -6.53 27.38 8.93
N LEU A 124 -6.37 28.12 10.02
CA LEU A 124 -6.97 29.44 10.24
C LEU A 124 -8.50 29.46 10.31
N PHE A 125 -9.15 28.87 9.31
CA PHE A 125 -10.58 29.09 9.08
C PHE A 125 -11.54 28.21 9.88
N ASN A 126 -11.08 27.05 10.35
CA ASN A 126 -11.96 26.16 11.09
C ASN A 126 -12.65 26.87 12.26
N GLU A 127 -13.90 26.51 12.50
CA GLU A 127 -14.74 27.04 13.59
C GLU A 127 -15.55 28.25 13.12
N ARG A 128 -15.16 28.84 11.99
CA ARG A 128 -15.84 30.03 11.44
C ARG A 128 -15.97 31.14 12.46
N MET A 129 -15.01 31.25 13.36
CA MET A 129 -15.03 32.31 14.35
C MET A 129 -14.53 33.63 13.76
N LEU A 130 -13.82 33.58 12.65
CA LEU A 130 -13.39 34.82 11.98
C LEU A 130 -14.58 35.68 11.61
N GLU A 131 -15.68 35.04 11.23
CA GLU A 131 -16.93 35.72 10.91
C GLU A 131 -17.52 36.50 12.10
N SER A 132 -17.56 35.88 13.28
CA SER A 132 -18.00 36.59 14.50
C SER A 132 -17.03 37.72 14.84
N TYR A 133 -15.74 37.48 14.63
CA TYR A 133 -14.71 38.48 14.87
C TYR A 133 -14.92 39.71 13.96
N LEU A 134 -15.19 39.45 12.69
CA LEU A 134 -15.50 40.52 11.72
C LEU A 134 -16.85 41.17 12.02
N HIS A 135 -17.83 40.36 12.42
CA HIS A 135 -19.13 40.87 12.85
C HIS A 135 -18.99 41.92 13.95
N ALA A 136 -18.07 41.67 14.87
CA ALA A 136 -17.84 42.53 16.05
C ALA A 136 -17.42 43.95 15.67
N LYS A 137 -17.03 44.15 14.42
CA LYS A 137 -16.58 45.46 13.96
C LYS A 137 -17.66 46.52 14.00
N LYS A 138 -18.91 46.10 14.15
CA LYS A 138 -20.02 47.03 14.37
C LYS A 138 -19.83 47.88 15.63
N TYR A 139 -18.94 47.43 16.52
CA TYR A 139 -18.66 48.13 17.77
C TYR A 139 -17.38 48.94 17.72
N LEU A 140 -16.66 48.85 16.61
CA LEU A 140 -15.34 49.45 16.51
C LEU A 140 -15.47 50.90 16.05
N LYS A 141 -14.83 51.78 16.81
CA LYS A 141 -14.76 53.19 16.44
C LYS A 141 -14.07 53.34 15.09
N PRO A 142 -14.30 54.47 14.40
N PRO A 142 -14.33 54.45 14.38
CA PRO A 142 -13.66 54.76 13.10
CA PRO A 142 -13.51 54.75 13.21
C PRO A 142 -12.15 54.55 13.13
C PRO A 142 -12.03 54.83 13.61
N SER A 143 -11.50 55.05 14.17
N SER A 143 -11.18 54.19 12.82
CA SER A 143 -10.04 55.05 14.26
CA SER A 143 -9.73 54.22 13.06
C SER A 143 -9.48 53.86 15.01
C SER A 143 -9.26 53.36 14.24
N GLY A 144 -10.19 52.73 14.96
CA GLY A 144 -9.89 51.63 15.89
C GLY A 144 -9.03 50.53 15.29
N ASN A 145 -8.60 49.59 16.14
CA ASN A 145 -7.68 48.55 15.72
C ASN A 145 -8.21 47.15 16.08
N MET A 146 -7.69 46.14 15.41
CA MET A 146 -8.04 44.75 15.71
C MET A 146 -6.78 43.92 15.93
N PHE A 147 -6.83 43.06 16.96
CA PHE A 147 -5.70 42.25 17.38
C PHE A 147 -6.18 40.80 17.51
N PRO A 148 -5.87 39.94 16.51
CA PRO A 148 -4.97 40.12 15.36
C PRO A 148 -5.49 41.03 14.25
N THR A 149 -4.56 41.65 13.52
CA THR A 149 -4.92 42.62 12.47
C THR A 149 -5.10 41.94 11.12
N ILE A 150 -4.16 41.07 10.76
CA ILE A 150 -4.25 40.30 9.52
C ILE A 150 -3.89 38.84 9.74
N GLY A 151 -4.25 37.99 8.78
CA GLY A 151 -3.87 36.59 8.82
C GLY A 151 -3.39 36.09 7.47
N ASP A 152 -2.23 35.43 7.45
CA ASP A 152 -1.70 34.80 6.23
C ASP A 152 -1.84 33.28 6.34
N VAL A 153 -2.55 32.67 5.39
CA VAL A 153 -2.52 31.22 5.23
C VAL A 153 -1.42 30.90 4.21
N HIS A 154 -0.55 29.96 4.56
CA HIS A 154 0.45 29.44 3.61
C HIS A 154 0.06 28.04 3.19
N LEU A 155 0.32 27.71 1.93
CA LEU A 155 0.18 26.35 1.44
C LEU A 155 1.37 26.01 0.57
N ALA A 156 1.83 24.76 0.69
CA ALA A 156 2.98 24.24 -0.03
C ALA A 156 2.77 22.77 -0.31
N PRO A 157 3.27 22.27 -1.47
CA PRO A 157 3.19 20.84 -1.78
C PRO A 157 4.18 20.06 -0.94
N PHE A 158 3.74 18.88 -0.46
CA PHE A 158 4.59 18.03 0.34
C PHE A 158 4.71 16.61 -0.23
N THR A 159 5.83 15.95 0.10
CA THR A 159 6.01 14.54 -0.20
C THR A 159 6.09 13.77 1.12
N ASP A 160 5.30 12.72 1.25
CA ASP A 160 5.30 11.89 2.47
C ASP A 160 4.60 10.57 2.21
N GLU A 161 5.35 9.59 1.70
CA GLU A 161 4.78 8.28 1.37
C GLU A 161 4.31 7.52 2.60
N GLN A 162 5.00 7.67 3.72
CA GLN A 162 4.61 7.01 4.97
C GLN A 162 3.20 7.43 5.40
N LEU A 163 2.92 8.73 5.33
CA LEU A 163 1.59 9.24 5.67
C LEU A 163 0.56 8.77 4.66
N TYR A 164 0.89 8.90 3.37
CA TYR A 164 -0.02 8.45 2.33
C TYR A 164 -0.40 6.99 2.54
N MET A 165 0.61 6.15 2.78
CA MET A 165 0.39 4.70 2.89
C MET A 165 -0.37 4.30 4.14
N GLU A 166 -0.21 5.07 5.22
CA GLU A 166 -0.98 4.83 6.44
C GLU A 166 -2.46 5.05 6.16
N GLN A 167 -2.78 6.17 5.49
CA GLN A 167 -4.16 6.46 5.15
C GLN A 167 -4.68 5.52 4.08
N PHE A 168 -3.81 5.18 3.12
CA PHE A 168 -4.19 4.24 2.08
C PHE A 168 -4.50 2.86 2.66
N THR A 169 -3.68 2.41 3.61
CA THR A 169 -3.85 1.09 4.24
C THR A 169 -5.17 0.99 5.03
N LYS A 170 -5.56 2.05 5.72
CA LYS A 170 -6.85 2.07 6.44
C LYS A 170 -8.02 1.90 5.47
N ALA A 171 -8.01 2.70 4.40
CA ALA A 171 -9.03 2.65 3.36
C ALA A 171 -9.11 1.27 2.71
N ASN A 172 -7.97 0.61 2.58
CA ASN A 172 -7.89 -0.69 1.91
C ASN A 172 -8.36 -1.87 2.74
N PHE A 173 -8.76 -1.60 3.98
CA PHE A 173 -9.57 -2.56 4.72
C PHE A 173 -10.78 -2.93 3.85
N TRP A 174 -11.30 -1.93 3.13
CA TRP A 174 -12.49 -2.11 2.32
C TRP A 174 -12.16 -2.64 0.93
N TYR A 175 -10.93 -3.14 0.77
CA TYR A 175 -10.51 -3.81 -0.45
C TYR A 175 -10.50 -5.33 -0.25
N GLN A 176 -10.70 -5.75 0.98
CA GLN A 176 -10.75 -7.17 1.36
CA GLN A 176 -10.76 -7.16 1.39
C GLN A 176 -11.81 -7.93 0.57
N PRO A 177 -11.43 -9.05 -0.06
CA PRO A 177 -12.44 -9.83 -0.77
C PRO A 177 -13.10 -10.95 0.07
N SER A 178 -12.60 -11.21 1.27
CA SER A 178 -13.15 -12.29 2.10
C SER A 178 -12.98 -12.04 3.61
N PHE A 179 -13.41 -10.85 4.06
CA PHE A 179 -13.43 -10.51 5.50
C PHE A 179 -14.46 -11.39 6.19
N HIS A 180 -14.00 -12.35 7.01
CA HIS A 180 -14.89 -13.38 7.57
C HIS A 180 -15.80 -13.99 6.51
N GLY A 181 -15.25 -14.17 5.31
CA GLY A 181 -16.00 -14.72 4.18
C GLY A 181 -16.87 -13.76 3.40
N VAL A 182 -16.75 -12.45 3.67
CA VAL A 182 -17.59 -11.43 3.02
C VAL A 182 -16.77 -10.54 2.10
N ASP A 183 -17.22 -10.35 0.87
CA ASP A 183 -16.52 -9.46 -0.05
C ASP A 183 -16.88 -8.01 0.22
N LEU A 184 -15.89 -7.25 0.69
CA LEU A 184 -16.08 -5.83 0.99
C LEU A 184 -15.63 -4.93 -0.14
N SER A 185 -14.98 -5.52 -1.14
CA SER A 185 -14.21 -4.77 -2.15
C SER A 185 -15.00 -3.71 -2.95
N ALA A 186 -16.30 -3.93 -3.11
CA ALA A 186 -17.17 -2.96 -3.78
C ALA A 186 -17.22 -1.59 -3.08
N LEU A 187 -16.70 -1.54 -1.86
CA LEU A 187 -16.72 -0.29 -1.10
C LEU A 187 -15.36 0.46 -1.03
N ARG A 188 -14.32 -0.07 -1.70
CA ARG A 188 -12.97 0.55 -1.68
CA ARG A 188 -12.99 0.57 -1.60
C ARG A 188 -12.98 2.03 -2.06
N GLY A 189 -13.69 2.33 -3.15
CA GLY A 189 -13.80 3.70 -3.64
C GLY A 189 -14.43 4.63 -2.61
N ALA A 190 -15.48 4.13 -1.94
CA ALA A 190 -16.16 4.90 -0.91
C ALA A 190 -15.23 5.14 0.27
N ALA A 191 -14.50 4.11 0.66
CA ALA A 191 -13.52 4.20 1.75
C ALA A 191 -12.41 5.23 1.48
N VAL A 192 -11.88 5.21 0.26
CA VAL A 192 -10.78 6.12 -0.10
C VAL A 192 -11.29 7.57 -0.03
N ASP A 193 -12.43 7.84 -0.66
CA ASP A 193 -13.11 9.13 -0.51
C ASP A 193 -13.19 9.55 0.95
N GLU A 194 -13.66 8.65 1.82
CA GLU A 194 -13.92 9.01 3.20
C GLU A 194 -12.63 9.28 3.98
N TYR A 195 -11.66 8.38 3.88
CA TYR A 195 -10.42 8.55 4.62
C TYR A 195 -9.64 9.79 4.17
N PHE A 196 -9.59 10.01 2.86
CA PHE A 196 -8.83 11.14 2.33
C PHE A 196 -9.58 12.48 2.49
N ARG A 197 -10.85 12.42 2.89
CA ARG A 197 -11.61 13.61 3.25
C ARG A 197 -11.12 14.27 4.55
N GLN A 198 -10.38 13.53 5.36
CA GLN A 198 -9.89 14.05 6.65
C GLN A 198 -8.56 14.76 6.52
N PRO A 199 -8.52 16.06 6.90
CA PRO A 199 -7.23 16.73 6.94
C PRO A 199 -6.39 16.19 8.08
N VAL A 200 -5.08 16.09 7.86
CA VAL A 200 -4.18 15.51 8.85
C VAL A 200 -3.51 16.60 9.68
N VAL A 201 -3.81 16.59 10.97
CA VAL A 201 -3.22 17.56 11.88
C VAL A 201 -2.05 16.93 12.63
N ASP A 202 -0.86 17.41 12.30
CA ASP A 202 0.37 17.12 13.05
C ASP A 202 1.50 18.00 12.51
N THR A 203 2.73 17.72 12.93
CA THR A 203 3.85 18.48 12.43
C THR A 203 4.76 17.61 11.58
N PHE A 204 5.70 18.24 10.89
CA PHE A 204 6.60 17.54 9.99
C PHE A 204 7.92 18.28 9.83
N ASP A 205 8.93 17.56 9.36
CA ASP A 205 10.21 18.13 8.97
C ASP A 205 9.98 18.93 7.69
N ILE A 206 10.51 20.15 7.66
CA ILE A 206 10.34 21.04 6.50
C ILE A 206 10.90 20.49 5.19
N ARG A 207 11.79 19.49 5.31
CA ARG A 207 12.43 18.91 4.13
C ARG A 207 11.44 18.18 3.21
N ILE A 208 10.22 17.96 3.69
CA ILE A 208 9.17 17.30 2.90
C ILE A 208 8.46 18.26 1.96
N LEU A 209 8.71 19.57 2.11
CA LEU A 209 8.08 20.60 1.28
C LEU A 209 8.85 20.76 -0.02
N MET A 210 8.12 20.74 -1.13
CA MET A 210 8.72 20.64 -2.45
CA MET A 210 8.72 20.63 -2.45
C MET A 210 8.77 21.96 -3.23
N ALA A 211 8.20 23.00 -2.66
CA ALA A 211 8.16 24.33 -3.30
C ALA A 211 7.94 25.43 -2.27
N LYS A 212 8.30 26.65 -2.63
CA LYS A 212 8.03 27.84 -1.82
C LYS A 212 6.52 27.97 -1.63
N SER A 213 6.09 28.29 -0.41
CA SER A 213 4.66 28.40 -0.09
C SER A 213 3.96 29.54 -0.83
N VAL A 214 2.70 29.30 -1.20
CA VAL A 214 1.81 30.36 -1.68
C VAL A 214 1.12 30.92 -0.45
N LYS A 215 0.93 32.24 -0.39
CA LYS A 215 0.26 32.83 0.76
C LYS A 215 -0.99 33.62 0.39
N TYR A 216 -2.00 33.52 1.25
CA TYR A 216 -3.27 34.20 1.05
C TYR A 216 -3.56 35.02 2.31
N THR A 217 -3.76 36.32 2.13
CA THR A 217 -3.91 37.23 3.25
C THR A 217 -5.36 37.67 3.45
N VAL A 218 -5.80 37.65 4.71
CA VAL A 218 -7.06 38.25 5.09
C VAL A 218 -6.74 39.42 5.99
N ASN A 219 -7.21 40.59 5.61
CA ASN A 219 -7.06 41.77 6.44
C ASN A 219 -8.32 41.90 7.28
N PHE A 220 -8.19 41.76 8.60
CA PHE A 220 -9.38 41.79 9.46
C PHE A 220 -9.93 43.19 9.65
N LEU A 221 -9.07 44.20 9.49
CA LEU A 221 -9.56 45.59 9.49
C LEU A 221 -10.53 45.87 8.36
N GLU A 222 -10.32 45.23 7.21
CA GLU A 222 -11.03 45.56 5.98
C GLU A 222 -12.09 44.56 5.56
N ALA A 223 -11.86 43.27 5.80
CA ALA A 223 -12.76 42.22 5.34
C ALA A 223 -14.17 42.36 5.90
N LYS A 224 -15.14 41.89 5.14
CA LYS A 224 -16.51 41.82 5.57
C LYS A 224 -16.85 40.36 5.89
N GLU A 225 -17.67 40.17 6.91
CA GLU A 225 -18.12 38.83 7.33
C GLU A 225 -18.48 37.93 6.15
N GLY A 226 -19.23 38.50 5.20
CA GLY A 226 -19.65 37.78 4.00
C GLY A 226 -18.55 37.33 3.06
N ASP A 227 -17.40 38.02 3.09
CA ASP A 227 -16.25 37.61 2.29
C ASP A 227 -15.80 36.19 2.62
N LEU A 228 -16.03 35.76 3.85
CA LEU A 228 -15.50 34.47 4.30
C LEU A 228 -16.41 33.29 4.04
N HIS A 229 -17.53 33.52 3.36
CA HIS A 229 -18.43 32.42 3.02
C HIS A 229 -17.83 31.55 1.91
N ARG A 230 -17.08 32.20 1.02
CA ARG A 230 -16.40 31.51 -0.07
CA ARG A 230 -16.40 31.51 -0.06
C ARG A 230 -14.98 32.06 -0.20
N ILE A 231 -14.00 31.21 0.07
CA ILE A 231 -12.61 31.63 0.04
C ILE A 231 -11.94 30.88 -1.10
N GLU A 232 -11.42 31.64 -2.06
CA GLU A 232 -10.77 31.03 -3.22
C GLU A 232 -9.29 31.32 -3.19
N ILE A 233 -8.49 30.25 -3.12
CA ILE A 233 -7.03 30.39 -3.10
C ILE A 233 -6.40 29.70 -4.32
N PRO A 234 -6.09 30.48 -5.38
CA PRO A 234 -5.39 29.89 -6.51
C PRO A 234 -3.91 29.72 -6.18
N PHE A 235 -3.25 28.77 -6.85
CA PHE A 235 -1.83 28.55 -6.62
C PHE A 235 -1.11 28.08 -7.87
N LYS A 236 0.17 28.40 -7.93
CA LYS A 236 1.06 27.96 -9.00
C LYS A 236 2.43 27.73 -8.33
N PHE A 237 2.75 26.47 -8.08
CA PHE A 237 4.01 26.14 -7.43
C PHE A 237 5.08 25.84 -8.46
N HIS A 238 6.25 26.43 -8.27
CA HIS A 238 7.42 26.10 -9.06
C HIS A 238 8.20 25.05 -8.29
N MET A 239 8.09 23.82 -8.76
CA MET A 239 8.63 22.65 -8.05
C MET A 239 10.15 22.70 -7.94
N LEU A 240 10.65 22.56 -6.72
CA LEU A 240 12.07 22.68 -6.43
C LEU A 240 12.74 21.31 -6.35
N HIS A 241 11.95 20.27 -6.08
CA HIS A 241 12.47 18.92 -6.02
C HIS A 241 11.59 18.00 -6.86
N SER A 242 12.17 16.92 -7.37
CA SER A 242 11.42 15.92 -8.10
C SER A 242 10.87 14.87 -7.12
N GLY A 243 9.72 14.29 -7.48
CA GLY A 243 9.13 13.25 -6.65
C GLY A 243 7.63 13.30 -6.67
N LEU A 244 7.02 12.45 -5.84
CA LEU A 244 5.57 12.36 -5.73
C LEU A 244 5.06 13.43 -4.80
N VAL A 245 4.02 14.13 -5.25
CA VAL A 245 3.38 15.13 -4.42
C VAL A 245 2.18 14.45 -3.79
N HIS A 246 2.26 14.24 -2.47
CA HIS A 246 1.16 13.57 -1.76
C HIS A 246 0.02 14.49 -1.32
N GLY A 247 0.24 15.80 -1.35
CA GLY A 247 -0.83 16.73 -1.04
C GLY A 247 -0.36 18.15 -0.81
N LEU A 248 -1.17 18.94 -0.13
CA LEU A 248 -0.79 20.29 0.27
C LEU A 248 -0.76 20.45 1.79
N ALA A 249 0.33 21.04 2.29
CA ALA A 249 0.47 21.41 3.67
C ALA A 249 -0.01 22.83 3.87
N PHE A 250 -0.72 23.06 4.97
CA PHE A 250 -1.24 24.36 5.33
C PHE A 250 -0.78 24.81 6.70
N TRP A 251 -0.43 26.09 6.82
CA TRP A 251 -0.25 26.72 8.13
C TRP A 251 -0.65 28.19 8.01
N PHE A 252 -0.55 28.94 9.10
CA PHE A 252 -0.96 30.32 9.10
C PHE A 252 -0.15 31.14 10.09
N ASP A 253 0.02 32.42 9.76
CA ASP A 253 0.54 33.42 10.69
C ASP A 253 -0.51 34.50 10.92
N VAL A 254 -0.47 35.12 12.08
CA VAL A 254 -1.26 36.33 12.30
C VAL A 254 -0.36 37.44 12.79
N ALA A 255 -0.71 38.67 12.43
CA ALA A 255 0.07 39.83 12.83
C ALA A 255 -0.76 40.77 13.68
N PHE A 256 -0.18 41.23 14.77
CA PHE A 256 -0.79 42.23 15.62
C PHE A 256 -0.10 43.53 15.26
N ILE A 257 -0.71 44.30 14.37
CA ILE A 257 -0.07 45.52 13.86
C ILE A 257 -0.42 46.67 14.81
N GLY A 258 0.47 46.89 15.78
CA GLY A 258 0.26 47.93 16.78
C GLY A 258 0.95 49.23 16.43
N SER A 259 0.62 50.29 17.16
CA SER A 259 1.25 51.60 16.97
C SER A 259 2.74 51.58 17.25
N ILE A 260 3.15 50.71 18.18
CA ILE A 260 4.58 50.58 18.54
C ILE A 260 5.26 49.46 17.75
N MET A 261 4.66 48.27 17.73
CA MET A 261 5.26 47.10 17.09
C MET A 261 4.25 46.22 16.37
N THR A 262 4.71 45.58 15.30
CA THR A 262 3.98 44.46 14.76
C THR A 262 4.58 43.19 15.40
N VAL A 263 3.73 42.44 16.07
CA VAL A 263 4.10 41.13 16.66
C VAL A 263 3.42 40.04 15.84
N TRP A 264 4.19 39.02 15.48
CA TRP A 264 3.70 37.90 14.68
C TRP A 264 3.49 36.67 15.56
N LEU A 265 2.39 35.95 15.31
CA LEU A 265 2.20 34.61 15.87
C LEU A 265 2.14 33.66 14.69
N SER A 266 3.16 32.82 14.56
CA SER A 266 3.28 31.92 13.43
C SER A 266 3.00 30.47 13.83
N THR A 267 2.33 29.72 12.94
CA THR A 267 2.18 28.28 13.14
C THR A 267 2.99 27.50 12.10
N ALA A 268 3.90 28.21 11.43
CA ALA A 268 4.76 27.59 10.40
C ALA A 268 5.59 26.41 10.95
N PRO A 269 5.86 25.41 10.10
CA PRO A 269 6.69 24.28 10.53
C PRO A 269 8.15 24.66 10.85
N THR A 270 8.56 25.86 10.47
CA THR A 270 9.89 26.37 10.77
C THR A 270 9.92 27.01 12.15
N GLU A 271 8.74 27.17 12.76
CA GLU A 271 8.61 27.88 14.02
C GLU A 271 8.33 26.93 15.19
N PRO A 272 8.52 27.40 16.43
CA PRO A 272 8.17 26.60 17.61
C PRO A 272 6.73 26.08 17.52
N LEU A 273 6.53 24.83 17.91
CA LEU A 273 5.25 24.14 17.76
C LEU A 273 4.13 24.77 18.61
N THR A 274 2.95 24.88 18.03
CA THR A 274 1.77 25.38 18.74
C THR A 274 0.69 24.28 18.72
N HIS A 275 -0.39 24.50 19.46
CA HIS A 275 -1.49 23.53 19.50
C HIS A 275 -2.23 23.45 18.15
N TRP A 276 -1.96 24.40 17.24
CA TRP A 276 -2.54 24.34 15.90
C TRP A 276 -1.78 23.33 15.02
N TYR A 277 -0.56 22.98 15.42
CA TYR A 277 0.34 22.16 14.60
C TYR A 277 0.42 22.70 13.16
N GLN A 278 0.34 21.80 12.19
CA GLN A 278 0.12 22.16 10.79
C GLN A 278 -0.96 21.25 10.23
N VAL A 279 -1.49 21.57 9.05
CA VAL A 279 -2.56 20.78 8.45
C VAL A 279 -2.18 20.30 7.05
N ARG A 280 -2.29 19.01 6.82
CA ARG A 280 -2.04 18.45 5.50
C ARG A 280 -3.27 17.81 4.88
N CYS A 281 -3.55 18.21 3.65
CA CYS A 281 -4.64 17.64 2.87
C CYS A 281 -4.04 16.73 1.82
N LEU A 282 -4.26 15.42 1.97
CA LEU A 282 -3.73 14.42 1.05
C LEU A 282 -4.50 14.35 -0.27
N PHE A 283 -3.78 14.06 -1.35
CA PHE A 283 -4.43 13.70 -2.60
C PHE A 283 -4.75 12.22 -2.53
N GLN A 284 -5.90 11.80 -3.06
CA GLN A 284 -6.23 10.38 -3.08
C GLN A 284 -5.23 9.57 -3.88
N SER A 285 -4.65 10.19 -4.89
CA SER A 285 -3.55 9.58 -5.64
C SER A 285 -2.51 10.65 -5.91
N PRO A 286 -1.24 10.38 -5.57
CA PRO A 286 -0.20 11.41 -5.68
C PRO A 286 0.10 11.83 -7.12
N LEU A 287 0.68 13.01 -7.26
CA LEU A 287 1.03 13.55 -8.57
C LEU A 287 2.53 13.52 -8.71
N PHE A 288 3.02 12.96 -9.82
CA PHE A 288 4.45 12.98 -10.08
C PHE A 288 4.89 14.31 -10.68
N ALA A 289 5.86 14.94 -10.04
CA ALA A 289 6.42 16.20 -10.50
C ALA A 289 7.93 16.14 -10.58
N LYS A 290 8.51 16.81 -11.58
CA LYS A 290 9.96 16.99 -11.67
C LYS A 290 10.30 18.41 -11.25
N ALA A 291 11.48 18.60 -10.66
CA ALA A 291 11.98 19.95 -10.35
C ALA A 291 11.87 20.82 -11.61
N GLY A 292 11.41 22.05 -11.44
CA GLY A 292 11.18 22.94 -12.57
C GLY A 292 9.77 22.87 -13.13
N ASP A 293 9.02 21.83 -12.77
CA ASP A 293 7.61 21.72 -13.15
C ASP A 293 6.78 22.77 -12.41
N THR A 294 5.59 23.02 -12.91
CA THR A 294 4.65 23.88 -12.20
C THR A 294 3.42 23.09 -11.76
N LEU A 295 3.12 23.15 -10.47
CA LEU A 295 1.90 22.55 -9.95
C LEU A 295 0.91 23.67 -9.71
N SER A 296 -0.19 23.66 -10.47
CA SER A 296 -1.15 24.74 -10.37
C SER A 296 -2.54 24.22 -10.08
N GLY A 297 -3.33 25.06 -9.43
CA GLY A 297 -4.74 24.77 -9.23
C GLY A 297 -5.42 25.73 -8.30
N THR A 298 -6.52 25.24 -7.75
N THR A 298 -6.40 25.23 -7.55
CA THR A 298 -7.36 26.06 -6.91
CA THR A 298 -7.11 26.04 -6.54
C THR A 298 -7.78 25.29 -5.70
C THR A 298 -7.46 25.31 -5.24
N CYS A 299 -7.52 25.92 -4.55
N CYS A 299 -7.39 26.03 -4.12
CA CYS A 299 -8.09 25.55 -3.28
CA CYS A 299 -7.99 25.59 -2.87
C CYS A 299 -9.32 26.41 -3.08
C CYS A 299 -9.24 26.43 -2.64
N LEU A 300 -10.40 25.78 -2.65
CA LEU A 300 -11.67 26.47 -2.45
C LEU A 300 -12.26 26.07 -1.11
N LEU A 301 -12.53 27.06 -0.28
CA LEU A 301 -13.16 26.83 1.02
C LEU A 301 -14.57 27.39 1.03
N ILE A 302 -15.55 26.51 1.22
CA ILE A 302 -16.97 26.89 1.25
C ILE A 302 -17.56 26.71 2.64
N ALA A 303 -18.03 27.81 3.23
CA ALA A 303 -18.60 27.77 4.58
C ALA A 303 -19.78 26.81 4.65
N ASN A 304 -19.78 25.93 5.65
CA ASN A 304 -20.87 24.97 5.85
C ASN A 304 -21.62 25.21 7.16
N LYS A 305 -22.67 24.40 7.37
CA LYS A 305 -23.54 24.55 8.55
C LYS A 305 -23.02 23.81 9.80
N ARG A 306 -21.75 23.40 9.76
CA ARG A 306 -21.13 22.69 10.89
C ARG A 306 -19.95 23.48 11.47
N GLN A 307 -20.06 24.80 11.45
CA GLN A 307 -19.03 25.72 11.97
C GLN A 307 -17.68 25.49 11.30
N SER A 308 -17.73 25.10 10.03
CA SER A 308 -16.50 24.77 9.31
C SER A 308 -16.65 25.05 7.82
N TYR A 309 -15.75 24.47 7.03
CA TYR A 309 -15.72 24.64 5.60
C TYR A 309 -15.61 23.30 4.89
N ASP A 310 -16.27 23.18 3.75
CA ASP A 310 -15.99 22.12 2.80
C ASP A 310 -14.80 22.61 1.96
N ILE A 311 -13.76 21.79 1.90
CA ILE A 311 -12.53 22.13 1.20
C ILE A 311 -12.49 21.37 -0.12
N SER A 312 -12.22 22.10 -1.19
CA SER A 312 -12.02 21.51 -2.49
C SER A 312 -10.63 21.87 -2.95
N ILE A 313 -9.85 20.85 -3.29
CA ILE A 313 -8.51 21.06 -3.82
C ILE A 313 -8.37 20.39 -5.18
N VAL A 314 -8.16 21.21 -6.21
CA VAL A 314 -7.87 20.70 -7.54
C VAL A 314 -6.47 21.17 -7.89
N ALA A 315 -5.61 20.21 -8.25
CA ALA A 315 -4.21 20.47 -8.55
C ALA A 315 -3.79 19.69 -9.79
N GLN A 316 -2.92 20.30 -10.60
CA GLN A 316 -2.37 19.60 -11.77
C GLN A 316 -0.92 19.95 -12.09
N VAL A 317 -0.18 18.96 -12.56
CA VAL A 317 1.18 19.18 -13.06
C VAL A 317 1.00 19.62 -14.52
N ASP A 318 1.27 20.89 -14.78
CA ASP A 318 1.06 21.48 -16.09
C ASP A 318 1.77 20.70 -17.21
N GLN A 319 2.99 20.28 -16.95
CA GLN A 319 3.82 19.63 -17.96
C GLN A 319 3.27 18.28 -18.45
N THR A 320 2.47 17.59 -17.62
CA THR A 320 1.94 16.25 -17.96
C THR A 320 0.41 16.16 -18.01
N GLY A 321 -0.28 17.17 -17.45
CA GLY A 321 -1.74 17.14 -17.39
C GLY A 321 -2.27 16.21 -16.30
N SER A 322 -1.36 15.68 -15.47
CA SER A 322 -1.75 14.82 -14.34
C SER A 322 -2.49 15.67 -13.29
N LYS A 323 -3.70 15.22 -12.95
CA LYS A 323 -4.64 16.04 -12.19
C LYS A 323 -5.14 15.26 -10.96
N SER A 324 -5.32 15.97 -9.85
CA SER A 324 -5.92 15.41 -8.64
C SER A 324 -7.02 16.35 -8.17
N SER A 325 -8.20 15.78 -7.90
CA SER A 325 -9.34 16.52 -7.38
C SER A 325 -9.74 15.90 -6.05
N ASN A 326 -9.89 16.75 -5.04
CA ASN A 326 -10.10 16.27 -3.69
C ASN A 326 -11.12 17.11 -2.95
N LEU A 327 -11.90 16.44 -2.11
CA LEU A 327 -12.87 17.10 -1.25
C LEU A 327 -12.53 16.76 0.19
N LEU A 328 -12.40 17.78 1.02
CA LEU A 328 -12.07 17.57 2.42
C LEU A 328 -13.07 18.22 3.36
N ASP A 329 -13.23 17.57 4.51
CA ASP A 329 -14.14 17.97 5.56
C ASP A 329 -13.31 18.50 6.72
N LEU A 330 -13.11 19.83 6.76
CA LEU A 330 -12.25 20.47 7.77
C LEU A 330 -12.73 20.27 9.21
N LYS A 331 -14.04 20.12 9.40
CA LYS A 331 -14.62 19.90 10.72
C LYS A 331 -14.04 18.65 11.40
N ASN A 332 -13.68 17.65 10.60
CA ASN A 332 -13.30 16.34 11.17
C ASN A 332 -11.88 15.88 10.85
N PRO A 333 -10.87 16.55 11.45
CA PRO A 333 -9.50 16.23 11.11
C PRO A 333 -9.03 14.93 11.76
N PHE A 334 -8.03 14.30 11.16
CA PHE A 334 -7.32 13.21 11.79
C PHE A 334 -6.13 13.77 12.59
N PHE A 335 -6.25 13.71 13.92
CA PHE A 335 -5.16 14.15 14.78
C PHE A 335 -4.14 13.04 14.91
N ARG A 336 -3.12 13.11 14.06
CA ARG A 336 -2.07 12.10 13.96
C ARG A 336 -0.97 12.28 15.01
N TYR A 337 -0.86 13.48 15.59
CA TYR A 337 0.09 13.72 16.67
C TYR A 337 -0.35 12.96 17.93
N SER B 5 -32.37 15.17 18.93
CA SER B 5 -31.40 16.11 18.29
C SER B 5 -29.99 15.53 18.29
N SER B 6 -29.58 14.96 19.42
CA SER B 6 -28.27 14.31 19.53
C SER B 6 -28.31 12.91 18.91
N ALA B 7 -29.52 12.45 18.58
CA ALA B 7 -29.70 11.24 17.78
C ALA B 7 -29.16 11.46 16.36
N VAL B 8 -29.23 12.68 15.86
CA VAL B 8 -28.72 13.00 14.52
C VAL B 8 -27.21 12.83 14.45
N GLN B 9 -26.51 13.37 15.45
CA GLN B 9 -25.07 13.15 15.62
C GLN B 9 -24.73 11.67 15.85
N TYR B 10 -25.57 10.98 16.61
CA TYR B 10 -25.39 9.54 16.86
C TYR B 10 -25.41 8.78 15.54
N PHE B 11 -26.43 8.97 14.72
CA PHE B 11 -26.48 8.28 13.42
C PHE B 11 -25.45 8.77 12.38
N GLN B 12 -25.08 10.05 12.47
CA GLN B 12 -23.98 10.56 11.62
C GLN B 12 -22.69 9.77 11.87
N PHE B 13 -22.35 9.60 13.15
CA PHE B 13 -21.17 8.82 13.58
C PHE B 13 -21.10 7.44 12.92
N TYR B 14 -22.24 6.73 12.90
CA TYR B 14 -22.27 5.36 12.35
C TYR B 14 -22.35 5.33 10.83
N GLY B 15 -22.56 6.51 10.24
CA GLY B 15 -22.53 6.66 8.79
C GLY B 15 -21.12 6.64 8.21
N TYR B 16 -20.10 6.72 9.06
CA TYR B 16 -18.70 6.63 8.64
C TYR B 16 -18.22 5.18 8.52
N LEU B 17 -17.65 4.83 7.36
CA LEU B 17 -17.09 3.50 7.16
C LEU B 17 -15.98 3.19 8.16
N SER B 18 -15.21 4.22 8.54
CA SER B 18 -14.14 4.05 9.54
C SER B 18 -14.67 3.59 10.90
N GLN B 19 -15.85 4.06 11.28
CA GLN B 19 -16.44 3.65 12.57
C GLN B 19 -16.99 2.23 12.50
N GLN B 20 -17.55 1.86 11.36
CA GLN B 20 -17.98 0.49 11.10
C GLN B 20 -16.79 -0.46 11.11
N GLN B 21 -15.71 -0.03 10.46
CA GLN B 21 -14.47 -0.79 10.42
C GLN B 21 -13.87 -0.99 11.82
N ASN B 22 -13.98 0.02 12.68
CA ASN B 22 -13.47 -0.06 14.04
C ASN B 22 -14.10 -1.26 14.79
N MET B 23 -15.39 -1.46 14.57
CA MET B 23 -16.07 -2.53 15.27
C MET B 23 -15.87 -3.87 14.57
N MET B 24 -15.85 -3.83 13.25
CA MET B 24 -15.60 -5.05 12.48
C MET B 24 -14.24 -5.64 12.83
N GLN B 25 -13.25 -4.78 12.98
CA GLN B 25 -11.88 -5.21 13.31
C GLN B 25 -11.65 -5.62 14.75
N ASP B 26 -12.61 -5.35 15.63
CA ASP B 26 -12.57 -5.94 16.97
C ASP B 26 -12.80 -7.45 16.75
N TYR B 27 -11.71 -8.21 16.75
CA TYR B 27 -11.77 -9.64 16.42
C TYR B 27 -12.58 -10.44 17.41
N VAL B 28 -12.34 -10.21 18.69
CA VAL B 28 -13.10 -10.86 19.75
C VAL B 28 -14.61 -10.65 19.55
N ARG B 29 -15.02 -9.40 19.30
CA ARG B 29 -16.43 -9.04 19.06
C ARG B 29 -17.00 -9.74 17.82
N THR B 30 -16.41 -9.48 16.67
CA THR B 30 -16.94 -9.95 15.37
C THR B 30 -16.80 -11.47 15.22
N GLY B 31 -15.68 -12.02 15.65
CA GLY B 31 -15.43 -13.46 15.60
C GLY B 31 -16.34 -14.26 16.52
N THR B 32 -16.63 -13.73 17.71
CA THR B 32 -17.54 -14.40 18.67
C THR B 32 -18.99 -14.41 18.16
N TYR B 33 -19.42 -13.31 17.54
CA TYR B 33 -20.75 -13.24 16.92
C TYR B 33 -20.87 -14.27 15.81
N GLN B 34 -19.85 -14.37 14.96
CA GLN B 34 -19.85 -15.33 13.88
C GLN B 34 -19.94 -16.76 14.42
N ARG B 35 -19.14 -17.07 15.43
N ARG B 35 -19.10 -17.08 15.40
CA ARG B 35 -19.09 -18.40 16.04
CA ARG B 35 -19.11 -18.39 16.06
C ARG B 35 -20.36 -18.77 16.81
C ARG B 35 -20.49 -18.71 16.62
N ALA B 36 -21.02 -17.79 17.41
CA ALA B 36 -22.32 -17.99 18.06
C ALA B 36 -23.43 -18.28 17.04
N ILE B 37 -23.40 -17.58 15.91
CA ILE B 37 -24.41 -17.78 14.86
C ILE B 37 -24.19 -19.13 14.15
N LEU B 38 -22.97 -19.37 13.65
CA LEU B 38 -22.65 -20.59 12.90
C LEU B 38 -22.75 -21.88 13.73
N GLN B 39 -22.29 -21.84 14.97
CA GLN B 39 -22.36 -23.02 15.85
C GLN B 39 -23.77 -23.33 16.32
N ASN B 40 -24.67 -22.36 16.20
CA ASN B 40 -26.09 -22.58 16.42
C ASN B 40 -26.90 -22.55 15.11
N HIS B 41 -26.38 -23.24 14.09
CA HIS B 41 -26.95 -23.22 12.73
C HIS B 41 -28.44 -23.57 12.63
N THR B 42 -28.92 -24.48 13.49
CA THR B 42 -30.31 -24.87 13.48
C THR B 42 -31.24 -23.73 13.92
N ASP B 43 -30.71 -22.81 14.73
CA ASP B 43 -31.47 -21.59 15.06
C ASP B 43 -31.60 -20.64 13.87
N PHE B 44 -30.86 -20.91 12.80
CA PHE B 44 -30.85 -20.01 11.63
C PHE B 44 -31.27 -20.66 10.32
N LYS B 45 -30.97 -21.96 10.16
CA LYS B 45 -31.23 -22.64 8.88
C LYS B 45 -32.70 -22.51 8.47
N ASP B 46 -32.93 -21.97 7.27
CA ASP B 46 -34.27 -21.74 6.71
C ASP B 46 -35.18 -20.82 7.53
N LYS B 47 -34.60 -20.06 8.45
CA LYS B 47 -35.36 -19.19 9.34
C LYS B 47 -35.45 -17.75 8.84
N ILE B 48 -36.35 -16.97 9.44
CA ILE B 48 -36.49 -15.54 9.16
C ILE B 48 -35.75 -14.79 10.27
N VAL B 49 -34.91 -13.82 9.89
CA VAL B 49 -34.07 -13.11 10.86
C VAL B 49 -34.23 -11.58 10.74
N LEU B 50 -34.24 -10.90 11.88
CA LEU B 50 -34.11 -9.44 11.93
C LEU B 50 -32.76 -9.03 12.54
N ASP B 51 -31.98 -8.24 11.80
CA ASP B 51 -30.72 -7.66 12.30
C ASP B 51 -31.00 -6.20 12.65
N VAL B 52 -31.01 -5.89 13.95
CA VAL B 52 -31.29 -4.51 14.40
C VAL B 52 -30.02 -3.66 14.36
N GLY B 53 -29.99 -2.70 13.43
CA GLY B 53 -28.82 -1.82 13.31
C GLY B 53 -27.69 -2.56 12.64
N CYS B 54 -27.94 -2.98 11.40
CA CYS B 54 -27.02 -3.89 10.70
C CYS B 54 -25.67 -3.26 10.33
N GLY B 55 -25.63 -1.92 10.30
CA GLY B 55 -24.39 -1.23 9.96
C GLY B 55 -23.96 -1.74 8.60
N SER B 56 -22.71 -2.19 8.52
CA SER B 56 -22.15 -2.76 7.29
C SER B 56 -22.91 -3.96 6.76
N GLY B 57 -23.64 -4.65 7.63
CA GLY B 57 -24.38 -5.83 7.26
C GLY B 57 -23.73 -7.12 7.76
N ILE B 58 -22.56 -6.99 8.39
CA ILE B 58 -21.73 -8.13 8.79
C ILE B 58 -22.46 -9.27 9.57
N LEU B 59 -23.32 -8.93 10.52
CA LEU B 59 -24.07 -9.96 11.25
C LEU B 59 -25.12 -10.62 10.34
N SER B 60 -25.64 -9.87 9.38
CA SER B 60 -26.62 -10.42 8.44
C SER B 60 -25.96 -11.40 7.49
N PHE B 61 -24.73 -11.07 7.06
CA PHE B 61 -23.91 -12.02 6.33
C PHE B 61 -23.62 -13.30 7.10
N PHE B 62 -23.41 -13.20 8.41
CA PHE B 62 -23.20 -14.39 9.24
C PHE B 62 -24.46 -15.25 9.31
N ALA B 63 -25.62 -14.61 9.53
CA ALA B 63 -26.91 -15.30 9.47
C ALA B 63 -27.12 -16.00 8.11
N ALA B 64 -26.66 -15.38 7.02
CA ALA B 64 -26.70 -15.99 5.70
C ALA B 64 -25.74 -17.18 5.56
N GLN B 65 -24.55 -17.08 6.16
CA GLN B 65 -23.58 -18.18 6.19
C GLN B 65 -24.16 -19.38 6.97
N ALA B 66 -25.03 -19.10 7.92
CA ALA B 66 -25.65 -20.12 8.75
C ALA B 66 -26.94 -20.70 8.15
N GLY B 67 -27.31 -20.17 6.97
CA GLY B 67 -28.42 -20.74 6.16
C GLY B 67 -29.81 -20.13 6.32
N ALA B 68 -29.88 -18.92 6.86
CA ALA B 68 -31.18 -18.26 7.02
C ALA B 68 -31.86 -18.08 5.66
N ARG B 69 -33.18 -18.23 5.64
CA ARG B 69 -33.97 -18.04 4.42
C ARG B 69 -34.07 -16.55 4.07
N LYS B 70 -34.36 -15.73 5.07
CA LYS B 70 -34.59 -14.31 4.85
C LYS B 70 -34.10 -13.52 6.06
N ILE B 71 -33.36 -12.45 5.78
CA ILE B 71 -32.81 -11.60 6.82
C ILE B 71 -33.16 -10.15 6.54
N TYR B 72 -33.92 -9.54 7.45
CA TYR B 72 -34.22 -8.11 7.37
C TYR B 72 -33.18 -7.31 8.15
N ALA B 73 -32.39 -6.54 7.41
CA ALA B 73 -31.28 -5.80 7.98
C ALA B 73 -31.63 -4.31 8.04
N VAL B 74 -31.95 -3.84 9.24
CA VAL B 74 -32.46 -2.49 9.47
C VAL B 74 -31.31 -1.59 9.92
N GLU B 75 -31.16 -0.44 9.28
CA GLU B 75 -30.09 0.49 9.61
C GLU B 75 -30.55 1.93 9.41
N ALA B 76 -30.41 2.75 10.44
CA ALA B 76 -30.93 4.12 10.41
C ALA B 76 -29.94 5.15 9.88
N SER B 77 -28.64 4.85 9.92
CA SER B 77 -27.66 5.76 9.35
C SER B 77 -27.55 5.57 7.83
N THR B 78 -26.81 6.47 7.17
CA THR B 78 -26.57 6.35 5.74
C THR B 78 -25.69 5.15 5.39
N MET B 79 -25.14 4.49 6.41
CA MET B 79 -24.50 3.18 6.23
C MET B 79 -25.41 2.17 5.55
N ALA B 80 -26.72 2.39 5.64
CA ALA B 80 -27.70 1.52 4.99
C ALA B 80 -27.44 1.38 3.49
N GLN B 81 -27.05 2.48 2.86
CA GLN B 81 -26.76 2.48 1.43
C GLN B 81 -25.53 1.63 1.11
N HIS B 82 -24.51 1.68 1.95
CA HIS B 82 -23.31 0.86 1.74
C HIS B 82 -23.57 -0.62 1.99
N ALA B 83 -24.35 -0.93 3.02
CA ALA B 83 -24.76 -2.32 3.29
C ALA B 83 -25.47 -2.92 2.07
N GLU B 84 -26.32 -2.11 1.45
CA GLU B 84 -27.06 -2.52 0.25
C GLU B 84 -26.12 -2.87 -0.90
N VAL B 85 -25.11 -2.04 -1.13
CA VAL B 85 -24.05 -2.33 -2.11
C VAL B 85 -23.36 -3.68 -1.84
N LEU B 86 -23.10 -3.97 -0.57
CA LEU B 86 -22.43 -5.23 -0.18
C LEU B 86 -23.31 -6.46 -0.41
N VAL B 87 -24.61 -6.31 -0.18
CA VAL B 87 -25.56 -7.39 -0.41
C VAL B 87 -25.62 -7.71 -1.91
N LYS B 88 -25.64 -6.67 -2.74
CA LYS B 88 -25.58 -6.86 -4.20
C LYS B 88 -24.30 -7.56 -4.65
N SER B 89 -23.16 -7.04 -4.24
CA SER B 89 -21.87 -7.59 -4.68
C SER B 89 -21.57 -8.98 -4.11
N ASN B 90 -22.24 -9.35 -3.02
CA ASN B 90 -22.11 -10.70 -2.48
C ASN B 90 -23.22 -11.64 -2.96
N ASN B 91 -23.99 -11.18 -3.95
CA ASN B 91 -25.06 -11.96 -4.58
C ASN B 91 -26.08 -12.55 -3.60
N LEU B 92 -26.52 -11.71 -2.66
CA LEU B 92 -27.43 -12.16 -1.62
C LEU B 92 -28.74 -11.36 -1.57
N THR B 93 -29.04 -10.66 -2.66
CA THR B 93 -30.28 -9.89 -2.78
C THR B 93 -31.53 -10.74 -2.47
N ASP B 94 -31.49 -12.01 -2.83
CA ASP B 94 -32.61 -12.91 -2.60
C ASP B 94 -32.82 -13.20 -1.10
N ARG B 95 -31.76 -13.03 -0.32
CA ARG B 95 -31.80 -13.46 1.08
C ARG B 95 -31.68 -12.34 2.13
N ILE B 96 -30.93 -11.30 1.82
CA ILE B 96 -30.79 -10.17 2.75
C ILE B 96 -31.46 -8.95 2.18
N VAL B 97 -32.41 -8.40 2.93
CA VAL B 97 -33.11 -7.19 2.54
C VAL B 97 -32.73 -6.06 3.51
N VAL B 98 -32.05 -5.06 2.97
CA VAL B 98 -31.66 -3.88 3.76
C VAL B 98 -32.84 -2.92 3.82
N ILE B 99 -33.22 -2.54 5.02
CA ILE B 99 -34.32 -1.61 5.23
C ILE B 99 -33.78 -0.34 5.88
N PRO B 100 -33.64 0.74 5.09
CA PRO B 100 -33.17 1.98 5.69
C PRO B 100 -34.18 2.57 6.68
N GLY B 101 -33.72 2.93 7.85
CA GLY B 101 -34.58 3.62 8.81
C GLY B 101 -34.39 3.12 10.22
N LYS B 102 -35.06 3.77 11.16
CA LYS B 102 -35.02 3.38 12.57
C LYS B 102 -35.89 2.16 12.74
N VAL B 103 -35.46 1.24 13.61
CA VAL B 103 -36.23 0.03 13.82
C VAL B 103 -37.60 0.36 14.45
N GLU B 104 -37.70 1.49 15.15
CA GLU B 104 -39.00 1.88 15.72
C GLU B 104 -39.97 2.53 14.73
N GLU B 105 -39.49 2.81 13.51
CA GLU B 105 -40.28 3.53 12.53
C GLU B 105 -40.57 2.75 11.25
N VAL B 106 -39.68 1.84 10.86
CA VAL B 106 -39.90 1.06 9.64
C VAL B 106 -41.01 0.03 9.81
N SER B 107 -41.37 -0.63 8.72
CA SER B 107 -42.25 -1.78 8.80
C SER B 107 -41.52 -2.99 8.24
N LEU B 108 -41.78 -4.16 8.85
CA LEU B 108 -41.28 -5.42 8.31
C LEU B 108 -42.42 -6.14 7.58
N PRO B 109 -42.11 -6.81 6.46
CA PRO B 109 -43.23 -7.47 5.76
C PRO B 109 -43.75 -8.73 6.48
N GLU B 110 -43.06 -9.19 7.52
CA GLU B 110 -43.43 -10.42 8.26
C GLU B 110 -42.77 -10.48 9.65
N GLN B 111 -43.26 -11.37 10.52
CA GLN B 111 -42.62 -11.60 11.82
C GLN B 111 -41.39 -12.50 11.67
N VAL B 112 -40.46 -12.44 12.62
CA VAL B 112 -39.21 -13.19 12.48
C VAL B 112 -39.04 -14.28 13.55
N ASP B 113 -38.19 -15.26 13.25
CA ASP B 113 -37.86 -16.32 14.20
C ASP B 113 -36.83 -15.90 15.24
N ILE B 114 -35.92 -15.03 14.85
CA ILE B 114 -34.82 -14.65 15.71
C ILE B 114 -34.34 -13.23 15.38
N ILE B 115 -34.06 -12.46 16.43
CA ILE B 115 -33.47 -11.10 16.30
C ILE B 115 -31.99 -11.20 16.65
N ILE B 116 -31.13 -10.70 15.76
CA ILE B 116 -29.71 -10.55 16.11
C ILE B 116 -29.35 -9.05 16.15
N SER B 117 -28.41 -8.68 17.01
CA SER B 117 -27.98 -7.30 17.09
C SER B 117 -26.71 -7.20 17.89
N GLU B 118 -25.96 -6.13 17.67
CA GLU B 118 -24.89 -5.78 18.59
C GLU B 118 -25.20 -4.35 19.06
N PRO B 119 -25.93 -4.23 20.19
CA PRO B 119 -26.38 -2.95 20.73
C PRO B 119 -25.70 -2.57 22.03
N MET B 120 -24.56 -3.16 22.35
CA MET B 120 -23.87 -2.88 23.60
C MET B 120 -22.98 -1.64 23.49
N GLY B 121 -22.86 -0.89 24.58
CA GLY B 121 -21.93 0.24 24.62
C GLY B 121 -21.13 0.10 25.89
N TYR B 122 -20.34 1.12 26.21
CA TYR B 122 -19.61 1.15 27.50
C TYR B 122 -20.57 0.82 28.65
N MET B 123 -20.07 0.07 29.63
CA MET B 123 -20.89 -0.36 30.79
C MET B 123 -22.17 -1.02 30.33
N LEU B 124 -22.10 -1.70 29.18
CA LEU B 124 -23.24 -2.32 28.50
C LEU B 124 -24.28 -1.36 27.92
N PHE B 125 -24.76 -0.43 28.75
CA PHE B 125 -25.96 0.36 28.41
C PHE B 125 -25.69 1.65 27.64
N ASN B 126 -24.44 2.10 27.54
CA ASN B 126 -24.18 3.37 26.83
C ASN B 126 -24.68 3.33 25.40
N GLU B 127 -25.17 4.48 24.90
CA GLU B 127 -25.79 4.64 23.56
C GLU B 127 -27.28 4.30 23.52
N ARG B 128 -27.78 3.66 24.58
CA ARG B 128 -29.20 3.30 24.75
C ARG B 128 -29.77 2.45 23.61
N MET B 129 -28.90 1.81 22.85
CA MET B 129 -29.37 1.00 21.73
C MET B 129 -30.09 -0.29 22.20
N LEU B 130 -29.86 -0.72 23.43
CA LEU B 130 -30.61 -1.89 23.94
C LEU B 130 -32.11 -1.63 24.00
N GLU B 131 -32.50 -0.35 24.08
CA GLU B 131 -33.93 -0.01 24.03
C GLU B 131 -34.51 -0.30 22.66
N SER B 132 -33.74 -0.04 21.61
CA SER B 132 -34.15 -0.36 20.25
C SER B 132 -34.21 -1.88 20.02
N TYR B 133 -33.24 -2.59 20.58
CA TYR B 133 -33.17 -4.04 20.46
C TYR B 133 -34.44 -4.63 21.11
N LEU B 134 -34.76 -4.18 22.31
CA LEU B 134 -36.00 -4.61 23.00
C LEU B 134 -37.27 -4.18 22.28
N HIS B 135 -37.26 -2.99 21.68
CA HIS B 135 -38.38 -2.48 20.92
C HIS B 135 -38.71 -3.40 19.75
N ALA B 136 -37.66 -3.94 19.14
CA ALA B 136 -37.73 -4.81 17.98
C ALA B 136 -38.49 -6.12 18.24
N LYS B 137 -38.69 -6.47 19.50
CA LYS B 137 -39.43 -7.70 19.84
C LYS B 137 -40.89 -7.64 19.37
N LYS B 138 -41.37 -6.48 18.96
CA LYS B 138 -42.70 -6.39 18.35
C LYS B 138 -42.77 -7.14 17.02
N TYR B 139 -41.60 -7.46 16.46
CA TYR B 139 -41.49 -8.26 15.24
C TYR B 139 -41.18 -9.74 15.49
N LEU B 140 -41.07 -10.13 16.75
CA LEU B 140 -40.61 -11.48 17.09
C LEU B 140 -41.80 -12.43 17.22
N LYS B 141 -41.76 -13.54 16.48
CA LYS B 141 -42.75 -14.61 16.59
C LYS B 141 -42.82 -15.11 18.02
N PRO B 142 -44.01 -15.61 18.45
CA PRO B 142 -44.05 -16.12 19.83
C PRO B 142 -43.01 -17.23 19.98
N SER B 143 -42.33 -17.27 21.13
CA SER B 143 -41.21 -18.19 21.34
C SER B 143 -40.01 -17.99 20.41
N GLY B 144 -39.91 -16.82 19.79
CA GLY B 144 -38.71 -16.49 19.01
C GLY B 144 -37.53 -16.25 19.93
N ASN B 145 -36.32 -16.33 19.40
CA ASN B 145 -35.13 -16.14 20.21
C ASN B 145 -34.44 -14.79 19.92
N MET B 146 -33.48 -14.42 20.76
CA MET B 146 -32.66 -13.21 20.57
CA MET B 146 -32.61 -13.30 20.42
C MET B 146 -31.17 -13.54 20.80
N PHE B 147 -30.30 -13.01 19.96
CA PHE B 147 -28.86 -13.20 20.00
C PHE B 147 -28.25 -11.80 19.99
N PRO B 148 -27.79 -11.30 21.15
CA PRO B 148 -27.65 -11.98 22.43
C PRO B 148 -28.95 -12.14 23.22
N THR B 149 -28.96 -13.13 24.11
CA THR B 149 -30.16 -13.50 24.84
C THR B 149 -30.23 -12.77 26.17
N ILE B 150 -29.08 -12.69 26.84
CA ILE B 150 -28.97 -12.04 28.14
CA ILE B 150 -28.97 -12.05 28.15
C ILE B 150 -27.71 -11.20 28.22
N GLY B 151 -27.69 -10.23 29.12
CA GLY B 151 -26.50 -9.42 29.35
C GLY B 151 -26.24 -9.24 30.82
N ASP B 152 -24.98 -9.37 31.23
CA ASP B 152 -24.58 -9.21 32.62
C ASP B 152 -23.66 -8.00 32.76
N VAL B 153 -23.98 -7.06 33.63
CA VAL B 153 -23.02 -6.01 34.02
C VAL B 153 -22.34 -6.40 35.32
N HIS B 154 -21.01 -6.37 35.32
CA HIS B 154 -20.22 -6.61 36.51
C HIS B 154 -19.65 -5.33 37.08
N LEU B 155 -19.70 -5.21 38.40
CA LEU B 155 -19.05 -4.12 39.11
C LEU B 155 -18.24 -4.62 40.28
N ALA B 156 -17.12 -3.96 40.53
CA ALA B 156 -16.20 -4.34 41.61
C ALA B 156 -15.41 -3.12 42.07
N PRO B 157 -15.17 -3.00 43.38
CA PRO B 157 -14.38 -1.87 43.87
C PRO B 157 -12.92 -2.02 43.47
N PHE B 158 -12.25 -0.91 43.15
CA PHE B 158 -10.84 -1.00 42.82
C PHE B 158 -10.03 -0.06 43.71
N THR B 159 -8.72 -0.30 43.75
CA THR B 159 -7.78 0.67 44.30
C THR B 159 -6.78 1.05 43.20
N ASP B 160 -6.55 2.34 43.02
CA ASP B 160 -5.59 2.79 42.01
C ASP B 160 -5.12 4.19 42.35
N GLU B 161 -4.05 4.25 43.14
CA GLU B 161 -3.53 5.50 43.66
C GLU B 161 -3.08 6.42 42.52
N GLN B 162 -2.42 5.84 41.53
CA GLN B 162 -1.96 6.60 40.35
C GLN B 162 -3.10 7.25 39.57
N LEU B 163 -4.17 6.50 39.29
CA LEU B 163 -5.33 7.07 38.59
C LEU B 163 -5.98 8.20 39.40
N TYR B 164 -6.19 7.95 40.68
CA TYR B 164 -6.79 8.95 41.57
C TYR B 164 -5.96 10.24 41.61
N MET B 165 -4.65 10.12 41.83
CA MET B 165 -3.78 11.29 41.96
C MET B 165 -3.75 12.13 40.67
N GLU B 166 -3.82 11.46 39.52
CA GLU B 166 -3.83 12.10 38.20
C GLU B 166 -4.83 13.24 38.08
N GLN B 167 -6.00 13.06 38.68
CA GLN B 167 -7.07 14.03 38.64
C GLN B 167 -6.61 15.35 39.27
N PHE B 168 -5.89 15.23 40.39
CA PHE B 168 -5.38 16.41 41.08
C PHE B 168 -4.22 17.03 40.36
N THR B 169 -3.31 16.20 39.85
CA THR B 169 -2.20 16.66 39.04
C THR B 169 -2.68 17.56 37.92
N LYS B 170 -3.72 17.10 37.20
CA LYS B 170 -4.30 17.88 36.12
C LYS B 170 -5.03 19.13 36.62
N ALA B 171 -5.86 18.98 37.64
CA ALA B 171 -6.61 20.13 38.14
C ALA B 171 -5.72 21.19 38.80
N ASN B 172 -4.57 20.75 39.32
CA ASN B 172 -3.66 21.65 40.04
C ASN B 172 -2.96 22.66 39.12
N PHE B 173 -3.11 22.49 37.79
CA PHE B 173 -2.74 23.55 36.84
C PHE B 173 -3.37 24.88 37.26
N TRP B 174 -4.61 24.82 37.76
CA TRP B 174 -5.34 26.02 38.14
C TRP B 174 -4.85 26.57 39.47
N TYR B 175 -4.14 25.76 40.24
CA TYR B 175 -3.69 26.19 41.56
C TYR B 175 -2.35 26.90 41.48
N GLN B 176 -2.37 28.11 40.90
CA GLN B 176 -1.18 28.93 40.76
C GLN B 176 -1.58 30.41 40.78
N PRO B 177 -0.78 31.25 41.47
CA PRO B 177 -1.22 32.60 41.74
C PRO B 177 -0.82 33.63 40.67
N SER B 178 0.06 33.26 39.76
CA SER B 178 0.48 34.19 38.70
C SER B 178 0.82 33.48 37.39
N PHE B 179 -0.21 33.01 36.71
CA PHE B 179 -0.11 32.51 35.36
C PHE B 179 -0.15 33.71 34.43
N HIS B 180 1.00 34.09 33.88
CA HIS B 180 1.09 35.32 33.07
C HIS B 180 0.39 36.47 33.78
N GLY B 181 0.58 36.54 35.10
CA GLY B 181 0.01 37.62 35.91
C GLY B 181 -1.34 37.37 36.53
N VAL B 182 -1.94 36.21 36.26
CA VAL B 182 -3.33 35.94 36.66
C VAL B 182 -3.42 34.85 37.73
N ASP B 183 -4.11 35.14 38.83
CA ASP B 183 -4.37 34.15 39.86
C ASP B 183 -5.50 33.27 39.38
N LEU B 184 -5.15 32.04 39.01
CA LEU B 184 -6.09 31.06 38.51
C LEU B 184 -6.72 30.20 39.61
N SER B 185 -6.27 30.38 40.85
CA SER B 185 -6.55 29.43 41.94
CA SER B 185 -6.56 29.47 41.97
C SER B 185 -8.03 29.22 42.26
N ALA B 186 -8.86 30.25 42.11
CA ALA B 186 -10.28 30.13 42.42
C ALA B 186 -11.03 29.07 41.60
N LEU B 187 -10.43 28.58 40.52
CA LEU B 187 -11.09 27.60 39.64
C LEU B 187 -10.64 26.15 39.90
N ARG B 188 -9.75 25.94 40.86
CA ARG B 188 -9.17 24.62 41.06
C ARG B 188 -10.25 23.61 41.46
N GLY B 189 -11.14 24.01 42.37
CA GLY B 189 -12.21 23.13 42.88
C GLY B 189 -13.16 22.70 41.77
N ALA B 190 -13.54 23.65 40.91
CA ALA B 190 -14.36 23.34 39.75
C ALA B 190 -13.64 22.46 38.75
N ALA B 191 -12.31 22.61 38.62
CA ALA B 191 -11.55 21.75 37.73
C ALA B 191 -11.54 20.29 38.22
N VAL B 192 -11.37 20.13 39.53
CA VAL B 192 -11.39 18.79 40.16
C VAL B 192 -12.72 18.12 39.88
N ASP B 193 -13.82 18.82 40.17
CA ASP B 193 -15.18 18.27 40.00
C ASP B 193 -15.40 17.80 38.58
N GLU B 194 -14.93 18.61 37.64
CA GLU B 194 -15.03 18.27 36.25
C GLU B 194 -14.38 16.93 35.91
N TYR B 195 -13.16 16.68 36.38
CA TYR B 195 -12.45 15.47 36.01
C TYR B 195 -13.10 14.23 36.66
N PHE B 196 -13.61 14.41 37.87
CA PHE B 196 -14.24 13.28 38.57
C PHE B 196 -15.58 12.84 37.97
N ARG B 197 -16.22 13.74 37.24
CA ARG B 197 -17.47 13.43 36.53
C ARG B 197 -17.32 12.56 35.29
N GLN B 198 -16.08 12.35 34.83
CA GLN B 198 -15.86 11.52 33.66
C GLN B 198 -15.46 10.11 34.06
N PRO B 199 -16.23 9.11 33.62
CA PRO B 199 -15.85 7.70 33.69
C PRO B 199 -14.58 7.49 32.87
N VAL B 200 -13.65 6.71 33.41
CA VAL B 200 -12.35 6.46 32.78
C VAL B 200 -12.40 5.17 31.97
N VAL B 201 -12.17 5.30 30.67
CA VAL B 201 -12.15 4.14 29.77
C VAL B 201 -10.70 3.74 29.49
N ASP B 202 -10.33 2.56 29.97
CA ASP B 202 -9.07 1.90 29.65
C ASP B 202 -9.07 0.53 30.34
N THR B 203 -7.96 -0.19 30.24
CA THR B 203 -7.87 -1.50 30.89
C THR B 203 -6.98 -1.42 32.11
N PHE B 204 -6.88 -2.52 32.85
CA PHE B 204 -6.14 -2.56 34.10
C PHE B 204 -5.82 -3.99 34.48
N ASP B 205 -4.82 -4.15 35.34
CA ASP B 205 -4.50 -5.43 35.96
C ASP B 205 -5.57 -5.79 36.98
N ILE B 206 -6.00 -7.05 37.00
CA ILE B 206 -7.04 -7.48 37.92
C ILE B 206 -6.65 -7.40 39.39
N ARG B 207 -5.35 -7.24 39.67
CA ARG B 207 -4.87 -7.06 41.05
C ARG B 207 -5.40 -5.79 41.74
N ILE B 208 -5.89 -4.82 40.95
CA ILE B 208 -6.44 -3.61 41.54
C ILE B 208 -7.83 -3.83 42.17
N LEU B 209 -8.45 -4.96 41.86
CA LEU B 209 -9.82 -5.24 42.32
C LEU B 209 -9.80 -5.75 43.75
N MET B 210 -10.65 -5.17 44.60
CA MET B 210 -10.55 -5.38 46.03
C MET B 210 -11.59 -6.36 46.58
N ALA B 211 -12.50 -6.82 45.73
CA ALA B 211 -13.57 -7.72 46.11
C ALA B 211 -14.11 -8.45 44.88
N LYS B 212 -14.72 -9.60 45.11
CA LYS B 212 -15.43 -10.34 44.08
C LYS B 212 -16.52 -9.42 43.50
N SER B 213 -16.71 -9.51 42.18
CA SER B 213 -17.66 -8.65 41.52
C SER B 213 -19.08 -9.05 41.82
N VAL B 214 -19.98 -8.09 41.79
CA VAL B 214 -21.40 -8.39 41.75
C VAL B 214 -21.92 -8.16 40.34
N LYS B 215 -23.02 -8.83 40.01
CA LYS B 215 -23.53 -8.70 38.65
C LYS B 215 -25.00 -8.35 38.59
N TYR B 216 -25.35 -7.61 37.56
CA TYR B 216 -26.72 -7.24 37.32
C TYR B 216 -27.08 -7.75 35.92
N THR B 217 -28.18 -8.49 35.85
CA THR B 217 -28.51 -9.22 34.64
C THR B 217 -29.73 -8.65 33.97
N VAL B 218 -29.67 -8.54 32.65
CA VAL B 218 -30.83 -8.21 31.87
C VAL B 218 -31.12 -9.41 30.98
N ASN B 219 -32.36 -9.88 31.02
CA ASN B 219 -32.81 -10.96 30.15
C ASN B 219 -33.59 -10.35 29.01
N PHE B 220 -32.97 -10.33 27.83
CA PHE B 220 -33.52 -9.61 26.67
C PHE B 220 -34.80 -10.21 26.14
N LEU B 221 -35.01 -11.51 26.38
CA LEU B 221 -36.28 -12.17 26.03
C LEU B 221 -37.43 -11.58 26.83
N GLU B 222 -37.15 -11.14 28.05
CA GLU B 222 -38.20 -10.74 28.99
C GLU B 222 -38.29 -9.25 29.21
N ALA B 223 -37.16 -8.56 29.14
CA ALA B 223 -37.09 -7.13 29.50
C ALA B 223 -37.93 -6.23 28.60
N LYS B 224 -38.44 -5.15 29.18
CA LYS B 224 -39.17 -4.15 28.42
C LYS B 224 -38.29 -2.90 28.22
N GLU B 225 -38.49 -2.24 27.09
CA GLU B 225 -37.79 -1.01 26.75
C GLU B 225 -37.69 -0.07 27.96
N GLY B 226 -38.83 0.22 28.58
CA GLY B 226 -38.90 1.07 29.77
C GLY B 226 -38.09 0.65 30.99
N ASP B 227 -37.71 -0.62 31.06
CA ASP B 227 -36.87 -1.10 32.16
C ASP B 227 -35.49 -0.44 32.14
N LEU B 228 -35.09 0.08 30.99
CA LEU B 228 -33.74 0.58 30.84
C LEU B 228 -33.64 2.09 31.04
N HIS B 229 -34.74 2.74 31.41
CA HIS B 229 -34.72 4.21 31.62
C HIS B 229 -34.12 4.54 32.97
N ARG B 230 -34.22 3.60 33.90
CA ARG B 230 -33.68 3.78 35.22
C ARG B 230 -33.17 2.41 35.66
N ILE B 231 -31.87 2.28 35.86
CA ILE B 231 -31.32 0.99 36.25
C ILE B 231 -30.71 1.13 37.63
N GLU B 232 -31.31 0.44 38.60
CA GLU B 232 -30.83 0.49 39.97
C GLU B 232 -30.06 -0.79 40.25
N ILE B 233 -28.79 -0.64 40.60
CA ILE B 233 -27.92 -1.77 40.87
C ILE B 233 -27.43 -1.67 42.31
N PRO B 234 -28.09 -2.42 43.22
CA PRO B 234 -27.59 -2.46 44.59
C PRO B 234 -26.32 -3.28 44.62
N PHE B 235 -25.44 -2.98 45.55
CA PHE B 235 -24.25 -3.79 45.73
C PHE B 235 -23.89 -3.94 47.19
N LYS B 236 -23.39 -5.12 47.54
CA LYS B 236 -22.77 -5.41 48.83
C LYS B 236 -21.46 -6.10 48.49
N PHE B 237 -20.35 -5.51 48.90
CA PHE B 237 -19.05 -6.15 48.66
C PHE B 237 -18.44 -6.56 49.98
N HIS B 238 -18.10 -7.85 50.10
CA HIS B 238 -17.32 -8.31 51.25
C HIS B 238 -15.85 -8.20 50.83
N MET B 239 -15.12 -7.28 51.46
CA MET B 239 -13.81 -6.86 50.98
C MET B 239 -12.73 -7.91 51.16
N LEU B 240 -12.08 -8.28 50.06
CA LEU B 240 -10.97 -9.23 50.05
C LEU B 240 -9.66 -8.59 50.50
N HIS B 241 -9.47 -7.32 50.18
CA HIS B 241 -8.21 -6.65 50.46
C HIS B 241 -8.46 -5.33 51.17
N SER B 242 -7.60 -5.04 52.14
CA SER B 242 -7.61 -3.76 52.83
C SER B 242 -7.01 -2.68 51.92
N GLY B 243 -7.58 -1.48 51.95
CA GLY B 243 -7.02 -0.36 51.20
C GLY B 243 -7.99 0.78 51.00
N LEU B 244 -7.56 1.75 50.20
CA LEU B 244 -8.44 2.84 49.81
C LEU B 244 -9.19 2.45 48.55
N VAL B 245 -10.52 2.50 48.62
CA VAL B 245 -11.35 2.25 47.46
C VAL B 245 -11.48 3.55 46.71
N HIS B 246 -10.92 3.58 45.51
CA HIS B 246 -10.92 4.80 44.70
C HIS B 246 -12.11 4.85 43.74
N GLY B 247 -12.83 3.74 43.60
CA GLY B 247 -14.10 3.75 42.89
C GLY B 247 -14.57 2.37 42.49
N LEU B 248 -15.48 2.32 41.51
CA LEU B 248 -16.01 1.08 40.98
C LEU B 248 -15.57 0.87 39.53
N ALA B 249 -15.19 -0.35 39.23
CA ALA B 249 -14.88 -0.78 37.89
C ALA B 249 -16.06 -1.53 37.33
N PHE B 250 -16.27 -1.38 36.03
CA PHE B 250 -17.41 -1.95 35.36
C PHE B 250 -16.97 -2.70 34.12
N TRP B 251 -17.55 -3.88 33.91
CA TRP B 251 -17.49 -4.53 32.61
C TRP B 251 -18.77 -5.29 32.34
N PHE B 252 -18.84 -6.02 31.25
CA PHE B 252 -20.05 -6.74 30.89
C PHE B 252 -19.79 -7.97 30.03
N ASP B 253 -20.72 -8.94 30.12
CA ASP B 253 -20.73 -10.11 29.22
C ASP B 253 -22.12 -10.22 28.60
N VAL B 254 -22.20 -10.77 27.40
CA VAL B 254 -23.50 -11.18 26.87
C VAL B 254 -23.42 -12.67 26.53
N ALA B 255 -24.56 -13.35 26.57
CA ALA B 255 -24.61 -14.75 26.18
C ALA B 255 -25.60 -14.93 25.05
N PHE B 256 -25.21 -15.73 24.07
CA PHE B 256 -26.07 -16.16 22.98
C PHE B 256 -26.53 -17.59 23.32
N ILE B 257 -27.76 -17.73 23.79
CA ILE B 257 -28.30 -19.02 24.28
C ILE B 257 -29.05 -19.69 23.13
N GLY B 258 -28.32 -20.52 22.38
CA GLY B 258 -28.88 -21.16 21.20
C GLY B 258 -29.37 -22.55 21.53
N SER B 259 -29.94 -23.22 20.54
CA SER B 259 -30.41 -24.61 20.65
C SER B 259 -29.28 -25.61 20.86
N ILE B 260 -28.16 -25.37 20.21
CA ILE B 260 -27.05 -26.29 20.28
C ILE B 260 -26.09 -25.96 21.42
N MET B 261 -25.94 -24.68 21.72
CA MET B 261 -24.77 -24.20 22.46
C MET B 261 -24.94 -22.75 22.97
N THR B 262 -24.49 -22.49 24.20
CA THR B 262 -24.41 -21.11 24.70
C THR B 262 -22.98 -20.60 24.46
N VAL B 263 -22.88 -19.45 23.80
CA VAL B 263 -21.60 -18.80 23.52
C VAL B 263 -21.56 -17.44 24.25
N TRP B 264 -20.46 -17.17 24.95
CA TRP B 264 -20.31 -15.96 25.74
C TRP B 264 -19.39 -14.95 25.06
N LEU B 265 -19.76 -13.68 25.13
CA LEU B 265 -18.85 -12.60 24.71
C LEU B 265 -18.59 -11.76 25.94
N SER B 266 -17.34 -11.77 26.41
CA SER B 266 -16.98 -11.11 27.67
C SER B 266 -16.02 -9.93 27.43
N THR B 267 -16.24 -8.82 28.13
CA THR B 267 -15.30 -7.69 28.11
C THR B 267 -14.57 -7.55 29.45
N ALA B 268 -14.49 -8.67 30.17
CA ALA B 268 -13.84 -8.70 31.47
C ALA B 268 -12.33 -8.42 31.37
N PRO B 269 -11.75 -7.84 32.43
CA PRO B 269 -10.31 -7.60 32.53
C PRO B 269 -9.48 -8.87 32.52
N THR B 270 -10.09 -10.01 32.85
CA THR B 270 -9.44 -11.32 32.75
C THR B 270 -9.48 -11.89 31.33
N GLU B 271 -10.21 -11.24 30.43
CA GLU B 271 -10.37 -11.70 29.06
C GLU B 271 -9.56 -10.83 28.10
N PRO B 272 -9.25 -11.34 26.89
CA PRO B 272 -8.60 -10.51 25.87
C PRO B 272 -9.34 -9.19 25.67
N LEU B 273 -8.60 -8.13 25.34
CA LEU B 273 -9.16 -6.79 25.23
C LEU B 273 -10.11 -6.66 24.04
N THR B 274 -11.21 -5.92 24.23
CA THR B 274 -12.14 -5.59 23.15
C THR B 274 -12.12 -4.06 22.99
N HIS B 275 -12.86 -3.54 22.01
CA HIS B 275 -12.94 -2.09 21.81
C HIS B 275 -13.74 -1.40 22.92
N TRP B 276 -14.34 -2.18 23.81
CA TRP B 276 -15.08 -1.59 24.93
C TRP B 276 -14.20 -1.35 26.15
N TYR B 277 -13.02 -1.98 26.17
CA TYR B 277 -12.12 -1.91 27.31
C TYR B 277 -12.87 -2.28 28.60
N GLN B 278 -12.63 -1.49 29.64
CA GLN B 278 -13.43 -1.47 30.86
C GLN B 278 -13.63 -0.01 31.27
N VAL B 279 -14.53 0.22 32.22
CA VAL B 279 -14.88 1.58 32.65
C VAL B 279 -14.73 1.68 34.17
N ARG B 280 -14.09 2.75 34.61
CA ARG B 280 -13.94 3.03 36.04
C ARG B 280 -14.55 4.38 36.42
N CYS B 281 -15.42 4.35 37.41
CA CYS B 281 -15.99 5.57 37.95
C CYS B 281 -15.29 5.83 39.25
N LEU B 282 -14.64 6.99 39.34
CA LEU B 282 -13.88 7.32 40.53
C LEU B 282 -14.76 7.96 41.58
N PHE B 283 -14.23 8.00 42.80
CA PHE B 283 -14.88 8.64 43.92
C PHE B 283 -13.98 9.81 44.26
N GLN B 284 -14.53 11.03 44.31
CA GLN B 284 -13.68 12.16 44.66
C GLN B 284 -13.15 12.04 46.08
N SER B 285 -13.98 11.47 46.98
CA SER B 285 -13.55 11.11 48.33
C SER B 285 -13.46 9.59 48.42
N PRO B 286 -12.25 9.03 48.53
CA PRO B 286 -12.11 7.58 48.59
C PRO B 286 -12.52 7.00 49.95
N LEU B 287 -12.76 5.69 49.98
CA LEU B 287 -13.25 5.03 51.20
C LEU B 287 -12.25 4.00 51.67
N PHE B 288 -11.86 4.14 52.94
CA PHE B 288 -10.97 3.17 53.52
C PHE B 288 -11.75 1.96 53.99
N ALA B 289 -11.27 0.78 53.65
CA ALA B 289 -11.92 -0.46 54.03
C ALA B 289 -10.87 -1.49 54.36
N LYS B 290 -11.07 -2.23 55.45
CA LYS B 290 -10.21 -3.38 55.76
C LYS B 290 -10.86 -4.65 55.26
N ALA B 291 -10.06 -5.68 55.01
CA ALA B 291 -10.60 -6.99 54.63
C ALA B 291 -11.68 -7.40 55.64
N GLY B 292 -12.80 -7.91 55.14
CA GLY B 292 -13.90 -8.31 56.00
C GLY B 292 -14.98 -7.25 56.16
N ASP B 293 -14.63 -6.00 55.87
CA ASP B 293 -15.63 -4.93 55.84
C ASP B 293 -16.58 -5.18 54.68
N THR B 294 -17.77 -4.60 54.79
CA THR B 294 -18.73 -4.66 53.70
C THR B 294 -18.88 -3.26 53.10
N LEU B 295 -18.65 -3.17 51.79
CA LEU B 295 -18.89 -1.94 51.03
C LEU B 295 -20.22 -2.07 50.32
N SER B 296 -21.21 -1.33 50.79
CA SER B 296 -22.55 -1.42 50.25
C SER B 296 -23.00 -0.08 49.70
N GLY B 297 -23.93 -0.13 48.75
CA GLY B 297 -24.57 1.07 48.24
C GLY B 297 -25.34 0.72 47.00
N THR B 298 -25.54 1.72 46.15
CA THR B 298 -26.29 1.56 44.91
CA THR B 298 -26.33 1.59 44.93
C THR B 298 -25.63 2.34 43.80
N CYS B 299 -25.65 1.76 42.60
CA CYS B 299 -25.25 2.45 41.39
C CYS B 299 -26.55 2.64 40.61
N LEU B 300 -26.97 3.88 40.44
CA LEU B 300 -28.21 4.18 39.76
C LEU B 300 -27.92 4.85 38.42
N LEU B 301 -28.36 4.20 37.34
CA LEU B 301 -28.15 4.73 36.00
C LEU B 301 -29.46 5.29 35.51
N ILE B 302 -29.46 6.58 35.20
CA ILE B 302 -30.67 7.28 34.78
C ILE B 302 -30.47 7.73 33.35
N ALA B 303 -31.29 7.22 32.43
CA ALA B 303 -31.15 7.55 31.02
C ALA B 303 -31.36 9.04 30.77
N ASN B 304 -30.57 9.59 29.85
CA ASN B 304 -30.67 11.01 29.55
C ASN B 304 -30.86 11.27 28.07
N LYS B 305 -31.03 12.55 27.74
CA LYS B 305 -31.34 12.99 26.37
C LYS B 305 -30.17 12.90 25.39
N ARG B 306 -28.98 12.55 25.89
CA ARG B 306 -27.78 12.46 25.05
C ARG B 306 -27.39 11.00 24.69
N GLN B 307 -28.40 10.13 24.57
CA GLN B 307 -28.17 8.70 24.28
C GLN B 307 -27.25 8.03 25.28
N SER B 308 -27.31 8.48 26.53
CA SER B 308 -26.41 7.97 27.52
C SER B 308 -27.10 7.95 28.88
N TYR B 309 -26.30 7.92 29.93
CA TYR B 309 -26.80 7.84 31.29
C TYR B 309 -26.08 8.79 32.23
N ASP B 310 -26.84 9.36 33.16
CA ASP B 310 -26.27 9.99 34.35
C ASP B 310 -26.07 8.89 35.39
N ILE B 311 -24.86 8.80 35.92
CA ILE B 311 -24.50 7.74 36.86
C ILE B 311 -24.41 8.34 38.25
N SER B 312 -25.17 7.76 39.19
CA SER B 312 -25.12 8.16 40.57
C SER B 312 -24.62 6.98 41.38
N ILE B 313 -23.47 7.13 42.03
CA ILE B 313 -22.95 6.08 42.90
C ILE B 313 -22.87 6.58 44.34
N VAL B 314 -23.51 5.85 45.24
CA VAL B 314 -23.43 6.10 46.67
C VAL B 314 -22.88 4.82 47.29
N ALA B 315 -21.85 4.94 48.12
CA ALA B 315 -21.21 3.78 48.72
C ALA B 315 -20.78 4.12 50.15
N GLN B 316 -20.87 3.12 51.03
CA GLN B 316 -20.45 3.27 52.41
C GLN B 316 -19.79 1.99 52.92
N VAL B 317 -18.86 2.17 53.85
CA VAL B 317 -18.29 1.05 54.60
C VAL B 317 -19.19 0.90 55.81
N ASP B 318 -19.83 -0.27 55.94
CA ASP B 318 -20.83 -0.46 57.00
C ASP B 318 -20.22 -0.36 58.40
N GLN B 319 -19.00 -0.87 58.55
CA GLN B 319 -18.29 -0.86 59.84
C GLN B 319 -17.95 0.52 60.36
N THR B 320 -17.51 1.41 59.47
CA THR B 320 -17.10 2.76 59.86
C THR B 320 -18.21 3.80 59.67
N GLY B 321 -19.16 3.50 58.79
CA GLY B 321 -20.19 4.46 58.42
C GLY B 321 -19.75 5.58 57.48
N SER B 322 -18.46 5.61 57.14
CA SER B 322 -17.94 6.63 56.21
C SER B 322 -18.46 6.41 54.79
N LYS B 323 -18.93 7.48 54.16
CA LYS B 323 -19.62 7.40 52.87
C LYS B 323 -19.01 8.26 51.76
N SER B 324 -19.32 7.90 50.52
CA SER B 324 -18.91 8.64 49.33
C SER B 324 -20.08 8.67 48.36
N SER B 325 -20.38 9.86 47.84
CA SER B 325 -21.48 10.08 46.90
C SER B 325 -20.95 10.72 45.63
N ASN B 326 -21.33 10.19 44.47
CA ASN B 326 -20.66 10.52 43.20
C ASN B 326 -21.61 10.60 42.01
N LEU B 327 -21.39 11.61 41.16
CA LEU B 327 -22.19 11.82 39.97
C LEU B 327 -21.28 11.81 38.77
N LEU B 328 -21.59 10.99 37.77
CA LEU B 328 -20.77 10.92 36.57
C LEU B 328 -21.63 11.05 35.30
N ASP B 329 -21.00 11.53 34.23
N ASP B 329 -21.03 11.54 34.22
CA ASP B 329 -21.65 11.69 32.94
CA ASP B 329 -21.75 11.64 32.97
C ASP B 329 -21.07 10.65 31.98
C ASP B 329 -21.14 10.69 31.95
N LEU B 330 -21.82 9.57 31.72
CA LEU B 330 -21.36 8.55 30.78
C LEU B 330 -21.21 9.04 29.32
N LYS B 331 -21.90 10.13 28.97
CA LYS B 331 -21.79 10.71 27.64
C LYS B 331 -20.40 11.31 27.38
N ASN B 332 -19.69 11.61 28.46
CA ASN B 332 -18.40 12.29 28.37
C ASN B 332 -17.26 11.53 29.04
N PRO B 333 -16.96 10.29 28.56
CA PRO B 333 -15.93 9.50 29.21
C PRO B 333 -14.54 10.05 28.94
N PHE B 334 -13.61 9.81 29.86
CA PHE B 334 -12.21 10.06 29.59
C PHE B 334 -11.54 8.81 29.02
N PHE B 335 -11.11 8.89 27.75
CA PHE B 335 -10.42 7.78 27.11
CA PHE B 335 -10.42 7.77 27.12
C PHE B 335 -8.93 7.84 27.49
N ARG B 336 -8.54 7.00 28.44
CA ARG B 336 -7.19 7.02 29.01
C ARG B 336 -6.24 6.02 28.33
N TYR B 337 -6.80 5.01 27.67
CA TYR B 337 -5.99 3.95 27.06
C TYR B 337 -4.94 4.51 26.09
N THR B 338 -3.66 4.28 26.40
CA THR B 338 -2.55 4.83 25.61
C THR B 338 -1.61 3.73 25.13
N GLU C 4 6.32 -27.07 -27.86
CA GLU C 4 6.71 -27.22 -29.29
C GLU C 4 7.92 -26.35 -29.60
N SER C 5 7.68 -25.08 -29.93
CA SER C 5 8.73 -24.08 -30.10
C SER C 5 9.33 -23.69 -28.75
N SER C 6 8.55 -23.95 -27.69
CA SER C 6 8.98 -23.70 -26.31
C SER C 6 10.15 -24.62 -25.93
N ALA C 7 10.14 -25.84 -26.45
CA ALA C 7 11.22 -26.81 -26.21
C ALA C 7 12.54 -26.35 -26.84
N VAL C 8 12.46 -25.69 -27.99
CA VAL C 8 13.64 -25.14 -28.65
C VAL C 8 14.36 -24.16 -27.71
N GLN C 9 13.61 -23.18 -27.21
CA GLN C 9 14.12 -22.19 -26.24
C GLN C 9 14.71 -22.84 -24.96
N TYR C 10 13.99 -23.81 -24.39
CA TYR C 10 14.47 -24.56 -23.24
C TYR C 10 15.86 -25.17 -23.45
N PHE C 11 16.05 -25.87 -24.56
CA PHE C 11 17.34 -26.51 -24.85
C PHE C 11 18.43 -25.52 -25.27
N GLN C 12 18.05 -24.45 -25.94
CA GLN C 12 18.99 -23.39 -26.29
C GLN C 12 19.64 -22.80 -25.04
N PHE C 13 18.82 -22.43 -24.07
CA PHE C 13 19.26 -21.91 -22.77
C PHE C 13 20.43 -22.72 -22.20
N TYR C 14 20.26 -24.04 -22.16
CA TYR C 14 21.25 -24.95 -21.61
C TYR C 14 22.48 -25.18 -22.50
N GLY C 15 22.45 -24.66 -23.72
CA GLY C 15 23.57 -24.79 -24.65
C GLY C 15 24.69 -23.80 -24.35
N TYR C 16 24.38 -22.82 -23.50
CA TYR C 16 25.35 -21.80 -23.12
C TYR C 16 26.28 -22.26 -22.02
N LEU C 17 27.58 -22.10 -22.25
CA LEU C 17 28.59 -22.44 -21.24
C LEU C 17 28.40 -21.61 -19.97
N SER C 18 28.11 -20.32 -20.14
CA SER C 18 27.83 -19.42 -19.01
C SER C 18 26.76 -19.94 -18.06
N GLN C 19 25.75 -20.62 -18.61
CA GLN C 19 24.67 -21.19 -17.80
C GLN C 19 25.13 -22.43 -17.04
N GLN C 20 25.93 -23.26 -17.72
CA GLN C 20 26.47 -24.46 -17.08
CA GLN C 20 26.54 -24.45 -17.12
C GLN C 20 27.46 -24.08 -15.97
N GLN C 21 28.13 -22.95 -16.13
CA GLN C 21 29.03 -22.45 -15.10
C GLN C 21 28.28 -22.06 -13.83
N ASN C 22 27.18 -21.31 -14.00
CA ASN C 22 26.32 -20.90 -12.89
CA ASN C 22 26.38 -20.90 -12.85
C ASN C 22 25.84 -22.10 -12.06
N MET C 23 25.50 -23.17 -12.76
CA MET C 23 25.05 -24.40 -12.10
C MET C 23 26.18 -25.10 -11.36
N MET C 24 27.32 -25.21 -12.02
CA MET C 24 28.49 -25.84 -11.42
C MET C 24 28.97 -25.11 -10.17
N GLN C 25 28.90 -23.78 -10.20
CA GLN C 25 29.32 -22.93 -9.09
C GLN C 25 28.33 -22.90 -7.92
N ASP C 26 27.23 -23.63 -8.04
CA ASP C 26 26.41 -23.89 -6.87
C ASP C 26 27.12 -25.02 -6.13
N TYR C 27 27.94 -24.64 -5.15
CA TYR C 27 28.82 -25.60 -4.45
C TYR C 27 28.06 -26.61 -3.60
N VAL C 28 26.92 -26.19 -3.03
CA VAL C 28 26.05 -27.11 -2.29
C VAL C 28 25.49 -28.18 -3.23
N ARG C 29 24.95 -27.75 -4.38
CA ARG C 29 24.45 -28.66 -5.40
C ARG C 29 25.54 -29.64 -5.86
N THR C 30 26.58 -29.08 -6.49
CA THR C 30 27.66 -29.88 -7.08
C THR C 30 28.35 -30.77 -6.03
N GLY C 31 28.64 -30.18 -4.87
CA GLY C 31 29.33 -30.90 -3.79
C GLY C 31 28.52 -32.05 -3.21
N THR C 32 27.21 -31.83 -3.04
CA THR C 32 26.31 -32.86 -2.48
C THR C 32 26.11 -33.99 -3.48
N TYR C 33 25.97 -33.66 -4.77
CA TYR C 33 25.94 -34.69 -5.81
C TYR C 33 27.20 -35.57 -5.79
N GLN C 34 28.37 -34.95 -5.76
CA GLN C 34 29.62 -35.71 -5.69
C GLN C 34 29.64 -36.65 -4.47
N ARG C 35 29.21 -36.11 -3.31
N ARG C 35 29.24 -36.11 -3.31
CA ARG C 35 29.16 -36.85 -2.07
CA ARG C 35 29.16 -36.89 -2.08
C ARG C 35 28.17 -38.02 -2.14
C ARG C 35 28.20 -38.06 -2.23
N ALA C 36 26.99 -37.79 -2.73
CA ALA C 36 25.99 -38.85 -2.92
C ALA C 36 26.55 -40.02 -3.74
N ILE C 37 27.29 -39.70 -4.80
CA ILE C 37 27.86 -40.69 -5.70
C ILE C 37 29.08 -41.42 -5.10
N LEU C 38 30.12 -40.67 -4.76
CA LEU C 38 31.36 -41.25 -4.22
C LEU C 38 31.17 -42.03 -2.90
N GLN C 39 30.30 -41.53 -2.01
CA GLN C 39 30.09 -42.22 -0.73
C GLN C 39 29.26 -43.49 -0.91
N ASN C 40 28.51 -43.55 -1.99
CA ASN C 40 27.82 -44.77 -2.43
C ASN C 40 28.51 -45.42 -3.63
N HIS C 41 29.83 -45.57 -3.52
CA HIS C 41 30.65 -46.12 -4.62
C HIS C 41 30.27 -47.54 -5.00
N THR C 42 29.74 -48.31 -4.05
CA THR C 42 29.35 -49.70 -4.32
C THR C 42 28.18 -49.78 -5.30
N ASP C 43 27.38 -48.71 -5.37
CA ASP C 43 26.28 -48.61 -6.33
C ASP C 43 26.80 -48.18 -7.71
N PHE C 44 28.10 -47.97 -7.83
CA PHE C 44 28.69 -47.55 -9.10
C PHE C 44 29.81 -48.45 -9.63
N LYS C 45 30.54 -49.11 -8.72
CA LYS C 45 31.69 -49.94 -9.13
C LYS C 45 31.29 -51.04 -10.12
N ASP C 46 31.90 -51.00 -11.31
CA ASP C 46 31.65 -51.95 -12.41
C ASP C 46 30.23 -51.90 -12.97
N LYS C 47 29.50 -50.82 -12.67
CA LYS C 47 28.10 -50.70 -13.04
C LYS C 47 27.92 -50.00 -14.38
N ILE C 48 26.75 -50.21 -14.99
CA ILE C 48 26.35 -49.50 -16.19
C ILE C 48 25.40 -48.40 -15.73
N VAL C 49 25.69 -47.18 -16.17
CA VAL C 49 25.06 -45.98 -15.63
C VAL C 49 24.44 -45.18 -16.76
N LEU C 50 23.26 -44.61 -16.51
CA LEU C 50 22.69 -43.61 -17.38
C LEU C 50 22.66 -42.24 -16.69
N ASP C 51 23.16 -41.21 -17.37
CA ASP C 51 23.08 -39.83 -16.88
C ASP C 51 22.10 -39.06 -17.77
N VAL C 52 20.94 -38.71 -17.21
CA VAL C 52 19.88 -38.05 -17.98
C VAL C 52 20.05 -36.53 -17.95
N GLY C 53 20.35 -35.95 -19.10
CA GLY C 53 20.60 -34.51 -19.20
C GLY C 53 21.94 -34.16 -18.59
N CYS C 54 23.01 -34.73 -19.16
CA CYS C 54 24.33 -34.65 -18.56
C CYS C 54 24.94 -33.23 -18.53
N GLY C 55 24.42 -32.33 -19.34
CA GLY C 55 24.99 -30.98 -19.43
C GLY C 55 26.48 -31.08 -19.73
N SER C 56 27.30 -30.56 -18.83
CA SER C 56 28.77 -30.53 -18.98
C SER C 56 29.39 -31.90 -18.83
N GLY C 57 28.65 -32.83 -18.25
CA GLY C 57 29.13 -34.18 -18.01
C GLY C 57 29.46 -34.40 -16.55
N ILE C 58 29.39 -33.35 -15.75
CA ILE C 58 29.87 -33.37 -14.37
C ILE C 58 29.44 -34.63 -13.58
N LEU C 59 28.16 -35.01 -13.62
CA LEU C 59 27.72 -36.20 -12.84
C LEU C 59 28.29 -37.50 -13.39
N SER C 60 28.53 -37.55 -14.70
CA SER C 60 29.14 -38.71 -15.33
C SER C 60 30.59 -38.87 -14.87
N PHE C 61 31.30 -37.75 -14.77
CA PHE C 61 32.63 -37.76 -14.20
C PHE C 61 32.63 -38.25 -12.76
N PHE C 62 31.59 -37.89 -11.99
CA PHE C 62 31.47 -38.41 -10.63
C PHE C 62 31.23 -39.93 -10.64
N ALA C 63 30.35 -40.42 -11.52
CA ALA C 63 30.12 -41.86 -11.63
C ALA C 63 31.39 -42.63 -12.02
N ALA C 64 32.19 -42.05 -12.93
CA ALA C 64 33.49 -42.64 -13.30
C ALA C 64 34.48 -42.62 -12.13
N GLN C 65 34.58 -41.50 -11.40
CA GLN C 65 35.39 -41.49 -10.18
C GLN C 65 34.99 -42.64 -9.23
N ALA C 66 33.69 -42.94 -9.17
CA ALA C 66 33.19 -44.01 -8.28
C ALA C 66 33.36 -45.42 -8.84
N GLY C 67 33.92 -45.54 -10.05
CA GLY C 67 34.30 -46.84 -10.59
C GLY C 67 33.33 -47.45 -11.61
N ALA C 68 32.45 -46.64 -12.18
CA ALA C 68 31.51 -47.12 -13.19
C ALA C 68 32.24 -47.66 -14.41
N ARG C 69 31.82 -48.85 -14.85
CA ARG C 69 32.35 -49.48 -16.06
C ARG C 69 31.96 -48.70 -17.32
N LYS C 70 30.69 -48.32 -17.41
CA LYS C 70 30.18 -47.66 -18.60
C LYS C 70 29.07 -46.67 -18.23
N ILE C 71 29.18 -45.46 -18.75
CA ILE C 71 28.20 -44.40 -18.46
C ILE C 71 27.64 -43.85 -19.75
N TYR C 72 26.33 -44.01 -19.96
CA TYR C 72 25.69 -43.37 -21.10
C TYR C 72 25.21 -41.99 -20.65
N ALA C 73 25.75 -40.95 -21.27
CA ALA C 73 25.47 -39.59 -20.84
C ALA C 73 24.64 -38.84 -21.90
N VAL C 74 23.34 -38.75 -21.65
CA VAL C 74 22.38 -38.22 -22.65
C VAL C 74 22.13 -36.71 -22.50
N GLU C 75 22.29 -35.96 -23.57
CA GLU C 75 22.12 -34.50 -23.51
C GLU C 75 21.49 -33.99 -24.80
N ALA C 76 20.38 -33.27 -24.68
CA ALA C 76 19.60 -32.86 -25.85
C ALA C 76 20.06 -31.48 -26.40
N SER C 77 20.71 -30.67 -25.58
CA SER C 77 21.21 -29.37 -26.05
C SER C 77 22.59 -29.54 -26.70
N THR C 78 23.11 -28.46 -27.30
CA THR C 78 24.42 -28.49 -27.94
C THR C 78 25.57 -28.55 -26.91
N MET C 79 25.23 -28.50 -25.63
CA MET C 79 26.18 -28.77 -24.56
C MET C 79 26.78 -30.17 -24.71
N ALA C 80 26.09 -31.02 -25.48
CA ALA C 80 26.57 -32.38 -25.73
C ALA C 80 27.99 -32.41 -26.30
N GLN C 81 28.29 -31.48 -27.20
CA GLN C 81 29.57 -31.42 -27.88
C GLN C 81 30.69 -31.05 -26.89
N HIS C 82 30.41 -30.07 -26.03
CA HIS C 82 31.33 -29.64 -24.99
C HIS C 82 31.62 -30.77 -24.00
N ALA C 83 30.57 -31.50 -23.60
CA ALA C 83 30.76 -32.67 -22.74
C ALA C 83 31.72 -33.68 -23.37
N GLU C 84 31.59 -33.89 -24.68
CA GLU C 84 32.47 -34.80 -25.41
C GLU C 84 33.92 -34.32 -25.38
N VAL C 85 34.12 -33.02 -25.53
CA VAL C 85 35.44 -32.41 -25.41
C VAL C 85 36.07 -32.75 -24.04
N LEU C 86 35.32 -32.51 -22.97
CA LEU C 86 35.77 -32.85 -21.63
C LEU C 86 36.03 -34.35 -21.44
N VAL C 87 35.23 -35.21 -22.07
CA VAL C 87 35.45 -36.65 -21.96
C VAL C 87 36.81 -37.02 -22.58
N LYS C 88 37.11 -36.42 -23.72
CA LYS C 88 38.39 -36.69 -24.38
C LYS C 88 39.57 -36.10 -23.63
N SER C 89 39.45 -34.85 -23.17
CA SER C 89 40.54 -34.21 -22.46
C SER C 89 40.82 -34.85 -21.10
N ASN C 90 39.81 -35.47 -20.50
CA ASN C 90 40.00 -36.19 -19.24
C ASN C 90 40.29 -37.67 -19.44
N ASN C 91 40.56 -38.07 -20.69
CA ASN C 91 40.93 -39.45 -21.02
C ASN C 91 39.97 -40.50 -20.50
N LEU C 92 38.68 -40.25 -20.67
CA LEU C 92 37.67 -41.18 -20.17
C LEU C 92 36.79 -41.75 -21.28
N THR C 93 37.33 -41.88 -22.48
N THR C 93 37.36 -41.89 -22.47
CA THR C 93 36.50 -42.32 -23.60
CA THR C 93 36.63 -42.34 -23.66
C THR C 93 36.15 -43.80 -23.57
C THR C 93 36.17 -43.79 -23.56
N ASP C 94 36.86 -44.58 -22.76
CA ASP C 94 36.52 -45.98 -22.58
C ASP C 94 35.43 -46.18 -21.52
N ARG C 95 35.02 -45.09 -20.88
CA ARG C 95 34.07 -45.19 -19.77
C ARG C 95 32.81 -44.32 -19.86
N ILE C 96 32.95 -43.11 -20.37
CA ILE C 96 31.80 -42.22 -20.56
C ILE C 96 31.47 -42.12 -22.04
N VAL C 97 30.21 -42.42 -22.37
CA VAL C 97 29.73 -42.37 -23.75
C VAL C 97 28.64 -41.33 -23.85
N VAL C 98 28.96 -40.19 -24.46
CA VAL C 98 27.97 -39.13 -24.64
C VAL C 98 27.01 -39.57 -25.77
N ILE C 99 25.71 -39.44 -25.53
CA ILE C 99 24.69 -39.73 -26.54
C ILE C 99 23.84 -38.48 -26.71
N PRO C 100 24.12 -37.68 -27.76
CA PRO C 100 23.35 -36.46 -27.97
C PRO C 100 21.90 -36.79 -28.37
N GLY C 101 20.96 -36.02 -27.84
CA GLY C 101 19.54 -36.22 -28.13
C GLY C 101 18.71 -36.27 -26.87
N LYS C 102 17.40 -36.45 -27.04
CA LYS C 102 16.46 -36.46 -25.94
C LYS C 102 16.34 -37.87 -25.37
N VAL C 103 16.31 -38.00 -24.05
CA VAL C 103 16.33 -39.33 -23.43
C VAL C 103 15.13 -40.18 -23.83
N GLU C 104 14.04 -39.52 -24.21
CA GLU C 104 12.81 -40.20 -24.62
C GLU C 104 12.78 -40.57 -26.12
N GLU C 105 13.86 -40.24 -26.83
CA GLU C 105 13.97 -40.54 -28.26
C GLU C 105 15.18 -41.43 -28.61
N VAL C 106 16.29 -41.29 -27.89
CA VAL C 106 17.53 -41.96 -28.28
C VAL C 106 17.54 -43.45 -27.95
N SER C 107 18.40 -44.19 -28.64
CA SER C 107 18.56 -45.62 -28.38
C SER C 107 19.78 -45.86 -27.50
N LEU C 108 19.64 -46.80 -26.58
CA LEU C 108 20.78 -47.25 -25.78
C LEU C 108 21.00 -48.73 -26.07
N PRO C 109 22.27 -49.15 -26.23
CA PRO C 109 22.52 -50.54 -26.61
C PRO C 109 22.24 -51.50 -25.46
N GLU C 110 21.92 -50.96 -24.29
CA GLU C 110 21.99 -51.72 -23.06
C GLU C 110 21.03 -51.16 -22.01
N GLN C 111 20.51 -52.05 -21.16
CA GLN C 111 19.83 -51.63 -19.93
C GLN C 111 20.89 -51.23 -18.88
N VAL C 112 20.52 -50.36 -17.94
CA VAL C 112 21.45 -49.82 -16.96
C VAL C 112 21.12 -50.22 -15.51
N ASP C 113 22.15 -50.24 -14.67
CA ASP C 113 22.02 -50.58 -13.24
C ASP C 113 21.50 -49.42 -12.39
N ILE C 114 21.73 -48.19 -12.86
CA ILE C 114 21.43 -46.99 -12.07
C ILE C 114 21.30 -45.81 -13.02
N ILE C 115 20.33 -44.93 -12.74
CA ILE C 115 20.21 -43.66 -13.44
C ILE C 115 20.56 -42.53 -12.48
N ILE C 116 21.27 -41.53 -12.99
CA ILE C 116 21.60 -40.34 -12.22
C ILE C 116 21.14 -39.13 -13.03
N SER C 117 20.77 -38.06 -12.34
CA SER C 117 20.31 -36.86 -13.01
C SER C 117 20.14 -35.72 -12.02
N GLU C 118 20.12 -34.50 -12.55
CA GLU C 118 19.63 -33.37 -11.79
C GLU C 118 18.41 -32.78 -12.51
N PRO C 119 17.22 -33.36 -12.26
CA PRO C 119 16.02 -32.92 -12.97
C PRO C 119 15.17 -31.90 -12.22
N MET C 120 15.69 -31.32 -11.14
CA MET C 120 14.91 -30.43 -10.27
C MET C 120 14.95 -28.98 -10.75
N GLY C 121 13.78 -28.35 -10.84
CA GLY C 121 13.72 -26.92 -11.11
C GLY C 121 13.18 -26.22 -9.88
N TYR C 122 12.92 -24.92 -9.98
CA TYR C 122 12.26 -24.18 -8.90
C TYR C 122 11.00 -24.90 -8.44
N MET C 123 10.75 -24.89 -7.12
CA MET C 123 9.61 -25.61 -6.55
C MET C 123 9.62 -27.08 -6.93
N LEU C 124 10.82 -27.61 -7.18
CA LEU C 124 11.05 -29.00 -7.62
C LEU C 124 10.62 -29.29 -9.07
N PHE C 125 9.39 -28.93 -9.40
CA PHE C 125 8.75 -29.35 -10.65
C PHE C 125 9.01 -28.50 -11.89
N ASN C 126 9.32 -27.21 -11.71
CA ASN C 126 9.54 -26.37 -12.88
C ASN C 126 10.51 -27.01 -13.89
N GLU C 127 10.22 -26.82 -15.19
CA GLU C 127 11.00 -27.38 -16.30
C GLU C 127 10.48 -28.75 -16.75
N ARG C 128 9.66 -29.39 -15.92
CA ARG C 128 9.07 -30.71 -16.24
C ARG C 128 10.11 -31.77 -16.61
N MET C 129 11.33 -31.61 -16.07
CA MET C 129 12.38 -32.58 -16.38
C MET C 129 12.21 -33.87 -15.58
N LEU C 130 11.44 -33.83 -14.50
CA LEU C 130 11.17 -35.06 -13.74
C LEU C 130 10.45 -36.10 -14.60
N GLU C 131 9.64 -35.63 -15.55
CA GLU C 131 8.95 -36.55 -16.46
C GLU C 131 9.92 -37.33 -17.35
N SER C 132 10.91 -36.63 -17.92
CA SER C 132 11.96 -37.26 -18.72
C SER C 132 12.79 -38.24 -17.88
N TYR C 133 13.04 -37.87 -16.63
CA TYR C 133 13.80 -38.69 -15.69
C TYR C 133 13.06 -40.00 -15.40
N LEU C 134 11.74 -39.89 -15.19
CA LEU C 134 10.89 -41.06 -14.96
C LEU C 134 10.73 -41.88 -16.24
N HIS C 135 10.65 -41.19 -17.38
CA HIS C 135 10.58 -41.87 -18.69
C HIS C 135 11.79 -42.78 -18.91
N ALA C 136 12.96 -42.32 -18.49
CA ALA C 136 14.21 -43.04 -18.70
C ALA C 136 14.28 -44.38 -17.96
N LYS C 137 13.31 -44.63 -17.07
CA LYS C 137 13.23 -45.91 -16.34
C LYS C 137 12.96 -47.13 -17.22
N LYS C 138 12.55 -46.90 -18.45
CA LYS C 138 12.42 -47.97 -19.45
C LYS C 138 13.77 -48.63 -19.72
N TYR C 139 14.84 -47.91 -19.43
CA TYR C 139 16.20 -48.42 -19.59
C TYR C 139 16.76 -49.03 -18.32
N LEU C 140 16.01 -48.94 -17.23
CA LEU C 140 16.50 -49.35 -15.93
C LEU C 140 16.21 -50.84 -15.68
N LYS C 141 17.26 -51.60 -15.37
CA LYS C 141 17.11 -52.99 -15.01
C LYS C 141 16.21 -53.11 -13.78
N PRO C 142 15.46 -54.23 -13.67
CA PRO C 142 14.65 -54.45 -12.47
C PRO C 142 15.49 -54.27 -11.19
N SER C 143 14.93 -53.57 -10.21
CA SER C 143 15.60 -53.24 -8.93
C SER C 143 16.78 -52.28 -9.06
N GLY C 144 16.87 -51.61 -10.20
CA GLY C 144 17.90 -50.61 -10.45
C GLY C 144 17.65 -49.33 -9.67
N ASN C 145 18.71 -48.61 -9.36
N ASN C 145 18.73 -48.61 -9.40
CA ASN C 145 18.55 -47.46 -8.49
CA ASN C 145 18.71 -47.43 -8.57
C ASN C 145 18.42 -46.17 -9.28
C ASN C 145 18.37 -46.16 -9.35
N MET C 146 17.89 -45.15 -8.62
CA MET C 146 17.76 -43.83 -9.20
CA MET C 146 17.66 -43.82 -9.16
C MET C 146 18.30 -42.83 -8.20
N PHE C 147 19.11 -41.91 -8.72
CA PHE C 147 19.82 -40.90 -7.93
C PHE C 147 19.56 -39.54 -8.56
N PRO C 148 18.65 -38.73 -7.98
CA PRO C 148 17.91 -38.87 -6.71
C PRO C 148 16.84 -39.96 -6.69
N THR C 149 16.58 -40.49 -5.50
CA THR C 149 15.63 -41.58 -5.31
C THR C 149 14.23 -41.04 -5.01
N ILE C 150 14.14 -40.08 -4.09
CA ILE C 150 12.85 -39.45 -3.77
C ILE C 150 12.99 -37.92 -3.73
N GLY C 151 11.86 -37.22 -3.86
CA GLY C 151 11.81 -35.77 -3.70
C GLY C 151 10.67 -35.38 -2.78
N ASP C 152 10.96 -34.52 -1.80
CA ASP C 152 9.96 -33.98 -0.88
C ASP C 152 9.75 -32.50 -1.17
N VAL C 153 8.52 -32.13 -1.47
CA VAL C 153 8.17 -30.72 -1.57
C VAL C 153 7.58 -30.29 -0.23
N HIS C 154 8.05 -29.15 0.28
CA HIS C 154 7.52 -28.57 1.51
C HIS C 154 6.81 -27.26 1.21
N LEU C 155 5.69 -27.03 1.89
CA LEU C 155 4.97 -25.77 1.79
C LEU C 155 4.52 -25.35 3.18
N ALA C 156 4.62 -24.05 3.43
CA ALA C 156 4.25 -23.48 4.72
C ALA C 156 3.72 -22.04 4.53
N PRO C 157 2.70 -21.64 5.31
CA PRO C 157 2.27 -20.24 5.29
C PRO C 157 3.32 -19.29 5.82
N PHE C 158 3.40 -18.11 5.22
CA PHE C 158 4.36 -17.11 5.67
C PHE C 158 3.69 -15.75 5.81
N THR C 159 4.28 -14.92 6.67
CA THR C 159 3.85 -13.54 6.77
C THR C 159 5.01 -12.68 6.30
N ASP C 160 4.74 -11.77 5.36
CA ASP C 160 5.76 -10.85 4.88
C ASP C 160 5.13 -9.60 4.27
N GLU C 161 4.92 -8.62 5.13
CA GLU C 161 4.21 -7.40 4.77
C GLU C 161 4.96 -6.61 3.70
N GLN C 162 6.28 -6.52 3.84
CA GLN C 162 7.11 -5.74 2.90
C GLN C 162 7.06 -6.33 1.49
N LEU C 163 7.15 -7.65 1.39
CA LEU C 163 7.06 -8.31 0.09
C LEU C 163 5.67 -8.10 -0.52
N TYR C 164 4.63 -8.30 0.28
CA TYR C 164 3.28 -8.12 -0.23
C TYR C 164 3.09 -6.70 -0.73
N MET C 165 3.61 -5.72 0.03
CA MET C 165 3.43 -4.31 -0.35
C MET C 165 4.23 -3.89 -1.57
N GLU C 166 5.40 -4.50 -1.78
CA GLU C 166 6.21 -4.25 -2.98
C GLU C 166 5.44 -4.64 -4.23
N GLN C 167 4.85 -5.83 -4.20
CA GLN C 167 4.06 -6.33 -5.33
C GLN C 167 2.74 -5.59 -5.49
N PHE C 168 2.13 -5.22 -4.38
CA PHE C 168 0.86 -4.47 -4.41
C PHE C 168 1.10 -3.08 -4.99
N THR C 169 2.21 -2.47 -4.60
CA THR C 169 2.57 -1.11 -5.04
C THR C 169 2.75 -1.03 -6.56
N LYS C 170 3.37 -2.05 -7.15
CA LYS C 170 3.51 -2.07 -8.60
C LYS C 170 2.19 -2.39 -9.32
N ALA C 171 1.36 -3.27 -8.76
CA ALA C 171 0.00 -3.48 -9.27
C ALA C 171 -0.81 -2.19 -9.20
N ASN C 172 -0.57 -1.40 -8.16
CA ASN C 172 -1.29 -0.15 -7.90
C ASN C 172 -0.94 0.97 -8.88
N PHE C 173 0.02 0.72 -9.77
CA PHE C 173 0.30 1.64 -10.89
C PHE C 173 -0.96 1.82 -11.73
N TRP C 174 -1.70 0.74 -11.88
CA TRP C 174 -2.87 0.71 -12.74
C TRP C 174 -4.14 1.19 -12.03
N TYR C 175 -3.96 1.79 -10.86
CA TYR C 175 -5.06 2.36 -10.10
C TYR C 175 -5.01 3.90 -10.14
N GLN C 176 -4.04 4.45 -10.86
CA GLN C 176 -3.93 5.91 -11.13
C GLN C 176 -5.10 6.45 -11.96
N PRO C 177 -5.71 7.55 -11.51
CA PRO C 177 -6.78 8.12 -12.30
C PRO C 177 -6.30 9.18 -13.31
N SER C 178 -5.00 9.49 -13.31
CA SER C 178 -4.47 10.57 -14.15
C SER C 178 -2.98 10.44 -14.46
N PHE C 179 -2.60 9.27 -14.98
CA PHE C 179 -1.24 9.04 -15.48
C PHE C 179 -1.06 9.86 -16.77
N HIS C 180 -0.29 10.95 -16.68
CA HIS C 180 -0.18 11.91 -17.79
C HIS C 180 -1.57 12.31 -18.31
N GLY C 181 -2.48 12.57 -17.37
CA GLY C 181 -3.87 12.87 -17.71
C GLY C 181 -4.73 11.71 -18.19
N VAL C 182 -4.31 10.47 -17.90
CA VAL C 182 -5.04 9.30 -18.39
C VAL C 182 -5.51 8.41 -17.23
N ASP C 183 -6.80 8.08 -17.21
CA ASP C 183 -7.37 7.24 -16.17
C ASP C 183 -7.06 5.77 -16.47
N LEU C 184 -6.21 5.17 -15.65
CA LEU C 184 -5.81 3.77 -15.84
C LEU C 184 -6.65 2.82 -15.00
N SER C 185 -7.37 3.37 -14.01
CA SER C 185 -8.00 2.60 -12.95
C SER C 185 -8.93 1.45 -13.37
N ALA C 186 -9.50 1.54 -14.58
CA ALA C 186 -10.31 0.43 -15.10
C ALA C 186 -9.54 -0.89 -15.21
N LEU C 187 -8.20 -0.81 -15.20
CA LEU C 187 -7.34 -2.00 -15.33
C LEU C 187 -6.72 -2.45 -14.00
N ARG C 188 -7.24 -1.89 -12.91
CA ARG C 188 -6.84 -2.24 -11.54
C ARG C 188 -6.94 -3.76 -11.29
N GLY C 189 -8.12 -4.31 -11.58
CA GLY C 189 -8.38 -5.74 -11.40
C GLY C 189 -7.40 -6.61 -12.18
N ALA C 190 -7.33 -6.37 -13.50
CA ALA C 190 -6.39 -7.10 -14.38
C ALA C 190 -4.95 -7.06 -13.86
N ALA C 191 -4.51 -5.89 -13.38
CA ALA C 191 -3.13 -5.72 -12.90
C ALA C 191 -2.78 -6.54 -11.66
N VAL C 192 -3.73 -6.68 -10.74
CA VAL C 192 -3.51 -7.47 -9.53
C VAL C 192 -3.46 -8.94 -9.90
N ASP C 193 -4.40 -9.38 -10.73
CA ASP C 193 -4.35 -10.72 -11.33
C ASP C 193 -2.95 -11.02 -11.88
N GLU C 194 -2.49 -10.20 -12.81
CA GLU C 194 -1.20 -10.41 -13.46
C GLU C 194 -0.03 -10.43 -12.49
N TYR C 195 0.10 -9.37 -11.69
CA TYR C 195 1.27 -9.23 -10.83
C TYR C 195 1.41 -10.30 -9.77
N PHE C 196 0.29 -10.79 -9.25
CA PHE C 196 0.30 -11.85 -8.24
C PHE C 196 0.39 -13.26 -8.81
N ARG C 197 0.39 -13.35 -10.14
CA ARG C 197 0.61 -14.63 -10.82
C ARG C 197 2.07 -15.08 -10.76
N GLN C 198 2.96 -14.16 -10.43
CA GLN C 198 4.41 -14.41 -10.43
C GLN C 198 4.91 -14.94 -9.08
N PRO C 199 5.37 -16.21 -9.05
CA PRO C 199 6.00 -16.72 -7.84
C PRO C 199 7.29 -15.95 -7.56
N VAL C 200 7.57 -15.69 -6.29
CA VAL C 200 8.73 -14.92 -5.89
C VAL C 200 9.87 -15.86 -5.51
N VAL C 201 10.98 -15.74 -6.24
CA VAL C 201 12.18 -16.56 -5.97
C VAL C 201 13.20 -15.68 -5.26
N ASP C 202 13.47 -16.05 -4.01
CA ASP C 202 14.50 -15.44 -3.18
C ASP C 202 14.53 -16.18 -1.86
N THR C 203 15.36 -15.73 -0.94
CA THR C 203 15.43 -16.40 0.36
C THR C 203 14.81 -15.54 1.45
N PHE C 204 14.59 -16.13 2.62
CA PHE C 204 13.97 -15.41 3.74
C PHE C 204 14.35 -16.03 5.08
N ASP C 205 14.19 -15.24 6.14
CA ASP C 205 14.34 -15.69 7.52
C ASP C 205 13.23 -16.69 7.85
N ILE C 206 13.57 -17.77 8.55
CA ILE C 206 12.57 -18.79 8.86
C ILE C 206 11.51 -18.30 9.86
N ARG C 207 11.77 -17.13 10.46
CA ARG C 207 10.85 -16.52 11.41
C ARG C 207 9.56 -16.04 10.74
N ILE C 208 9.58 -15.90 9.41
CA ILE C 208 8.37 -15.50 8.69
C ILE C 208 7.38 -16.65 8.53
N LEU C 209 7.82 -17.87 8.84
CA LEU C 209 6.96 -19.06 8.71
C LEU C 209 6.01 -19.17 9.91
N MET C 210 4.72 -19.36 9.62
N MET C 210 4.73 -19.38 9.61
CA MET C 210 3.68 -19.30 10.64
CA MET C 210 3.67 -19.29 10.62
C MET C 210 3.18 -20.65 11.15
C MET C 210 2.97 -20.61 10.96
N ALA C 211 3.44 -21.71 10.39
CA ALA C 211 2.99 -23.07 10.76
C ALA C 211 4.03 -24.10 10.36
N LYS C 212 3.93 -25.30 10.92
CA LYS C 212 4.79 -26.41 10.49
C LYS C 212 4.47 -26.73 9.02
N SER C 213 5.50 -27.03 8.22
CA SER C 213 5.30 -27.31 6.81
C SER C 213 4.60 -28.64 6.56
N VAL C 214 3.83 -28.71 5.48
CA VAL C 214 3.33 -30.01 5.03
CA VAL C 214 3.27 -29.98 4.98
C VAL C 214 4.24 -30.51 3.92
N LYS C 215 4.45 -31.82 3.87
CA LYS C 215 5.32 -32.37 2.84
C LYS C 215 4.62 -33.32 1.89
N TYR C 216 4.92 -33.17 0.61
CA TYR C 216 4.41 -34.03 -0.43
C TYR C 216 5.58 -34.78 -1.07
N THR C 217 5.51 -36.10 -1.06
CA THR C 217 6.62 -36.94 -1.49
C THR C 217 6.35 -37.61 -2.83
N VAL C 218 7.34 -37.56 -3.72
CA VAL C 218 7.35 -38.35 -4.96
C VAL C 218 8.48 -39.36 -4.80
N ASN C 219 8.15 -40.63 -4.97
CA ASN C 219 9.13 -41.70 -4.97
C ASN C 219 9.49 -41.97 -6.42
N PHE C 220 10.71 -41.62 -6.83
CA PHE C 220 11.06 -41.75 -8.24
C PHE C 220 11.17 -43.21 -8.71
N LEU C 221 11.34 -44.13 -7.76
CA LEU C 221 11.34 -45.56 -8.07
C LEU C 221 9.99 -46.09 -8.51
N GLU C 222 8.92 -45.40 -8.09
CA GLU C 222 7.56 -45.90 -8.26
C GLU C 222 6.76 -45.05 -9.23
N ALA C 223 7.03 -43.75 -9.21
CA ALA C 223 6.27 -42.78 -9.98
C ALA C 223 6.30 -43.03 -11.48
N LYS C 224 5.15 -42.87 -12.12
CA LYS C 224 5.03 -42.89 -13.57
C LYS C 224 4.99 -41.46 -14.11
N GLU C 225 5.56 -41.27 -15.29
CA GLU C 225 5.61 -39.96 -15.97
C GLU C 225 4.27 -39.20 -15.95
N GLY C 226 3.18 -39.91 -16.20
CA GLY C 226 1.84 -39.34 -16.19
C GLY C 226 1.31 -38.87 -14.83
N ASP C 227 1.88 -39.42 -13.75
CA ASP C 227 1.57 -38.99 -12.38
C ASP C 227 1.88 -37.51 -12.14
N LEU C 228 2.67 -36.91 -13.00
CA LEU C 228 3.15 -35.54 -12.79
C LEU C 228 2.45 -34.48 -13.64
N HIS C 229 1.50 -34.89 -14.48
CA HIS C 229 0.71 -33.95 -15.27
C HIS C 229 -0.15 -33.07 -14.36
N ARG C 230 -0.62 -33.68 -13.28
CA ARG C 230 -1.56 -33.05 -12.38
C ARG C 230 -1.27 -33.49 -10.95
N ILE C 231 -0.70 -32.58 -10.18
CA ILE C 231 -0.25 -32.86 -8.82
C ILE C 231 -1.15 -32.12 -7.85
N GLU C 232 -1.78 -32.87 -6.96
CA GLU C 232 -2.68 -32.30 -5.98
C GLU C 232 -2.12 -32.47 -4.58
N ILE C 233 -1.86 -31.34 -3.93
CA ILE C 233 -1.35 -31.34 -2.56
C ILE C 233 -2.36 -30.66 -1.63
N PRO C 234 -3.18 -31.46 -0.93
CA PRO C 234 -4.03 -30.90 0.10
C PRO C 234 -3.18 -30.49 1.31
N PHE C 235 -3.67 -29.51 2.07
CA PHE C 235 -2.94 -29.04 3.25
C PHE C 235 -3.90 -28.62 4.35
N LYS C 236 -3.48 -28.81 5.60
CA LYS C 236 -4.19 -28.27 6.75
C LYS C 236 -3.13 -27.87 7.76
N PHE C 237 -2.87 -26.56 7.84
CA PHE C 237 -1.88 -26.04 8.78
C PHE C 237 -2.51 -25.69 10.12
N HIS C 238 -1.75 -25.90 11.18
N HIS C 238 -1.76 -25.94 11.19
CA HIS C 238 -2.16 -25.50 12.51
CA HIS C 238 -2.13 -25.49 12.53
C HIS C 238 -1.31 -24.28 12.89
C HIS C 238 -1.28 -24.26 12.81
N MET C 239 -1.91 -23.10 12.77
CA MET C 239 -1.20 -21.82 12.91
C MET C 239 -0.55 -21.70 14.27
N LEU C 240 0.71 -21.31 14.28
CA LEU C 240 1.49 -21.22 15.52
C LEU C 240 1.68 -19.78 15.96
N HIS C 241 1.40 -18.84 15.07
CA HIS C 241 1.44 -17.42 15.38
C HIS C 241 0.23 -16.73 14.78
N SER C 242 -0.27 -15.72 15.47
CA SER C 242 -1.34 -14.88 14.96
C SER C 242 -0.76 -13.85 13.99
N GLY C 243 -1.52 -13.52 12.95
CA GLY C 243 -1.13 -12.48 12.01
C GLY C 243 -1.65 -12.70 10.62
N LEU C 244 -1.24 -11.83 9.70
CA LEU C 244 -1.65 -11.93 8.31
C LEU C 244 -0.85 -12.99 7.56
N VAL C 245 -1.54 -13.86 6.84
CA VAL C 245 -0.89 -14.87 6.02
C VAL C 245 -0.82 -14.33 4.61
N HIS C 246 0.38 -14.01 4.16
CA HIS C 246 0.55 -13.39 2.84
C HIS C 246 0.66 -14.38 1.69
N GLY C 247 0.82 -15.67 2.02
CA GLY C 247 0.88 -16.72 1.01
C GLY C 247 1.53 -18.00 1.48
N LEU C 248 1.97 -18.82 0.52
CA LEU C 248 2.65 -20.08 0.85
C LEU C 248 4.08 -20.06 0.34
N ALA C 249 5.02 -20.45 1.21
CA ALA C 249 6.41 -20.67 0.86
C ALA C 249 6.65 -22.13 0.47
N PHE C 250 7.46 -22.32 -0.57
CA PHE C 250 7.80 -23.65 -1.08
C PHE C 250 9.31 -23.87 -1.11
N TRP C 251 9.74 -25.06 -0.69
CA TRP C 251 11.09 -25.53 -0.97
C TRP C 251 11.02 -27.04 -1.19
N PHE C 252 12.17 -27.66 -1.44
CA PHE C 252 12.22 -29.10 -1.66
C PHE C 252 13.54 -29.68 -1.22
N ASP C 253 13.49 -30.94 -0.79
CA ASP C 253 14.66 -31.79 -0.61
C ASP C 253 14.56 -32.99 -1.55
N VAL C 254 15.72 -33.53 -1.92
CA VAL C 254 15.81 -34.82 -2.59
C VAL C 254 16.77 -35.70 -1.82
N ALA C 255 16.51 -37.01 -1.82
CA ALA C 255 17.35 -37.96 -1.15
C ALA C 255 17.95 -38.95 -2.15
N PHE C 256 19.23 -39.25 -1.98
CA PHE C 256 19.89 -40.28 -2.78
C PHE C 256 20.01 -41.48 -1.85
N ILE C 257 19.09 -42.43 -2.03
CA ILE C 257 19.07 -43.60 -1.12
C ILE C 257 19.99 -44.69 -1.65
N GLY C 258 21.25 -44.61 -1.22
CA GLY C 258 22.28 -45.55 -1.69
C GLY C 258 22.42 -46.75 -0.76
N SER C 259 23.19 -47.75 -1.20
CA SER C 259 23.48 -48.95 -0.40
C SER C 259 24.35 -48.70 0.84
N ILE C 260 25.10 -47.60 0.83
CA ILE C 260 25.97 -47.27 1.97
C ILE C 260 25.33 -46.20 2.84
N MET C 261 24.87 -45.13 2.20
CA MET C 261 24.31 -43.98 2.89
C MET C 261 23.15 -43.39 2.11
N THR C 262 22.26 -42.72 2.84
CA THR C 262 21.32 -41.80 2.24
C THR C 262 21.90 -40.40 2.34
N VAL C 263 22.01 -39.73 1.21
CA VAL C 263 22.51 -38.37 1.16
C VAL C 263 21.36 -37.43 0.78
N TRP C 264 21.17 -36.39 1.59
CA TRP C 264 20.12 -35.42 1.31
C TRP C 264 20.69 -34.17 0.67
N LEU C 265 20.00 -33.67 -0.35
CA LEU C 265 20.25 -32.33 -0.86
C LEU C 265 19.01 -31.51 -0.53
N SER C 266 19.18 -30.48 0.30
CA SER C 266 18.06 -29.66 0.76
C SER C 266 18.13 -28.22 0.27
N THR C 267 16.97 -27.66 -0.07
CA THR C 267 16.86 -26.25 -0.43
C THR C 267 16.04 -25.49 0.62
N ALA C 268 15.83 -26.13 1.78
CA ALA C 268 15.12 -25.52 2.92
C ALA C 268 15.75 -24.20 3.37
N PRO C 269 14.94 -23.25 3.87
CA PRO C 269 15.50 -21.98 4.35
C PRO C 269 16.30 -22.10 5.64
N THR C 270 16.30 -23.29 6.25
CA THR C 270 17.16 -23.60 7.40
C THR C 270 18.56 -24.04 6.93
N GLU C 271 18.67 -24.38 5.65
CA GLU C 271 19.91 -24.94 5.09
C GLU C 271 20.69 -23.89 4.29
N PRO C 272 21.99 -24.15 4.02
CA PRO C 272 22.75 -23.22 3.17
C PRO C 272 22.04 -22.94 1.85
N LEU C 273 22.15 -21.71 1.36
CA LEU C 273 21.48 -21.29 0.15
C LEU C 273 21.98 -22.06 -1.09
N THR C 274 21.05 -22.37 -1.99
CA THR C 274 21.38 -22.96 -3.30
C THR C 274 20.83 -22.06 -4.40
N HIS C 275 21.20 -22.33 -5.64
CA HIS C 275 20.67 -21.58 -6.79
C HIS C 275 19.14 -21.67 -6.94
N TRP C 276 18.53 -22.66 -6.31
CA TRP C 276 17.08 -22.79 -6.30
C TRP C 276 16.41 -21.77 -5.36
N TYR C 277 17.16 -21.29 -4.38
CA TYR C 277 16.62 -20.43 -3.29
C TYR C 277 15.39 -21.08 -2.66
N GLN C 278 14.33 -20.31 -2.48
CA GLN C 278 13.01 -20.84 -2.12
C GLN C 278 11.98 -20.10 -2.97
N VAL C 279 10.74 -20.59 -2.95
CA VAL C 279 9.68 -20.01 -3.78
C VAL C 279 8.48 -19.62 -2.94
N ARG C 280 8.02 -18.38 -3.09
CA ARG C 280 6.82 -17.94 -2.40
C ARG C 280 5.68 -17.60 -3.36
N CYS C 281 4.51 -18.15 -3.09
CA CYS C 281 3.31 -17.81 -3.84
C CYS C 281 2.44 -16.92 -2.96
N LEU C 282 2.31 -15.64 -3.36
CA LEU C 282 1.53 -14.65 -2.63
C LEU C 282 0.05 -14.76 -2.91
N PHE C 283 -0.77 -14.53 -1.88
CA PHE C 283 -2.20 -14.32 -2.07
C PHE C 283 -2.40 -12.88 -2.53
N GLN C 284 -3.42 -12.64 -3.36
CA GLN C 284 -3.75 -11.30 -3.81
C GLN C 284 -4.18 -10.44 -2.62
N SER C 285 -4.74 -11.10 -1.61
CA SER C 285 -5.10 -10.45 -0.36
C SER C 285 -4.85 -11.40 0.80
N PRO C 286 -4.14 -10.93 1.84
CA PRO C 286 -3.78 -11.81 2.95
C PRO C 286 -4.97 -12.30 3.77
N LEU C 287 -4.78 -13.43 4.45
CA LEU C 287 -5.81 -14.01 5.29
C LEU C 287 -5.37 -13.82 6.73
N PHE C 288 -6.23 -13.23 7.57
CA PHE C 288 -5.86 -13.06 8.96
C PHE C 288 -6.15 -14.36 9.70
N ALA C 289 -5.20 -14.80 10.51
CA ALA C 289 -5.37 -16.01 11.28
C ALA C 289 -4.86 -15.83 12.69
N LYS C 290 -5.54 -16.47 13.64
CA LYS C 290 -5.07 -16.52 15.03
C LYS C 290 -4.28 -17.79 15.24
N ALA C 291 -3.28 -17.74 16.12
CA ALA C 291 -2.59 -18.92 16.58
C ALA C 291 -3.64 -19.91 17.08
N GLY C 292 -3.50 -21.18 16.67
CA GLY C 292 -4.48 -22.22 17.00
C GLY C 292 -5.52 -22.42 15.91
N ASP C 293 -5.63 -21.45 15.00
CA ASP C 293 -6.53 -21.57 13.85
C ASP C 293 -5.98 -22.65 12.93
N THR C 294 -6.82 -23.11 12.00
CA THR C 294 -6.34 -24.03 10.99
C THR C 294 -6.55 -23.44 9.61
N LEU C 295 -5.48 -23.46 8.82
CA LEU C 295 -5.54 -22.97 7.46
C LEU C 295 -5.51 -24.16 6.51
N SER C 296 -6.63 -24.41 5.85
CA SER C 296 -6.75 -25.58 4.98
C SER C 296 -7.06 -25.22 3.54
N GLY C 297 -6.78 -26.16 2.63
CA GLY C 297 -7.05 -25.97 1.22
C GLY C 297 -6.25 -26.94 0.37
N THR C 298 -5.98 -26.53 -0.87
CA THR C 298 -5.29 -27.40 -1.81
C THR C 298 -4.38 -26.61 -2.73
N CYS C 299 -3.19 -27.18 -2.97
CA CYS C 299 -2.29 -26.68 -3.98
CA CYS C 299 -2.26 -26.70 -3.98
C CYS C 299 -2.36 -27.62 -5.18
N LEU C 300 -2.75 -27.07 -6.32
CA LEU C 300 -2.90 -27.87 -7.53
C LEU C 300 -1.90 -27.42 -8.58
N LEU C 301 -1.05 -28.35 -9.00
CA LEU C 301 -0.06 -28.08 -10.02
C LEU C 301 -0.42 -28.81 -11.30
N ILE C 302 -0.67 -28.04 -12.36
CA ILE C 302 -1.08 -28.62 -13.63
C ILE C 302 -0.04 -28.30 -14.70
N ALA C 303 0.56 -29.35 -15.24
CA ALA C 303 1.59 -29.25 -16.28
C ALA C 303 1.08 -28.49 -17.50
N ASN C 304 1.85 -27.51 -17.94
CA ASN C 304 1.51 -26.75 -19.15
C ASN C 304 2.47 -27.03 -20.31
N LYS C 305 2.21 -26.37 -21.44
CA LYS C 305 2.99 -26.59 -22.67
C LYS C 305 4.22 -25.69 -22.77
N ARG C 306 4.50 -24.93 -21.71
CA ARG C 306 5.69 -24.09 -21.66
C ARG C 306 6.73 -24.70 -20.69
N GLN C 307 6.80 -26.02 -20.67
CA GLN C 307 7.68 -26.81 -19.80
C GLN C 307 7.59 -26.38 -18.34
N SER C 308 6.38 -26.00 -17.91
CA SER C 308 6.19 -25.58 -16.54
C SER C 308 4.86 -26.07 -15.98
N TYR C 309 4.35 -25.38 -14.95
CA TYR C 309 3.09 -25.71 -14.33
C TYR C 309 2.28 -24.47 -14.05
N ASP C 310 0.98 -24.57 -14.27
N ASP C 310 0.98 -24.55 -14.26
CA ASP C 310 0.03 -23.62 -13.74
CA ASP C 310 0.05 -23.54 -13.76
C ASP C 310 -0.20 -24.02 -12.30
C ASP C 310 -0.38 -23.94 -12.35
N ILE C 311 -0.11 -23.04 -11.40
CA ILE C 311 -0.32 -23.32 -9.98
C ILE C 311 -1.67 -22.77 -9.53
N SER C 312 -2.40 -23.58 -8.80
CA SER C 312 -3.67 -23.17 -8.24
C SER C 312 -3.60 -23.33 -6.73
N ILE C 313 -3.77 -22.23 -6.00
CA ILE C 313 -3.76 -22.29 -4.54
C ILE C 313 -5.10 -21.79 -4.03
N VAL C 314 -5.81 -22.66 -3.33
CA VAL C 314 -7.04 -22.29 -2.65
C VAL C 314 -6.81 -22.57 -1.17
N ALA C 315 -7.03 -21.55 -0.34
CA ALA C 315 -6.79 -21.65 1.09
C ALA C 315 -7.90 -20.93 1.85
N GLN C 316 -8.27 -21.46 3.02
CA GLN C 316 -9.23 -20.79 3.87
C GLN C 316 -8.87 -20.90 5.34
N VAL C 317 -9.23 -19.88 6.10
CA VAL C 317 -9.10 -19.92 7.54
C VAL C 317 -10.40 -20.52 8.05
N ASP C 318 -10.35 -21.77 8.50
CA ASP C 318 -11.56 -22.52 8.84
C ASP C 318 -12.47 -21.80 9.83
N GLN C 319 -11.85 -21.19 10.84
CA GLN C 319 -12.58 -20.54 11.94
C GLN C 319 -13.45 -19.35 11.51
N THR C 320 -13.09 -18.69 10.40
CA THR C 320 -13.79 -17.49 9.97
C THR C 320 -14.38 -17.56 8.58
N GLY C 321 -14.02 -18.60 7.82
CA GLY C 321 -14.47 -18.74 6.44
C GLY C 321 -13.81 -17.77 5.46
N SER C 322 -12.75 -17.09 5.91
CA SER C 322 -11.96 -16.20 5.06
C SER C 322 -11.17 -17.04 4.04
N LYS C 323 -11.33 -16.71 2.75
CA LYS C 323 -10.86 -17.55 1.65
C LYS C 323 -10.00 -16.75 0.66
N SER C 324 -8.97 -17.41 0.13
CA SER C 324 -8.16 -16.88 -0.95
C SER C 324 -7.98 -17.95 -2.03
N SER C 325 -8.21 -17.55 -3.28
CA SER C 325 -7.98 -18.41 -4.45
C SER C 325 -7.01 -17.69 -5.36
N ASN C 326 -6.00 -18.40 -5.84
CA ASN C 326 -4.95 -17.81 -6.63
C ASN C 326 -4.52 -18.72 -7.78
N LEU C 327 -4.10 -18.11 -8.89
CA LEU C 327 -3.59 -18.83 -10.04
C LEU C 327 -2.21 -18.30 -10.40
N LEU C 328 -1.20 -19.18 -10.35
CA LEU C 328 0.17 -18.75 -10.58
C LEU C 328 0.85 -19.45 -11.75
N ASP C 329 1.72 -18.70 -12.40
CA ASP C 329 2.43 -19.11 -13.59
C ASP C 329 3.91 -19.31 -13.22
N LEU C 330 4.26 -20.56 -12.90
CA LEU C 330 5.61 -20.91 -12.49
C LEU C 330 6.69 -20.61 -13.55
N LYS C 331 6.29 -20.61 -14.82
CA LYS C 331 7.22 -20.33 -15.92
C LYS C 331 7.88 -18.95 -15.83
N ASN C 332 7.14 -17.96 -15.33
CA ASN C 332 7.64 -16.59 -15.25
CA ASN C 332 7.66 -16.59 -15.24
C ASN C 332 7.76 -16.08 -13.80
N PRO C 333 8.78 -16.55 -13.06
CA PRO C 333 8.85 -16.10 -11.67
C PRO C 333 9.46 -14.71 -11.55
N PHE C 334 9.29 -14.09 -10.40
CA PHE C 334 9.98 -12.85 -10.10
C PHE C 334 11.21 -13.17 -9.25
N PHE C 335 12.38 -12.98 -9.85
CA PHE C 335 13.66 -13.22 -9.17
C PHE C 335 14.04 -11.99 -8.35
N ARG C 336 13.66 -12.01 -7.07
CA ARG C 336 13.77 -10.85 -6.19
C ARG C 336 15.19 -10.69 -5.64
N TYR C 337 15.86 -11.82 -5.39
CA TYR C 337 17.24 -11.83 -4.92
C TYR C 337 18.16 -11.03 -5.85
N GLU D 4 8.81 -16.33 -37.40
CA GLU D 4 7.41 -16.25 -36.91
C GLU D 4 7.21 -17.01 -35.60
N SER D 5 8.04 -18.03 -35.38
CA SER D 5 8.00 -18.82 -34.15
C SER D 5 8.37 -17.97 -32.92
N SER D 6 9.32 -17.07 -33.10
CA SER D 6 9.76 -16.17 -32.03
C SER D 6 8.98 -14.85 -32.04
N ALA D 7 8.21 -14.62 -33.11
CA ALA D 7 7.29 -13.49 -33.18
C ALA D 7 6.14 -13.68 -32.21
N VAL D 8 5.77 -14.94 -31.99
CA VAL D 8 4.81 -15.35 -30.96
C VAL D 8 5.29 -14.90 -29.57
N GLN D 9 6.55 -15.21 -29.26
CA GLN D 9 7.15 -14.80 -27.99
C GLN D 9 7.26 -13.27 -27.87
N TYR D 10 7.58 -12.59 -28.96
CA TYR D 10 7.64 -11.13 -28.98
C TYR D 10 6.30 -10.51 -28.55
N PHE D 11 5.20 -10.94 -29.18
CA PHE D 11 3.88 -10.42 -28.83
C PHE D 11 3.35 -10.91 -27.48
N GLN D 12 3.75 -12.10 -27.04
CA GLN D 12 3.42 -12.60 -25.69
C GLN D 12 4.04 -11.69 -24.63
N PHE D 13 5.26 -11.24 -24.88
CA PHE D 13 5.98 -10.31 -24.01
C PHE D 13 5.20 -9.00 -23.79
N TYR D 14 4.71 -8.40 -24.87
CA TYR D 14 4.03 -7.11 -24.78
C TYR D 14 2.59 -7.21 -24.29
N GLY D 15 2.10 -8.44 -24.19
CA GLY D 15 0.78 -8.71 -23.60
C GLY D 15 0.68 -8.49 -22.10
N TYR D 16 1.83 -8.44 -21.42
CA TYR D 16 1.88 -8.20 -19.98
C TYR D 16 1.76 -6.72 -19.64
N LEU D 17 0.84 -6.40 -18.75
CA LEU D 17 0.70 -5.04 -18.23
C LEU D 17 2.00 -4.55 -17.58
N SER D 18 2.73 -5.46 -16.94
CA SER D 18 4.01 -5.10 -16.31
C SER D 18 5.04 -4.56 -17.31
N GLN D 19 5.03 -5.10 -18.52
CA GLN D 19 5.97 -4.64 -19.55
C GLN D 19 5.53 -3.32 -20.17
N GLN D 20 4.22 -3.12 -20.32
CA GLN D 20 3.72 -1.82 -20.76
C GLN D 20 4.03 -0.76 -19.71
N GLN D 21 3.82 -1.11 -18.44
CA GLN D 21 4.13 -0.24 -17.32
C GLN D 21 5.61 0.16 -17.30
N ASN D 22 6.48 -0.82 -17.54
CA ASN D 22 7.93 -0.57 -17.62
C ASN D 22 8.27 0.56 -18.59
N MET D 23 7.61 0.60 -19.74
CA MET D 23 7.86 1.64 -20.73
C MET D 23 7.11 2.92 -20.40
N MET D 24 5.86 2.78 -19.93
CA MET D 24 5.08 3.94 -19.50
C MET D 24 5.82 4.75 -18.43
N GLN D 25 6.42 4.05 -17.47
CA GLN D 25 7.11 4.69 -16.32
C GLN D 25 8.45 5.30 -16.68
N ASP D 26 8.97 4.98 -17.86
CA ASP D 26 10.19 5.61 -18.36
C ASP D 26 9.77 7.03 -18.69
N TYR D 27 10.02 7.92 -17.74
CA TYR D 27 9.49 9.28 -17.79
C TYR D 27 10.05 10.11 -18.95
N VAL D 28 11.35 10.00 -19.19
CA VAL D 28 11.98 10.69 -20.33
C VAL D 28 11.29 10.28 -21.64
N ARG D 29 11.03 8.99 -21.81
CA ARG D 29 10.40 8.46 -23.02
C ARG D 29 8.96 8.97 -23.15
N THR D 30 8.15 8.68 -22.14
CA THR D 30 6.72 8.96 -22.17
C THR D 30 6.46 10.46 -22.13
N GLY D 31 7.25 11.15 -21.30
CA GLY D 31 7.12 12.60 -21.15
C GLY D 31 7.52 13.34 -22.42
N THR D 32 8.56 12.87 -23.10
CA THR D 32 9.00 13.48 -24.37
C THR D 32 7.98 13.26 -25.50
N TYR D 33 7.43 12.04 -25.59
CA TYR D 33 6.36 11.75 -26.54
C TYR D 33 5.11 12.61 -26.31
N GLN D 34 4.76 12.82 -25.04
CA GLN D 34 3.64 13.70 -24.73
C GLN D 34 3.94 15.14 -25.16
N ARG D 35 5.15 15.61 -24.84
CA ARG D 35 5.55 16.99 -25.10
C ARG D 35 5.63 17.28 -26.61
N ALA D 36 6.20 16.34 -27.36
CA ALA D 36 6.31 16.46 -28.80
C ALA D 36 4.94 16.62 -29.47
N ILE D 37 3.99 15.78 -29.03
CA ILE D 37 2.63 15.74 -29.56
C ILE D 37 1.84 17.02 -29.21
N LEU D 38 1.89 17.42 -27.93
CA LEU D 38 1.14 18.60 -27.47
C LEU D 38 1.71 19.94 -27.97
N GLN D 39 3.04 20.08 -27.94
CA GLN D 39 3.68 21.32 -28.38
C GLN D 39 3.52 21.55 -29.89
N ASN D 40 3.20 20.48 -30.62
CA ASN D 40 2.89 20.55 -32.04
C ASN D 40 1.42 20.25 -32.35
N HIS D 41 0.54 20.79 -31.52
CA HIS D 41 -0.91 20.49 -31.54
C HIS D 41 -1.59 20.64 -32.90
N THR D 42 -1.12 21.59 -33.72
CA THR D 42 -1.68 21.81 -35.05
C THR D 42 -1.50 20.63 -35.98
N ASP D 43 -0.42 19.87 -35.79
CA ASP D 43 -0.22 18.64 -36.54
C ASP D 43 -1.28 17.58 -36.18
N PHE D 44 -2.02 17.84 -35.10
CA PHE D 44 -2.99 16.85 -34.60
C PHE D 44 -4.44 17.32 -34.58
N LYS D 45 -4.67 18.62 -34.35
CA LYS D 45 -6.02 19.16 -34.23
C LYS D 45 -6.91 18.73 -35.41
N ASP D 46 -8.00 18.05 -35.09
CA ASP D 46 -8.98 17.53 -36.07
C ASP D 46 -8.38 16.66 -37.18
N LYS D 47 -7.26 16.00 -36.88
CA LYS D 47 -6.57 15.15 -37.84
C LYS D 47 -6.89 13.66 -37.67
N ILE D 48 -6.49 12.88 -38.66
CA ILE D 48 -6.58 11.44 -38.61
C ILE D 48 -5.20 10.90 -38.25
N VAL D 49 -5.15 10.04 -37.23
CA VAL D 49 -3.88 9.56 -36.67
C VAL D 49 -3.85 8.04 -36.65
N LEU D 50 -2.68 7.48 -36.94
CA LEU D 50 -2.44 6.04 -36.74
C LEU D 50 -1.35 5.85 -35.66
N ASP D 51 -1.69 5.05 -34.65
CA ASP D 51 -0.74 4.64 -33.60
C ASP D 51 -0.30 3.21 -33.90
N VAL D 52 0.94 3.06 -34.36
CA VAL D 52 1.45 1.76 -34.72
C VAL D 52 1.98 1.07 -33.48
N GLY D 53 1.29 0.00 -33.09
CA GLY D 53 1.63 -0.73 -31.89
C GLY D 53 1.35 0.08 -30.65
N CYS D 54 0.06 0.32 -30.41
CA CYS D 54 -0.41 1.25 -29.36
C CYS D 54 -0.14 0.80 -27.92
N GLY D 55 0.10 -0.50 -27.72
CA GLY D 55 0.27 -1.05 -26.39
C GLY D 55 -0.91 -0.66 -25.52
N SER D 56 -0.62 -0.03 -24.38
CA SER D 56 -1.64 0.47 -23.46
C SER D 56 -2.59 1.50 -24.10
N GLY D 57 -2.11 2.16 -25.15
CA GLY D 57 -2.89 3.17 -25.86
C GLY D 57 -2.37 4.56 -25.55
N ILE D 58 -1.32 4.63 -24.74
CA ILE D 58 -0.84 5.86 -24.13
C ILE D 58 -0.59 6.97 -25.16
N LEU D 59 0.06 6.64 -26.27
CA LEU D 59 0.38 7.63 -27.30
C LEU D 59 -0.89 8.11 -28.02
N SER D 60 -1.87 7.21 -28.17
CA SER D 60 -3.17 7.56 -28.76
C SER D 60 -3.92 8.57 -27.88
N PHE D 61 -3.86 8.36 -26.56
CA PHE D 61 -4.41 9.32 -25.58
C PHE D 61 -3.75 10.69 -25.68
N PHE D 62 -2.43 10.70 -25.85
CA PHE D 62 -1.72 11.95 -26.11
C PHE D 62 -2.23 12.61 -27.39
N ALA D 63 -2.45 11.80 -28.42
CA ALA D 63 -3.01 12.30 -29.68
C ALA D 63 -4.38 12.96 -29.44
N ALA D 64 -5.23 12.28 -28.68
CA ALA D 64 -6.55 12.81 -28.31
C ALA D 64 -6.45 14.11 -27.52
N GLN D 65 -5.49 14.20 -26.60
CA GLN D 65 -5.20 15.40 -25.82
C GLN D 65 -4.83 16.60 -26.70
N ALA D 66 -4.21 16.32 -27.84
CA ALA D 66 -3.79 17.34 -28.79
C ALA D 66 -4.90 17.72 -29.79
N GLY D 67 -6.01 16.99 -29.74
CA GLY D 67 -7.20 17.36 -30.52
C GLY D 67 -7.52 16.52 -31.75
N ALA D 68 -6.87 15.37 -31.88
CA ALA D 68 -7.10 14.49 -33.03
C ALA D 68 -8.57 14.13 -33.18
N ARG D 69 -9.06 14.13 -34.43
CA ARG D 69 -10.44 13.79 -34.73
C ARG D 69 -10.66 12.27 -34.58
N LYS D 70 -9.80 11.52 -35.26
CA LYS D 70 -9.87 10.06 -35.23
C LYS D 70 -8.47 9.48 -35.08
N ILE D 71 -8.33 8.52 -34.17
CA ILE D 71 -7.06 7.86 -33.92
C ILE D 71 -7.23 6.34 -34.00
N TYR D 72 -6.64 5.73 -35.02
CA TYR D 72 -6.62 4.28 -35.12
C TYR D 72 -5.43 3.75 -34.35
N ALA D 73 -5.69 2.81 -33.46
CA ALA D 73 -4.69 2.27 -32.55
C ALA D 73 -4.53 0.78 -32.76
N VAL D 74 -3.50 0.40 -33.52
CA VAL D 74 -3.29 -1.00 -33.90
C VAL D 74 -2.37 -1.68 -32.89
N GLU D 75 -2.78 -2.84 -32.38
CA GLU D 75 -1.99 -3.59 -31.41
C GLU D 75 -2.11 -5.08 -31.64
N ALA D 76 -0.98 -5.74 -31.85
CA ALA D 76 -0.97 -7.15 -32.20
C ALA D 76 -1.05 -8.10 -31.00
N SER D 77 -0.58 -7.64 -29.84
CA SER D 77 -0.64 -8.44 -28.61
C SER D 77 -2.03 -8.36 -27.98
N THR D 78 -2.28 -9.23 -27.01
CA THR D 78 -3.54 -9.24 -26.26
C THR D 78 -3.77 -7.95 -25.47
N MET D 79 -2.75 -7.09 -25.43
CA MET D 79 -2.83 -5.77 -24.82
C MET D 79 -3.92 -4.91 -25.48
N ALA D 80 -4.27 -5.25 -26.71
CA ALA D 80 -5.31 -4.54 -27.46
C ALA D 80 -6.64 -4.51 -26.71
N GLN D 81 -6.96 -5.62 -26.03
CA GLN D 81 -8.15 -5.72 -25.20
C GLN D 81 -8.08 -4.75 -24.02
N HIS D 82 -6.90 -4.61 -23.41
CA HIS D 82 -6.72 -3.68 -22.29
C HIS D 82 -6.80 -2.22 -22.75
N ALA D 83 -6.22 -1.93 -23.92
CA ALA D 83 -6.31 -0.60 -24.51
C ALA D 83 -7.76 -0.23 -24.80
N GLU D 84 -8.56 -1.22 -25.20
CA GLU D 84 -10.00 -1.04 -25.45
C GLU D 84 -10.75 -0.58 -24.19
N VAL D 85 -10.49 -1.26 -23.08
CA VAL D 85 -11.04 -0.91 -21.77
C VAL D 85 -10.68 0.53 -21.39
N LEU D 86 -9.43 0.92 -21.60
CA LEU D 86 -8.99 2.29 -21.31
C LEU D 86 -9.68 3.34 -22.17
N VAL D 87 -9.87 3.03 -23.45
CA VAL D 87 -10.55 3.93 -24.37
C VAL D 87 -11.98 4.18 -23.89
N LYS D 88 -12.69 3.10 -23.56
CA LYS D 88 -14.04 3.16 -23.00
C LYS D 88 -14.09 3.99 -21.71
N SER D 89 -13.27 3.64 -20.72
CA SER D 89 -13.30 4.31 -19.42
C SER D 89 -12.89 5.77 -19.46
N ASN D 90 -12.14 6.17 -20.47
CA ASN D 90 -11.77 7.58 -20.64
C ASN D 90 -12.68 8.31 -21.62
N ASN D 91 -13.81 7.68 -21.95
CA ASN D 91 -14.83 8.27 -22.84
C ASN D 91 -14.28 8.80 -24.17
N LEU D 92 -13.61 7.92 -24.90
CA LEU D 92 -13.00 8.29 -26.17
C LEU D 92 -13.32 7.29 -27.29
N THR D 93 -14.37 6.50 -27.07
CA THR D 93 -14.81 5.49 -28.04
C THR D 93 -15.16 6.11 -29.39
N ASP D 94 -15.58 7.37 -29.38
CA ASP D 94 -15.86 8.11 -30.62
C ASP D 94 -14.60 8.62 -31.33
N ARG D 95 -13.46 8.61 -30.63
CA ARG D 95 -12.24 9.20 -31.18
C ARG D 95 -11.07 8.23 -31.33
N ILE D 96 -10.98 7.22 -30.45
CA ILE D 96 -9.93 6.22 -30.55
C ILE D 96 -10.49 4.83 -30.85
N VAL D 97 -10.08 4.27 -31.99
CA VAL D 97 -10.53 2.95 -32.41
C VAL D 97 -9.38 1.95 -32.27
N VAL D 98 -9.54 1.02 -31.33
CA VAL D 98 -8.53 -0.01 -31.10
C VAL D 98 -8.72 -1.15 -32.11
N ILE D 99 -7.68 -1.39 -32.90
CA ILE D 99 -7.69 -2.46 -33.90
C ILE D 99 -6.72 -3.58 -33.51
N PRO D 100 -7.24 -4.72 -33.03
CA PRO D 100 -6.38 -5.84 -32.66
C PRO D 100 -5.79 -6.54 -33.89
N GLY D 101 -4.49 -6.81 -33.83
CA GLY D 101 -3.79 -7.44 -34.94
C GLY D 101 -2.58 -6.65 -35.42
N LYS D 102 -1.83 -7.26 -36.33
CA LYS D 102 -0.60 -6.69 -36.86
C LYS D 102 -0.87 -5.57 -37.87
N VAL D 103 0.00 -4.57 -37.86
CA VAL D 103 -0.19 -3.38 -38.70
C VAL D 103 -0.10 -3.70 -40.20
N GLU D 104 0.60 -4.79 -40.54
CA GLU D 104 0.75 -5.21 -41.94
C GLU D 104 -0.33 -6.21 -42.40
N GLU D 105 -1.23 -6.58 -41.48
CA GLU D 105 -2.29 -7.55 -41.79
C GLU D 105 -3.70 -6.96 -41.65
N VAL D 106 -3.89 -6.08 -40.68
CA VAL D 106 -5.20 -5.45 -40.47
C VAL D 106 -5.54 -4.49 -41.61
N SER D 107 -6.84 -4.26 -41.81
CA SER D 107 -7.27 -3.27 -42.79
C SER D 107 -7.60 -1.97 -42.06
N LEU D 108 -6.94 -0.90 -42.46
CA LEU D 108 -7.27 0.41 -41.93
C LEU D 108 -8.31 1.00 -42.86
N PRO D 109 -9.44 1.46 -42.29
CA PRO D 109 -10.53 1.94 -43.13
C PRO D 109 -10.38 3.39 -43.60
N GLU D 110 -9.20 3.98 -43.44
CA GLU D 110 -8.99 5.38 -43.81
C GLU D 110 -7.49 5.72 -43.89
N GLN D 111 -7.12 6.62 -44.80
CA GLN D 111 -5.75 7.13 -44.87
C GLN D 111 -5.56 8.18 -43.78
N VAL D 112 -4.33 8.31 -43.28
CA VAL D 112 -4.07 9.18 -42.12
C VAL D 112 -3.21 10.40 -42.47
N ASP D 113 -3.25 11.41 -41.59
CA ASP D 113 -2.47 12.65 -41.72
C ASP D 113 -1.10 12.52 -41.09
N ILE D 114 -1.01 11.72 -40.03
CA ILE D 114 0.21 11.56 -39.24
C ILE D 114 0.22 10.17 -38.60
N ILE D 115 1.38 9.52 -38.66
CA ILE D 115 1.59 8.25 -37.97
C ILE D 115 2.43 8.51 -36.73
N ILE D 116 1.99 7.96 -35.60
CA ILE D 116 2.79 8.01 -34.37
C ILE D 116 3.15 6.59 -33.96
N SER D 117 4.32 6.44 -33.32
CA SER D 117 4.78 5.14 -32.84
C SER D 117 6.01 5.31 -31.98
N GLU D 118 6.18 4.36 -31.07
CA GLU D 118 7.45 4.19 -30.37
C GLU D 118 7.95 2.78 -30.72
N PRO D 119 8.72 2.68 -31.81
CA PRO D 119 9.17 1.38 -32.27
C PRO D 119 10.68 1.13 -32.06
N MET D 120 11.32 1.95 -31.25
CA MET D 120 12.78 1.84 -31.01
C MET D 120 13.15 0.70 -30.07
N GLY D 121 14.26 0.04 -30.36
CA GLY D 121 14.86 -0.93 -29.44
C GLY D 121 16.30 -0.55 -29.12
N TYR D 122 17.02 -1.47 -28.45
CA TYR D 122 18.45 -1.29 -28.24
C TYR D 122 19.16 -0.98 -29.55
N MET D 123 20.14 -0.10 -29.51
CA MET D 123 20.85 0.34 -30.72
C MET D 123 19.86 0.76 -31.80
N LEU D 124 18.76 1.37 -31.38
CA LEU D 124 17.65 1.81 -32.23
C LEU D 124 16.87 0.66 -32.90
N PHE D 125 17.59 -0.27 -33.53
CA PHE D 125 16.98 -1.24 -34.44
C PHE D 125 16.49 -2.55 -33.81
N ASN D 126 16.96 -2.88 -32.62
CA ASN D 126 16.56 -4.15 -31.98
C ASN D 126 15.04 -4.31 -31.93
N GLU D 127 14.57 -5.54 -32.11
CA GLU D 127 13.13 -5.90 -32.17
C GLU D 127 12.54 -5.75 -33.57
N ARG D 128 13.24 -5.02 -34.44
CA ARG D 128 12.85 -4.84 -35.84
C ARG D 128 11.47 -4.21 -36.04
N MET D 129 10.99 -3.48 -35.03
CA MET D 129 9.68 -2.85 -35.12
C MET D 129 9.66 -1.61 -36.05
N LEU D 130 10.84 -1.02 -36.28
CA LEU D 130 10.94 0.09 -37.25
C LEU D 130 10.49 -0.30 -38.67
N GLU D 131 10.53 -1.61 -38.95
CA GLU D 131 10.08 -2.13 -40.23
C GLU D 131 8.56 -2.06 -40.34
N SER D 132 7.87 -2.36 -39.24
CA SER D 132 6.41 -2.25 -39.17
C SER D 132 6.00 -0.79 -39.25
N TYR D 133 6.77 0.06 -38.59
CA TYR D 133 6.55 1.50 -38.61
C TYR D 133 6.60 2.04 -40.04
N LEU D 134 7.64 1.64 -40.78
CA LEU D 134 7.81 2.11 -42.17
C LEU D 134 6.78 1.51 -43.11
N HIS D 135 6.43 0.24 -42.89
CA HIS D 135 5.39 -0.44 -43.64
C HIS D 135 4.04 0.30 -43.57
N ALA D 136 3.77 0.92 -42.43
CA ALA D 136 2.52 1.62 -42.17
C ALA D 136 2.36 2.89 -43.02
N LYS D 137 3.44 3.30 -43.69
CA LYS D 137 3.38 4.43 -44.61
C LYS D 137 2.45 4.22 -45.80
N LYS D 138 2.05 2.97 -46.04
CA LYS D 138 1.04 2.66 -47.05
C LYS D 138 -0.34 3.23 -46.68
N TYR D 139 -0.47 3.69 -45.44
CA TYR D 139 -1.70 4.33 -44.97
C TYR D 139 -1.54 5.83 -44.83
N LEU D 140 -0.39 6.35 -45.23
CA LEU D 140 -0.10 7.77 -45.04
C LEU D 140 -0.47 8.61 -46.26
N LYS D 141 -1.25 9.67 -46.03
CA LYS D 141 -1.52 10.67 -47.06
C LYS D 141 -0.19 11.26 -47.59
N PRO D 142 -0.15 11.61 -48.89
N PRO D 142 -0.16 11.64 -48.89
CA PRO D 142 1.00 12.33 -49.44
CA PRO D 142 1.04 12.13 -49.56
C PRO D 142 1.23 13.63 -48.67
C PRO D 142 1.79 13.21 -48.78
N SER D 143 2.48 13.89 -48.32
N SER D 143 1.07 14.22 -48.30
CA SER D 143 2.83 15.06 -47.51
CA SER D 143 1.69 15.29 -47.54
C SER D 143 2.59 14.83 -46.01
C SER D 143 1.66 14.99 -46.03
N GLY D 144 1.90 13.73 -45.69
CA GLY D 144 1.71 13.27 -44.29
C GLY D 144 2.99 13.13 -43.49
N ASN D 145 2.87 13.24 -42.17
CA ASN D 145 4.04 13.27 -41.30
C ASN D 145 4.22 12.01 -40.46
N MET D 146 5.39 11.87 -39.85
CA MET D 146 5.67 10.76 -38.94
C MET D 146 6.34 11.24 -37.66
N PHE D 147 5.87 10.68 -36.54
CA PHE D 147 6.30 11.02 -35.20
C PHE D 147 6.73 9.73 -34.49
N PRO D 148 8.05 9.47 -34.37
CA PRO D 148 9.17 10.32 -34.77
C PRO D 148 9.45 10.36 -36.27
N THR D 149 10.09 11.44 -36.70
CA THR D 149 10.36 11.70 -38.10
C THR D 149 11.69 11.09 -38.56
N ILE D 150 12.72 11.26 -37.74
CA ILE D 150 14.05 10.70 -38.05
C ILE D 150 14.62 9.99 -36.83
N GLY D 151 15.57 9.09 -37.07
CA GLY D 151 16.31 8.44 -36.00
C GLY D 151 17.80 8.39 -36.30
N ASP D 152 18.61 8.72 -35.30
CA ASP D 152 20.07 8.66 -35.39
C ASP D 152 20.64 7.60 -34.46
N VAL D 153 21.42 6.67 -35.00
CA VAL D 153 22.25 5.80 -34.15
C VAL D 153 23.61 6.46 -33.97
N HIS D 154 24.08 6.51 -32.73
CA HIS D 154 25.42 7.02 -32.46
C HIS D 154 26.38 5.89 -32.09
N LEU D 155 27.60 5.98 -32.62
CA LEU D 155 28.68 5.04 -32.34
C LEU D 155 29.88 5.84 -31.90
N ALA D 156 30.56 5.36 -30.87
CA ALA D 156 31.78 6.00 -30.33
C ALA D 156 32.70 4.94 -29.75
N PRO D 157 34.03 5.10 -29.94
CA PRO D 157 34.98 4.17 -29.33
C PRO D 157 35.12 4.41 -27.84
N PHE D 158 35.25 3.35 -27.05
CA PHE D 158 35.43 3.52 -25.62
C PHE D 158 36.63 2.75 -25.08
N THR D 159 37.10 3.16 -23.91
CA THR D 159 38.08 2.37 -23.15
C THR D 159 37.45 1.89 -21.85
N ASP D 160 37.58 0.61 -21.54
CA ASP D 160 37.05 0.07 -20.29
C ASP D 160 37.77 -1.22 -19.97
N GLU D 161 38.92 -1.07 -19.30
CA GLU D 161 39.80 -2.15 -18.95
C GLU D 161 39.09 -3.18 -18.07
N GLN D 162 38.30 -2.69 -17.11
CA GLN D 162 37.56 -3.58 -16.20
C GLN D 162 36.55 -4.45 -16.94
N LEU D 163 35.78 -3.83 -17.84
CA LEU D 163 34.80 -4.56 -18.64
C LEU D 163 35.49 -5.66 -19.45
N TYR D 164 36.56 -5.29 -20.15
CA TYR D 164 37.34 -6.23 -20.94
C TYR D 164 37.87 -7.42 -20.13
N MET D 165 38.51 -7.15 -18.99
CA MET D 165 39.11 -8.21 -18.18
C MET D 165 38.07 -9.16 -17.62
N GLU D 166 36.88 -8.61 -17.34
CA GLU D 166 35.74 -9.34 -16.79
C GLU D 166 35.37 -10.59 -17.60
N GLN D 167 35.51 -10.53 -18.92
CA GLN D 167 35.20 -11.67 -19.78
C GLN D 167 36.14 -12.83 -19.49
N PHE D 168 37.42 -12.52 -19.31
CA PHE D 168 38.42 -13.55 -19.02
C PHE D 168 38.31 -14.08 -17.60
N THR D 169 38.03 -13.18 -16.64
CA THR D 169 37.79 -13.58 -15.26
C THR D 169 36.68 -14.64 -15.20
N LYS D 170 35.57 -14.37 -15.90
CA LYS D 170 34.44 -15.28 -15.94
C LYS D 170 34.75 -16.56 -16.68
N ALA D 171 35.40 -16.44 -17.84
CA ALA D 171 35.79 -17.61 -18.62
C ALA D 171 36.82 -18.48 -17.89
N ASN D 172 37.66 -17.86 -17.07
CA ASN D 172 38.73 -18.60 -16.37
C ASN D 172 38.24 -19.58 -15.33
N PHE D 173 36.92 -19.61 -15.10
CA PHE D 173 36.31 -20.62 -14.27
C PHE D 173 36.62 -22.01 -14.84
N TRP D 174 36.62 -22.09 -16.16
CA TRP D 174 36.92 -23.32 -16.87
C TRP D 174 38.40 -23.67 -16.82
N TYR D 175 39.26 -22.68 -16.60
CA TYR D 175 40.69 -22.93 -16.61
C TYR D 175 41.18 -23.47 -15.26
N GLN D 176 40.80 -24.71 -14.96
CA GLN D 176 41.21 -25.37 -13.74
C GLN D 176 41.29 -26.89 -13.92
N PRO D 177 42.36 -27.52 -13.42
CA PRO D 177 42.65 -28.90 -13.78
C PRO D 177 41.93 -29.91 -12.91
N SER D 178 41.33 -29.44 -11.81
CA SER D 178 40.62 -30.35 -10.91
C SER D 178 39.46 -29.67 -10.19
N PHE D 179 38.40 -29.42 -10.96
CA PHE D 179 37.14 -28.96 -10.42
C PHE D 179 36.39 -30.21 -9.99
N HIS D 180 36.31 -30.45 -8.69
CA HIS D 180 35.75 -31.71 -8.20
C HIS D 180 36.31 -32.89 -8.99
N GLY D 181 37.64 -32.89 -9.18
CA GLY D 181 38.33 -33.96 -9.88
C GLY D 181 38.36 -33.90 -11.39
N VAL D 182 37.80 -32.84 -11.97
CA VAL D 182 37.64 -32.77 -13.42
C VAL D 182 38.44 -31.60 -13.99
N ASP D 183 39.27 -31.90 -14.99
CA ASP D 183 39.97 -30.88 -15.78
C ASP D 183 38.98 -30.23 -16.75
N LEU D 184 38.64 -28.98 -16.47
CA LEU D 184 37.68 -28.25 -17.30
C LEU D 184 38.34 -27.34 -18.33
N SER D 185 39.68 -27.34 -18.34
CA SER D 185 40.43 -26.33 -19.09
CA SER D 185 40.49 -26.37 -19.11
C SER D 185 40.22 -26.33 -20.61
N ALA D 186 39.90 -27.49 -21.18
CA ALA D 186 39.64 -27.58 -22.62
C ALA D 186 38.50 -26.68 -23.11
N LEU D 187 37.64 -26.22 -22.21
CA LEU D 187 36.47 -25.42 -22.61
C LEU D 187 36.64 -23.90 -22.48
N ARG D 188 37.79 -23.45 -21.98
CA ARG D 188 38.01 -22.02 -21.64
C ARG D 188 37.91 -21.12 -22.87
N GLY D 189 38.45 -21.58 -24.00
CA GLY D 189 38.41 -20.83 -25.24
C GLY D 189 37.00 -20.61 -25.74
N ALA D 190 36.18 -21.65 -25.63
CA ALA D 190 34.78 -21.56 -26.06
C ALA D 190 34.01 -20.65 -25.12
N ALA D 191 34.37 -20.66 -23.84
CA ALA D 191 33.74 -19.76 -22.87
C ALA D 191 34.07 -18.31 -23.20
N VAL D 192 35.34 -18.02 -23.48
CA VAL D 192 35.73 -16.66 -23.91
C VAL D 192 34.93 -16.23 -25.14
N ASP D 193 34.84 -17.11 -26.14
CA ASP D 193 34.15 -16.77 -27.40
C ASP D 193 32.70 -16.41 -27.15
N GLU D 194 32.06 -17.21 -26.31
CA GLU D 194 30.67 -17.01 -25.95
C GLU D 194 30.40 -15.64 -25.33
N TYR D 195 31.23 -15.23 -24.36
CA TYR D 195 31.03 -13.97 -23.66
C TYR D 195 31.19 -12.78 -24.59
N PHE D 196 32.14 -12.88 -25.52
CA PHE D 196 32.41 -11.81 -26.47
C PHE D 196 31.31 -11.57 -27.51
N ARG D 197 30.46 -12.58 -27.71
N ARG D 197 30.46 -12.58 -27.71
CA ARG D 197 29.34 -12.50 -28.66
CA ARG D 197 29.36 -12.49 -28.68
C ARG D 197 28.16 -11.68 -28.14
C ARG D 197 28.14 -11.74 -28.13
N GLN D 198 28.19 -11.35 -26.86
CA GLN D 198 27.08 -10.65 -26.19
C GLN D 198 27.34 -9.17 -26.08
N PRO D 199 26.48 -8.34 -26.70
CA PRO D 199 26.54 -6.90 -26.45
C PRO D 199 26.25 -6.64 -24.97
N VAL D 200 26.88 -5.62 -24.41
CA VAL D 200 26.72 -5.31 -23.00
C VAL D 200 25.74 -4.15 -22.84
N VAL D 201 24.68 -4.41 -22.10
CA VAL D 201 23.70 -3.38 -21.81
C VAL D 201 23.87 -2.87 -20.38
N ASP D 202 24.27 -1.61 -20.30
CA ASP D 202 24.30 -0.84 -19.07
C ASP D 202 24.69 0.58 -19.44
N THR D 203 24.95 1.42 -18.44
CA THR D 203 25.39 2.77 -18.67
C THR D 203 26.81 2.94 -18.15
N PHE D 204 27.41 4.09 -18.41
CA PHE D 204 28.80 4.31 -18.08
C PHE D 204 29.03 5.80 -17.99
N ASP D 205 30.14 6.18 -17.36
CA ASP D 205 30.60 7.57 -17.35
C ASP D 205 31.08 7.96 -18.74
N ILE D 206 30.77 9.19 -19.15
CA ILE D 206 31.15 9.65 -20.50
C ILE D 206 32.66 9.78 -20.67
N ARG D 207 33.41 9.81 -19.58
CA ARG D 207 34.86 9.86 -19.65
C ARG D 207 35.50 8.63 -20.31
N ILE D 208 34.77 7.52 -20.37
CA ILE D 208 35.28 6.32 -21.05
C ILE D 208 35.32 6.46 -22.59
N LEU D 209 34.67 7.49 -23.14
CA LEU D 209 34.58 7.66 -24.59
C LEU D 209 35.81 8.38 -25.13
N MET D 210 36.32 7.90 -26.25
CA MET D 210 37.66 8.27 -26.76
CA MET D 210 37.65 8.30 -26.74
C MET D 210 37.62 9.19 -27.97
N ALA D 211 36.43 9.36 -28.56
CA ALA D 211 36.24 10.23 -29.72
C ALA D 211 34.78 10.64 -29.77
N LYS D 212 34.51 11.73 -30.49
CA LYS D 212 33.15 12.15 -30.79
C LYS D 212 32.42 11.05 -31.58
N SER D 213 31.13 10.89 -31.29
CA SER D 213 30.31 9.88 -31.95
C SER D 213 30.19 10.14 -33.45
N VAL D 214 29.99 9.06 -34.18
CA VAL D 214 29.58 9.14 -35.58
C VAL D 214 28.10 8.74 -35.60
N LYS D 215 27.28 9.47 -36.34
CA LYS D 215 25.85 9.13 -36.39
C LYS D 215 25.41 8.61 -37.75
N TYR D 216 24.58 7.57 -37.72
CA TYR D 216 23.90 7.07 -38.91
C TYR D 216 22.42 7.47 -38.81
N THR D 217 21.94 8.22 -39.79
CA THR D 217 20.57 8.74 -39.76
C THR D 217 19.64 7.94 -40.64
N VAL D 218 18.46 7.63 -40.11
CA VAL D 218 17.37 7.09 -40.91
C VAL D 218 16.26 8.14 -40.95
N ASN D 219 15.82 8.48 -42.15
CA ASN D 219 14.74 9.43 -42.34
C ASN D 219 13.47 8.62 -42.54
N PHE D 220 12.61 8.59 -41.54
CA PHE D 220 11.43 7.74 -41.59
C PHE D 220 10.43 8.14 -42.67
N LEU D 221 10.44 9.43 -43.04
CA LEU D 221 9.59 9.93 -44.12
C LEU D 221 10.01 9.38 -45.49
N GLU D 222 11.30 9.06 -45.63
CA GLU D 222 11.87 8.61 -46.91
C GLU D 222 12.30 7.15 -46.96
N ALA D 223 12.69 6.59 -45.80
CA ALA D 223 13.23 5.23 -45.74
C ALA D 223 12.22 4.16 -46.15
N LYS D 224 12.72 3.11 -46.80
CA LYS D 224 11.91 1.97 -47.16
C LYS D 224 12.14 0.85 -46.15
N GLU D 225 11.12 0.04 -45.91
CA GLU D 225 11.19 -1.12 -45.01
C GLU D 225 12.48 -1.90 -45.26
N GLY D 226 12.77 -2.16 -46.53
CA GLY D 226 13.97 -2.91 -46.96
C GLY D 226 15.30 -2.33 -46.53
N ASP D 227 15.38 -1.01 -46.41
CA ASP D 227 16.58 -0.33 -45.92
C ASP D 227 17.12 -0.89 -44.60
N LEU D 228 16.25 -1.58 -43.86
CA LEU D 228 16.59 -2.00 -42.50
C LEU D 228 16.98 -3.48 -42.39
N HIS D 229 17.01 -4.18 -43.53
CA HIS D 229 17.39 -5.58 -43.50
C HIS D 229 18.90 -5.74 -43.36
N ARG D 230 19.63 -4.78 -43.91
CA ARG D 230 21.08 -4.74 -43.82
C ARG D 230 21.43 -3.27 -43.70
N ILE D 231 22.13 -2.93 -42.61
CA ILE D 231 22.43 -1.55 -42.31
C ILE D 231 23.94 -1.44 -42.19
N GLU D 232 24.56 -0.83 -43.19
CA GLU D 232 26.01 -0.65 -43.18
C GLU D 232 26.35 0.71 -42.61
N ILE D 233 26.99 0.71 -41.45
CA ILE D 233 27.38 1.96 -40.83
C ILE D 233 28.89 2.13 -40.94
N PRO D 234 29.34 2.96 -41.88
CA PRO D 234 30.76 3.27 -41.95
C PRO D 234 31.11 4.21 -40.81
N PHE D 235 32.30 4.06 -40.25
CA PHE D 235 32.77 5.04 -39.29
C PHE D 235 34.22 5.40 -39.49
N LYS D 236 34.54 6.63 -39.10
CA LYS D 236 35.90 7.10 -39.05
C LYS D 236 35.95 8.02 -37.84
N PHE D 237 36.63 7.58 -36.79
CA PHE D 237 36.74 8.40 -35.59
C PHE D 237 38.02 9.21 -35.58
N HIS D 238 37.87 10.48 -35.23
CA HIS D 238 39.01 11.33 -34.93
C HIS D 238 39.26 11.26 -33.43
N MET D 239 40.28 10.49 -33.05
CA MET D 239 40.54 10.19 -31.66
C MET D 239 40.86 11.46 -30.87
N LEU D 240 40.17 11.63 -29.74
CA LEU D 240 40.34 12.79 -28.89
C LEU D 240 41.22 12.47 -27.69
N HIS D 241 41.45 11.18 -27.46
CA HIS D 241 42.24 10.73 -26.32
C HIS D 241 43.12 9.56 -26.72
N SER D 242 44.31 9.49 -26.13
CA SER D 242 45.23 8.39 -26.41
C SER D 242 44.95 7.24 -25.44
N GLY D 243 45.00 6.00 -25.91
CA GLY D 243 44.73 4.84 -25.04
C GLY D 243 44.30 3.60 -25.79
N LEU D 244 43.99 2.53 -25.05
CA LEU D 244 43.47 1.29 -25.64
C LEU D 244 41.96 1.41 -25.87
N VAL D 245 41.53 1.13 -27.09
CA VAL D 245 40.13 1.13 -27.46
C VAL D 245 39.64 -0.30 -27.31
N HIS D 246 38.68 -0.54 -26.44
CA HIS D 246 38.21 -1.90 -26.19
C HIS D 246 36.96 -2.25 -26.98
N GLY D 247 36.29 -1.23 -27.51
CA GLY D 247 35.08 -1.46 -28.31
C GLY D 247 34.33 -0.22 -28.74
N LEU D 248 33.08 -0.44 -29.17
CA LEU D 248 32.22 0.64 -29.60
C LEU D 248 31.00 0.73 -28.70
N ALA D 249 30.67 1.95 -28.33
CA ALA D 249 29.47 2.25 -27.52
C ALA D 249 28.39 2.75 -28.46
N PHE D 250 27.17 2.28 -28.22
CA PHE D 250 26.03 2.63 -29.07
C PHE D 250 24.93 3.30 -28.28
N TRP D 251 24.44 4.44 -28.78
CA TRP D 251 23.14 4.98 -28.35
C TRP D 251 22.29 5.50 -29.53
N PHE D 252 21.14 6.11 -29.24
CA PHE D 252 20.30 6.71 -30.28
C PHE D 252 19.47 7.93 -29.84
N ASP D 253 19.17 8.79 -30.82
CA ASP D 253 18.19 9.86 -30.67
C ASP D 253 17.10 9.70 -31.71
N VAL D 254 15.90 10.19 -31.43
CA VAL D 254 14.87 10.36 -32.47
C VAL D 254 14.34 11.79 -32.41
N ALA D 255 14.02 12.36 -33.56
CA ALA D 255 13.49 13.73 -33.59
C ALA D 255 12.05 13.74 -34.11
N PHE D 256 11.24 14.57 -33.48
CA PHE D 256 9.85 14.80 -33.90
C PHE D 256 9.83 16.15 -34.57
N ILE D 257 9.80 16.13 -35.90
CA ILE D 257 9.86 17.35 -36.73
C ILE D 257 8.43 17.85 -36.98
N GLY D 258 7.98 18.76 -36.13
CA GLY D 258 6.62 19.29 -36.21
C GLY D 258 6.54 20.63 -36.90
N SER D 259 5.31 21.08 -37.17
CA SER D 259 5.05 22.37 -37.80
C SER D 259 5.51 23.51 -36.92
N ILE D 260 5.29 23.36 -35.61
CA ILE D 260 5.63 24.40 -34.65
C ILE D 260 7.06 24.23 -34.14
N MET D 261 7.44 22.98 -33.85
CA MET D 261 8.63 22.71 -33.06
C MET D 261 9.22 21.32 -33.31
N THR D 262 10.54 21.22 -33.29
CA THR D 262 11.25 19.95 -33.31
C THR D 262 11.61 19.55 -31.88
N VAL D 263 11.17 18.37 -31.47
CA VAL D 263 11.47 17.82 -30.15
C VAL D 263 12.33 16.57 -30.28
N TRP D 264 13.38 16.51 -29.47
CA TRP D 264 14.32 15.40 -29.46
C TRP D 264 14.14 14.48 -28.25
N LEU D 265 14.18 13.18 -28.50
CA LEU D 265 14.30 12.18 -27.43
C LEU D 265 15.65 11.50 -27.58
N SER D 266 16.53 11.69 -26.59
CA SER D 266 17.88 11.09 -26.64
C SER D 266 18.11 10.01 -25.59
N THR D 267 18.83 8.96 -25.98
CA THR D 267 19.27 7.93 -25.02
C THR D 267 20.79 7.99 -24.80
N ALA D 268 21.38 9.15 -25.04
CA ALA D 268 22.82 9.36 -24.91
C ALA D 268 23.28 9.26 -23.45
N PRO D 269 24.54 8.81 -23.23
CA PRO D 269 25.15 8.76 -21.90
C PRO D 269 25.33 10.12 -21.23
N THR D 270 25.17 11.19 -22.00
CA THR D 270 25.21 12.56 -21.48
C THR D 270 23.84 13.02 -20.99
N GLU D 271 22.83 12.19 -21.19
CA GLU D 271 21.44 12.49 -20.84
C GLU D 271 20.97 11.56 -19.72
N PRO D 272 19.89 11.93 -19.00
CA PRO D 272 19.31 11.05 -17.99
C PRO D 272 18.98 9.66 -18.53
N LEU D 273 19.21 8.65 -17.70
CA LEU D 273 19.03 7.26 -18.12
C LEU D 273 17.60 6.96 -18.59
N THR D 274 17.49 6.11 -19.62
CA THR D 274 16.19 5.59 -20.06
C THR D 274 16.21 4.08 -19.88
N HIS D 275 15.10 3.41 -20.18
CA HIS D 275 15.07 1.96 -20.05
C HIS D 275 15.89 1.28 -21.17
N TRP D 276 16.37 2.07 -22.13
CA TRP D 276 17.22 1.54 -23.20
C TRP D 276 18.70 1.50 -22.81
N TYR D 277 19.04 2.17 -21.71
CA TYR D 277 20.44 2.33 -21.29
C TYR D 277 21.33 2.72 -22.46
N GLN D 278 22.50 2.08 -22.55
CA GLN D 278 23.35 2.13 -23.73
C GLN D 278 23.89 0.72 -24.01
N VAL D 279 24.49 0.53 -25.18
CA VAL D 279 24.96 -0.78 -25.58
C VAL D 279 26.44 -0.69 -25.94
N ARG D 280 27.22 -1.65 -25.48
CA ARG D 280 28.63 -1.69 -25.81
C ARG D 280 29.04 -3.00 -26.41
N CYS D 281 29.74 -2.93 -27.53
CA CYS D 281 30.26 -4.12 -28.20
C CYS D 281 31.77 -4.10 -28.11
N LEU D 282 32.34 -5.14 -27.51
CA LEU D 282 33.79 -5.25 -27.38
C LEU D 282 34.44 -5.74 -28.66
N PHE D 283 35.66 -5.27 -28.91
CA PHE D 283 36.56 -5.90 -29.88
C PHE D 283 37.18 -7.13 -29.24
N GLN D 284 37.55 -8.11 -30.05
CA GLN D 284 38.21 -9.31 -29.53
C GLN D 284 39.54 -8.98 -28.85
N SER D 285 40.24 -7.99 -29.38
CA SER D 285 41.45 -7.49 -28.73
C SER D 285 41.57 -5.98 -28.89
N PRO D 286 42.14 -5.31 -27.87
CA PRO D 286 42.19 -3.86 -27.83
C PRO D 286 43.05 -3.24 -28.92
N LEU D 287 42.73 -2.01 -29.30
CA LEU D 287 43.53 -1.27 -30.27
C LEU D 287 44.08 -0.02 -29.64
N PHE D 288 45.40 0.17 -29.69
CA PHE D 288 46.00 1.41 -29.24
C PHE D 288 45.86 2.51 -30.29
N ALA D 289 45.47 3.70 -29.85
CA ALA D 289 45.42 4.86 -30.72
C ALA D 289 45.82 6.14 -29.98
N LYS D 290 46.43 7.07 -30.69
CA LYS D 290 46.81 8.36 -30.15
C LYS D 290 45.70 9.35 -30.46
N ALA D 291 45.50 10.34 -29.57
CA ALA D 291 44.69 11.50 -29.90
C ALA D 291 45.16 12.00 -31.27
N GLY D 292 44.22 12.21 -32.19
CA GLY D 292 44.55 12.68 -33.53
C GLY D 292 44.67 11.59 -34.58
N ASP D 293 44.82 10.33 -34.13
CA ASP D 293 44.74 9.17 -35.00
C ASP D 293 43.31 9.02 -35.49
N THR D 294 43.14 8.35 -36.62
CA THR D 294 41.79 8.01 -37.07
C THR D 294 41.57 6.52 -36.89
N LEU D 295 40.39 6.17 -36.37
CA LEU D 295 39.99 4.78 -36.24
C LEU D 295 38.78 4.58 -37.14
N SER D 296 38.96 3.76 -38.17
CA SER D 296 37.94 3.60 -39.19
C SER D 296 37.56 2.14 -39.36
N GLY D 297 36.37 1.91 -39.89
CA GLY D 297 35.87 0.57 -40.11
C GLY D 297 34.40 0.63 -40.42
N THR D 298 33.69 -0.47 -40.20
N THR D 298 33.70 -0.47 -40.16
CA THR D 298 32.26 -0.54 -40.45
CA THR D 298 32.28 -0.56 -40.46
C THR D 298 31.56 -1.33 -39.36
C THR D 298 31.55 -1.35 -39.39
N CYS D 299 30.35 -0.90 -39.04
CA CYS D 299 29.46 -1.68 -38.23
C CYS D 299 28.38 -2.13 -39.21
N LEU D 300 28.33 -3.43 -39.45
CA LEU D 300 27.32 -4.00 -40.35
C LEU D 300 26.24 -4.75 -39.58
N LEU D 301 25.02 -4.22 -39.64
CA LEU D 301 23.88 -4.84 -38.98
C LEU D 301 23.06 -5.65 -39.98
N ILE D 302 22.94 -6.94 -39.72
CA ILE D 302 22.22 -7.87 -40.58
C ILE D 302 21.04 -8.43 -39.79
N ALA D 303 19.82 -8.09 -40.22
CA ALA D 303 18.61 -8.55 -39.55
C ALA D 303 18.50 -10.07 -39.61
N ASN D 304 17.96 -10.67 -38.56
CA ASN D 304 17.86 -12.11 -38.46
C ASN D 304 16.47 -12.59 -38.07
N LYS D 305 16.30 -13.92 -38.05
CA LYS D 305 15.00 -14.55 -37.80
C LYS D 305 14.41 -14.24 -36.43
N ARG D 306 15.24 -13.77 -35.50
CA ARG D 306 14.85 -13.61 -34.10
C ARG D 306 14.43 -12.18 -33.73
N GLN D 307 13.88 -11.44 -34.70
CA GLN D 307 13.50 -10.03 -34.52
C GLN D 307 14.67 -9.21 -33.97
N SER D 308 15.88 -9.57 -34.39
CA SER D 308 17.07 -8.85 -33.96
C SER D 308 18.09 -8.76 -35.09
N TYR D 309 19.33 -8.45 -34.72
CA TYR D 309 20.40 -8.25 -35.68
C TYR D 309 21.64 -9.01 -35.26
N ASP D 310 22.41 -9.44 -36.26
CA ASP D 310 23.79 -9.87 -36.06
C ASP D 310 24.69 -8.68 -36.34
N ILE D 311 25.61 -8.42 -35.42
CA ILE D 311 26.46 -7.25 -35.47
C ILE D 311 27.86 -7.68 -35.87
N SER D 312 28.34 -7.11 -36.96
CA SER D 312 29.70 -7.39 -37.42
C SER D 312 30.50 -6.10 -37.40
N ILE D 313 31.53 -6.05 -36.58
CA ILE D 313 32.33 -4.85 -36.41
C ILE D 313 33.78 -5.08 -36.84
N VAL D 314 34.29 -4.19 -37.69
CA VAL D 314 35.67 -4.21 -38.13
C VAL D 314 36.21 -2.80 -37.88
N ALA D 315 37.38 -2.72 -37.25
CA ALA D 315 38.01 -1.43 -36.99
C ALA D 315 39.50 -1.53 -37.16
N GLN D 316 40.10 -0.42 -37.59
CA GLN D 316 41.54 -0.34 -37.71
C GLN D 316 42.02 1.07 -37.43
N VAL D 317 43.20 1.16 -36.81
CA VAL D 317 43.84 2.45 -36.62
C VAL D 317 44.59 2.72 -37.91
N ASP D 318 44.16 3.75 -38.63
CA ASP D 318 44.66 3.99 -39.98
C ASP D 318 46.17 4.22 -40.01
N GLN D 319 46.68 4.99 -39.06
CA GLN D 319 48.10 5.39 -39.03
C GLN D 319 49.07 4.28 -38.61
N THR D 320 48.53 3.20 -38.03
CA THR D 320 49.38 2.11 -37.54
C THR D 320 49.04 0.75 -38.14
N GLY D 321 47.85 0.63 -38.71
CA GLY D 321 47.41 -0.63 -39.31
C GLY D 321 46.89 -1.69 -38.34
N SER D 322 46.92 -1.42 -37.04
CA SER D 322 46.37 -2.35 -36.03
C SER D 322 44.88 -2.59 -36.26
N LYS D 323 44.48 -3.86 -36.35
CA LYS D 323 43.14 -4.24 -36.75
C LYS D 323 42.47 -5.12 -35.70
N SER D 324 41.16 -4.97 -35.55
CA SER D 324 40.37 -5.95 -34.80
C SER D 324 38.94 -6.02 -35.34
N SER D 325 38.21 -7.02 -34.84
CA SER D 325 36.84 -7.27 -35.24
C SER D 325 36.06 -7.94 -34.11
N ASN D 326 34.76 -8.10 -34.31
CA ASN D 326 33.95 -8.97 -33.48
C ASN D 326 32.62 -9.23 -34.20
N LEU D 327 32.01 -10.35 -33.85
CA LEU D 327 30.70 -10.71 -34.33
C LEU D 327 29.81 -10.95 -33.11
N LEU D 328 28.74 -10.18 -32.99
CA LEU D 328 27.88 -10.25 -31.80
C LEU D 328 26.42 -10.52 -32.15
N ASP D 329 25.69 -11.09 -31.19
CA ASP D 329 24.27 -11.40 -31.35
C ASP D 329 23.41 -10.52 -30.43
N LEU D 330 22.74 -9.53 -31.04
CA LEU D 330 21.91 -8.57 -30.32
C LEU D 330 20.69 -9.20 -29.63
N LYS D 331 20.31 -10.41 -30.03
CA LYS D 331 19.18 -11.10 -29.43
C LYS D 331 19.51 -11.62 -28.03
N ASN D 332 20.79 -11.71 -27.72
CA ASN D 332 21.25 -12.30 -26.47
C ASN D 332 22.20 -11.37 -25.70
N PRO D 333 21.71 -10.18 -25.30
CA PRO D 333 22.64 -9.22 -24.71
C PRO D 333 22.94 -9.55 -23.26
N PHE D 334 24.08 -9.08 -22.77
CA PHE D 334 24.37 -9.21 -21.36
C PHE D 334 23.92 -7.95 -20.63
N PHE D 335 22.93 -8.11 -19.74
CA PHE D 335 22.41 -7.00 -18.95
C PHE D 335 23.28 -6.85 -17.69
N ARG D 336 24.13 -5.83 -17.70
CA ARG D 336 25.18 -5.66 -16.70
C ARG D 336 24.78 -4.69 -15.58
N TYR D 337 23.87 -3.76 -15.89
CA TYR D 337 23.35 -2.81 -14.91
C TYR D 337 22.62 -3.53 -13.77
C 4IK E . -9.06 32.11 25.66
N 4IK E . -9.41 34.15 24.29
O 4IK E . -7.81 32.12 25.53
N1 4IK E . -19.65 34.79 20.70
C2 4IK E . -19.04 34.71 21.95
N3 4IK E . -18.03 33.77 22.10
C4 4IK E . -17.68 32.97 21.07
C5 4IK E . -18.29 33.06 19.88
C6 4IK E . -19.26 33.96 19.71
N6 4IK E . -19.83 34.00 18.51
N7 4IK E . -17.75 32.16 19.07
C8 4IK E . -16.81 31.51 19.74
N9 4IK E . -16.77 32.02 20.97
CA 4IK E . -9.94 32.80 24.59
CB 4IK E . -10.02 31.97 23.29
NZ 4IK E . -10.36 28.74 20.31
NZ 4IK E . -10.15 30.39 20.19
O3' 4IK E . -14.49 30.11 24.38
O2' 4IK E . -16.84 29.68 23.17
CE 4IK E . -10.14 29.86 21.24
CE 4IK E . -10.23 29.55 21.40
CG 4IK E . -10.85 30.70 23.52
CG 4IK E . -10.81 30.69 23.58
C5' 4IK E . -12.45 30.86 21.50
C5' 4IK E . -12.41 30.87 21.56
O4' 4IK E . -14.57 31.98 21.64
CD 4IK E . -11.33 30.05 22.20
CD 4IK E . -11.37 29.99 22.32
C3' 4IK E . -14.41 30.00 22.94
C2' 4IK E . -15.80 30.11 22.30
C4' 4IK E . -13.62 31.26 22.44
C1' 4IK E . -15.88 31.63 22.09
OXT 4IK E . -9.67 31.60 26.63
C1 GOL F . -18.02 30.67 16.09
O1 GOL F . -17.89 32.10 16.14
C2 GOL F . -19.46 30.33 15.71
O2 GOL F . -19.76 29.02 16.21
C3 GOL F . -19.59 30.33 14.20
O3 GOL F . -19.03 29.10 13.71
UNK UNX G . -19.19 29.45 38.74
UNK UNX H . 6.70 36.96 8.96
UNK UNX I . -0.42 22.63 23.66
UNK UNX J . 8.37 30.52 3.75
UNK UNX K . 11.50 24.00 13.78
UNK UNX L . -17.04 34.16 42.86
UNK UNX M . -6.52 -2.29 -6.40
UNK UNX N . -13.64 23.08 18.19
UNK UNX O . 11.27 26.66 -10.72
UNK UNX P . -15.65 13.17 2.31
C 4IK Q . -22.00 -4.73 13.65
N 4IK Q . -24.43 -4.61 13.36
O 4IK Q . -22.28 -5.52 14.58
N1 4IK Q . -32.60 1.64 14.16
C2 4IK Q . -31.77 1.22 13.13
N3 4IK Q . -30.39 1.20 13.36
C4 4IK Q . -29.92 1.58 14.55
C5 4IK Q . -30.75 1.97 15.52
C6 4IK Q . -32.07 2.00 15.32
N6 4IK Q . -32.86 2.40 16.33
N7 4IK Q . -30.00 2.27 16.57
C8 4IK Q . -28.72 2.07 16.26
N9 4IK Q . -28.67 1.62 15.00
CA 4IK Q . -23.16 -3.92 13.07
CB 4IK Q . -23.13 -2.46 13.63
NZ 4IK Q . -23.34 -1.04 18.11
O3' 4IK Q . -24.84 1.26 12.61
O2' 4IK Q . -26.52 3.28 13.22
CE 4IK Q . -22.63 -0.63 16.88
CG 4IK Q . -23.32 -2.37 15.15
C5' 4IK Q . -24.88 -0.44 15.81
O4' 4IK Q . -26.94 0.15 14.89
CD 4IK Q . -23.41 -0.88 15.58
C3' 4IK Q . -25.11 1.40 14.01
C2' 4IK Q . -26.35 2.27 14.25
C4' 4IK Q . -25.58 -0.01 14.51
C1' 4IK Q . -27.48 1.26 14.19
OXT 4IK Q . -20.86 -4.53 13.18
UNK UNX R . -41.19 4.04 26.52
UNK UNX S . -5.66 -10.26 29.37
UNK UNX T . -37.42 -16.74 0.74
UNK UNX U . -17.55 -19.78 7.86
UNK UNX V . -36.72 -19.20 23.90
UNK UNX W . -25.88 7.20 52.18
UNK UNX X . -17.82 -21.52 14.04
UNK UNX Y . -34.56 8.73 20.11
UNK UNX Z . -32.83 -18.61 24.41
UNK UNX AA . -32.57 4.17 21.39
UNK UNX BA . -30.19 5.25 20.22
UNK UNX CA . -21.19 8.68 19.22
UNK UNX DA . -7.64 -3.12 21.72
UNK UNX EA . -14.58 -22.54 16.98
UNK UNX FA . -26.11 -31.03 17.96
C 4IK GA . 24.80 -30.75 -14.90
N 4IK GA . 23.75 -32.97 -14.76
O 4IK GA . 25.03 -30.74 -13.67
N1 4IK GA . 16.84 -35.34 -22.68
C2 4IK GA . 18.21 -35.08 -22.61
N3 4IK GA . 18.63 -33.95 -21.89
C4 4IK GA . 17.72 -33.15 -21.30
C5 4IK GA . 16.40 -33.44 -21.40
C6 4IK GA . 15.98 -34.52 -22.08
N6 4IK GA . 14.67 -34.72 -22.13
N7 4IK GA . 15.75 -32.49 -20.73
C8 4IK GA . 16.64 -31.63 -20.24
N9 4IK GA . 17.86 -32.03 -20.60
CA 4IK GA . 23.65 -31.66 -15.40
CB 4IK GA . 22.26 -31.03 -15.16
NZ 4IK GA . 19.26 -29.45 -14.15
O3' 4IK GA . 21.50 -29.48 -19.89
O2' 4IK GA . 19.57 -29.49 -21.59
CE 4IK GA . 20.06 -28.56 -15.00
CG 4IK GA . 22.13 -29.75 -15.98
C5' 4IK GA . 19.76 -30.32 -16.88
O4' 4IK GA . 19.29 -31.66 -18.84
CD 4IK GA . 20.68 -29.26 -16.25
C3' 4IK GA . 20.23 -29.55 -19.27
C2' 4IK GA . 19.15 -29.90 -20.29
C4' 4IK GA . 20.24 -30.73 -18.30
C1' 4IK GA . 19.16 -31.40 -20.25
OXT 4IK GA . 25.40 -30.07 -15.76
C1 GOL HA . 9.06 -27.56 8.92
O1 GOL HA . 9.39 -26.84 10.11
C2 GOL HA . 9.98 -28.78 8.83
O2 GOL HA . 10.03 -29.22 7.48
C3 GOL HA . 9.43 -29.90 9.72
O3 GOL HA . 9.97 -31.17 9.32
C1 GOL IA . 12.75 -31.45 -19.88
O1 GOL IA . 12.78 -32.87 -19.73
C2 GOL IA . 12.24 -31.08 -21.27
O2 GOL IA . 11.44 -32.12 -21.83
C3 GOL IA . 11.39 -29.82 -21.13
O3 GOL IA . 10.24 -30.12 -20.33
C1 GOL JA . 7.60 -33.89 -22.27
O1 GOL JA . 7.75 -35.10 -21.51
C2 GOL JA . 7.72 -32.68 -21.33
O2 GOL JA . 8.91 -32.78 -20.54
C3 GOL JA . 7.73 -31.41 -22.16
O3 GOL JA . 7.47 -30.28 -21.31
UNK UNX KA . 9.19 -44.81 -20.15
UNK UNX LA . 14.29 -21.50 -19.66
UNK UNX MA . 8.27 -12.20 -19.73
UNK UNX NA . 15.67 -34.20 5.64
UNK UNX OA . 20.74 -20.10 6.64
UNK UNX PA . 24.55 -20.05 -6.96
UNK UNX QA . 23.75 -19.02 -4.40
UNK UNX RA . 39.37 -45.15 -17.31
UNK UNX SA . 0.22 -32.94 -20.19
C 4IK TA . 4.02 2.93 -25.83
N 4IK TA . 2.92 2.44 -27.98
O 4IK TA . 4.60 3.82 -26.49
N1 4IK TA . 1.52 -4.54 -35.31
C2 4IK TA . 0.78 -4.11 -34.21
N3 4IK TA . 1.47 -3.91 -33.01
C4 4IK TA . 2.79 -4.13 -32.94
C5 4IK TA . 3.48 -4.55 -34.02
C6 4IK TA . 2.84 -4.75 -35.18
N6 4IK TA . 3.59 -5.16 -36.21
N7 4IK TA . 4.76 -4.68 -33.67
C8 4IK TA . 4.88 -4.35 -32.38
N9 4IK TA . 3.66 -4.01 -31.94
CA 4IK TA . 3.18 1.92 -26.64
CB 4IK TA . 3.85 0.53 -26.67
NZ 4IK TA . 8.05 -0.07 -28.29
O3' 4IK TA . 2.72 -3.32 -27.62
O2' 4IK TA . 3.06 -5.51 -29.18
CE 4IK TA . 7.31 -0.81 -27.25
CG 4IK TA . 5.18 0.55 -27.46
C5' 4IK TA . 5.59 -1.52 -28.90
O4' 4IK TA . 3.92 -2.30 -30.44
CD 4IK TA . 5.80 -0.87 -27.52
C3' 4IK TA . 3.97 -3.40 -28.34
C2' 4IK TA . 3.92 -4.39 -29.49
C4' 4IK TA . 4.16 -2.06 -29.04
C1' 4IK TA . 3.30 -3.57 -30.57
OXT 4IK TA . 4.05 2.80 -24.59
C1 GOL UA . 8.39 -6.48 -37.53
O1 GOL UA . 9.62 -6.70 -38.23
C2 GOL UA . 8.28 -7.35 -36.28
O2 GOL UA . 9.39 -7.15 -35.41
C3 GOL UA . 7.01 -6.99 -35.52
O3 GOL UA . 7.15 -5.68 -34.97
UNK UNX VA . 27.43 14.75 -30.63
UNK UNX WA . 27.63 7.82 -14.49
UNK UNX XA . 10.97 -11.14 -26.19
UNK UNX YA . 13.43 3.01 -16.62
UNK UNX ZA . 24.19 12.26 -16.79
UNK UNX AB . 41.51 9.67 -21.00
#